data_3R5A
#
_entry.id   3R5A
#
_cell.length_a   83.343
_cell.length_b   101.931
_cell.length_c   135.686
_cell.angle_alpha   90.00
_cell.angle_beta   89.97
_cell.angle_gamma   90.00
#
_symmetry.space_group_name_H-M   'P 1 21 1'
#
loop_
_entity.id
_entity.type
_entity.pdbx_description
1 polymer 'Tetrahydrodipicolinate N-succinyletransferase'
2 non-polymer '(2R)-2-aminoheptanedioic acid'
3 non-polymer GLYCEROL
4 water water
#
_entity_poly.entity_id   1
_entity_poly.type   'polypeptide(L)'
_entity_poly.pdbx_seq_one_letter_code
;GSHMSQSLFSLAFGVGTQNRQEAWLEVFYALPLLKPSSEIVAAVAPILGYAAGNQALTFTSQQAYQLADALKGIDAAQSA
LLSRLAESQKPLVATLLAEDAAPSSTAEAYLKLHLLSHRLVKPHAVNLSGIFPLLPNVAWTNIGAVDLAELAELQLEARL
KGKLLEVFSVDKFPKMTDYVVPAGVRIADTARVRLGAYIGEGTTVMHEGFVNFNAGTEGPGMIEGRVSAGVFVGKGSDLG
GGCSTMGTLSGGGNIVISVGEGCLIGANAGIGIPLGDRNIVEAGLYITAGTKVALLDEQNALVKVVKARDLAGQPDLLFR
RNSQNGAVECKTNKTAIELNEALHAHN
;
_entity_poly.pdbx_strand_id   A,B,C,D,E,F
#
# COMPACT_ATOMS: atom_id res chain seq x y z
N GLN A 6 40.61 11.37 -64.68
CA GLN A 6 39.21 11.14 -65.13
C GLN A 6 38.23 12.10 -64.45
N SER A 7 36.93 11.87 -64.69
CA SER A 7 35.86 12.49 -63.92
C SER A 7 35.84 11.82 -62.55
N LEU A 8 35.90 12.61 -61.49
CA LEU A 8 35.87 12.06 -60.13
C LEU A 8 34.44 11.63 -59.77
N PHE A 9 34.35 10.51 -59.07
CA PHE A 9 33.09 10.13 -58.45
C PHE A 9 32.69 11.16 -57.39
N SER A 10 33.64 11.52 -56.53
CA SER A 10 33.38 12.47 -55.44
C SER A 10 34.66 13.14 -54.98
N LEU A 11 34.53 14.36 -54.48
CA LEU A 11 35.58 14.98 -53.68
C LEU A 11 35.00 15.89 -52.62
N ALA A 12 35.77 16.10 -51.57
CA ALA A 12 35.31 16.85 -50.41
C ALA A 12 36.49 17.30 -49.58
N PHE A 13 36.41 18.50 -49.01
CA PHE A 13 37.44 19.03 -48.12
C PHE A 13 36.93 18.96 -46.71
N GLY A 14 37.72 18.31 -45.85
CA GLY A 14 37.30 17.98 -44.50
C GLY A 14 38.27 18.49 -43.44
N VAL A 15 37.72 18.71 -42.26
CA VAL A 15 38.49 18.96 -41.05
C VAL A 15 38.12 17.86 -40.05
N GLY A 16 39.12 17.19 -39.48
CA GLY A 16 38.88 15.99 -38.69
C GLY A 16 39.67 15.95 -37.40
N THR A 17 39.57 14.82 -36.69
CA THR A 17 40.19 14.59 -35.41
C THR A 17 41.12 13.40 -35.53
N GLN A 18 42.29 13.51 -34.88
CA GLN A 18 43.32 12.48 -34.91
C GLN A 18 43.71 12.11 -33.48
N ASN A 19 44.09 10.86 -33.26
CA ASN A 19 44.64 10.46 -31.96
C ASN A 19 46.12 10.88 -31.85
N ARG A 20 46.74 10.59 -30.71
CA ARG A 20 48.15 10.96 -30.47
C ARG A 20 49.11 10.52 -31.57
N GLN A 21 48.83 9.38 -32.21
CA GLN A 21 49.71 8.81 -33.24
C GLN A 21 49.26 9.18 -34.66
N GLU A 22 48.58 10.33 -34.78
CA GLU A 22 48.23 10.94 -36.07
C GLU A 22 47.17 10.18 -36.87
N ALA A 23 46.55 9.17 -36.25
CA ALA A 23 45.51 8.37 -36.92
C ALA A 23 44.18 9.12 -36.88
N TRP A 24 43.45 9.10 -37.99
CA TRP A 24 42.14 9.75 -38.06
C TRP A 24 41.11 9.01 -37.21
N LEU A 25 40.34 9.76 -36.42
CA LEU A 25 39.19 9.23 -35.66
C LEU A 25 37.88 9.49 -36.41
N GLU A 26 37.81 10.65 -37.06
CA GLU A 26 36.63 11.08 -37.78
C GLU A 26 36.94 12.31 -38.62
N VAL A 27 36.15 12.50 -39.67
CA VAL A 27 36.27 13.67 -40.53
C VAL A 27 34.89 14.31 -40.75
N PHE A 28 34.83 15.63 -40.63
CA PHE A 28 33.62 16.42 -40.90
C PHE A 28 33.75 17.10 -42.26
N TYR A 29 32.78 16.90 -43.14
CA TYR A 29 32.76 17.53 -44.46
C TYR A 29 31.56 18.46 -44.54
N ALA A 30 31.83 19.76 -44.59
CA ALA A 30 30.79 20.78 -44.69
C ALA A 30 30.07 20.76 -46.04
N LEU A 31 30.82 20.59 -47.13
CA LEU A 31 30.30 20.72 -48.47
C LEU A 31 30.85 19.63 -49.40
N PRO A 32 30.47 18.36 -49.15
CA PRO A 32 30.97 17.28 -50.00
C PRO A 32 30.36 17.35 -51.40
N LEU A 33 31.11 16.90 -52.42
CA LEU A 33 30.67 16.97 -53.82
C LEU A 33 30.55 15.60 -54.47
N LEU A 34 29.40 15.35 -55.10
CA LEU A 34 29.22 14.21 -55.99
C LEU A 34 29.50 14.66 -57.43
N LYS A 35 30.23 13.84 -58.17
CA LYS A 35 30.63 14.18 -59.54
C LYS A 35 31.08 15.64 -59.72
N PRO A 36 32.19 16.04 -59.08
CA PRO A 36 32.70 17.42 -59.16
C PRO A 36 33.32 17.78 -60.52
N SER A 37 33.19 19.03 -60.92
CA SER A 37 33.64 19.45 -62.26
C SER A 37 35.13 19.23 -62.47
N SER A 38 35.53 19.03 -63.73
CA SER A 38 36.96 19.00 -64.10
C SER A 38 37.63 20.34 -63.80
N GLU A 39 36.86 21.42 -63.83
CA GLU A 39 37.37 22.76 -63.55
C GLU A 39 37.80 22.92 -62.09
N ILE A 40 36.97 22.44 -61.16
CA ILE A 40 37.35 22.41 -59.74
C ILE A 40 38.53 21.46 -59.52
N VAL A 41 38.46 20.25 -60.10
CA VAL A 41 39.53 19.26 -59.95
C VAL A 41 40.86 19.73 -60.56
N ALA A 42 40.79 20.46 -61.68
CA ALA A 42 42.00 21.02 -62.29
C ALA A 42 42.67 22.09 -61.43
N ALA A 43 41.88 22.88 -60.71
CA ALA A 43 42.43 23.91 -59.83
C ALA A 43 43.23 23.33 -58.67
N VAL A 44 42.75 22.20 -58.14
CA VAL A 44 43.24 21.65 -56.87
C VAL A 44 44.25 20.50 -57.02
N ALA A 45 44.18 19.77 -58.13
CA ALA A 45 44.98 18.56 -58.29
C ALA A 45 46.49 18.79 -58.16
N PRO A 46 47.03 19.88 -58.77
CA PRO A 46 48.45 20.22 -58.61
C PRO A 46 48.84 20.57 -57.18
N ILE A 47 48.06 21.41 -56.52
CA ILE A 47 48.37 21.85 -55.15
C ILE A 47 48.34 20.68 -54.16
N LEU A 48 47.41 19.74 -54.34
CA LEU A 48 47.26 18.60 -53.42
C LEU A 48 48.27 17.47 -53.67
N GLY A 49 48.94 17.50 -54.82
CA GLY A 49 49.82 16.41 -55.23
C GLY A 49 49.02 15.21 -55.71
N TYR A 50 47.82 15.47 -56.22
CA TYR A 50 46.90 14.40 -56.66
C TYR A 50 47.10 14.07 -58.13
N ALA A 51 47.37 12.80 -58.41
CA ALA A 51 47.47 12.30 -59.78
C ALA A 51 46.17 11.60 -60.17
N ALA A 52 45.83 10.54 -59.44
CA ALA A 52 44.68 9.69 -59.77
C ALA A 52 44.34 8.78 -58.60
N GLY A 53 43.38 7.90 -58.80
CA GLY A 53 43.00 6.91 -57.79
C GLY A 53 42.05 7.46 -56.73
N ASN A 54 41.94 6.73 -55.63
CA ASN A 54 41.13 7.14 -54.49
C ASN A 54 42.04 7.53 -53.33
N GLN A 55 42.13 8.83 -53.04
CA GLN A 55 43.11 9.38 -52.09
C GLN A 55 42.49 10.24 -51.01
N ALA A 56 43.11 10.24 -49.84
CA ALA A 56 42.75 11.13 -48.73
C ALA A 56 44.03 11.83 -48.30
N LEU A 57 44.22 13.03 -48.84
CA LEU A 57 45.50 13.74 -48.77
C LEU A 57 45.48 14.81 -47.70
N THR A 58 46.32 14.67 -46.68
CA THR A 58 46.41 15.70 -45.67
C THR A 58 46.95 16.97 -46.32
N PHE A 59 46.31 18.12 -46.08
CA PHE A 59 46.84 19.39 -46.56
C PHE A 59 46.97 20.41 -45.43
N THR A 60 47.89 21.35 -45.65
CA THR A 60 48.33 22.29 -44.64
C THR A 60 47.47 23.53 -44.65
N SER A 61 47.52 24.29 -43.56
CA SER A 61 46.79 25.56 -43.45
C SER A 61 47.19 26.52 -44.58
N GLN A 62 48.45 26.43 -44.99
CA GLN A 62 49.01 27.26 -46.04
C GLN A 62 48.53 26.76 -47.41
N GLN A 63 48.42 25.44 -47.57
CA GLN A 63 47.83 24.87 -48.79
C GLN A 63 46.36 25.22 -48.92
N ALA A 64 45.67 25.41 -47.81
CA ALA A 64 44.26 25.79 -47.79
C ALA A 64 44.04 27.15 -48.45
N TYR A 65 44.91 28.11 -48.09
CA TYR A 65 44.91 29.44 -48.72
C TYR A 65 45.15 29.32 -50.22
N GLN A 66 46.14 28.52 -50.61
CA GLN A 66 46.48 28.31 -52.02
C GLN A 66 45.32 27.68 -52.78
N LEU A 67 44.65 26.70 -52.16
CA LEU A 67 43.44 26.11 -52.74
C LEU A 67 42.28 27.10 -52.81
N ALA A 68 42.08 27.88 -51.75
CA ALA A 68 41.03 28.89 -51.73
C ALA A 68 41.24 29.88 -52.88
N ASP A 69 42.47 30.40 -52.98
CA ASP A 69 42.84 31.33 -54.05
C ASP A 69 42.65 30.70 -55.44
N ALA A 70 43.00 29.42 -55.57
CA ALA A 70 42.84 28.71 -56.84
C ALA A 70 41.38 28.53 -57.27
N LEU A 71 40.47 28.52 -56.30
CA LEU A 71 39.05 28.27 -56.60
C LEU A 71 38.18 29.54 -56.67
N LYS A 72 38.74 30.69 -56.33
CA LYS A 72 38.08 31.97 -56.60
C LYS A 72 37.85 32.05 -58.11
N GLY A 73 36.59 32.16 -58.52
CA GLY A 73 36.27 32.30 -59.95
C GLY A 73 35.95 30.99 -60.66
N ILE A 74 36.13 29.86 -59.98
CA ILE A 74 35.71 28.55 -60.49
C ILE A 74 34.53 28.05 -59.67
N ASP A 75 34.70 28.06 -58.33
CA ASP A 75 33.63 27.71 -57.39
C ASP A 75 33.82 28.49 -56.09
N ALA A 76 32.95 29.48 -55.87
CA ALA A 76 33.08 30.40 -54.73
C ALA A 76 32.81 29.76 -53.36
N ALA A 77 31.84 28.86 -53.28
CA ALA A 77 31.47 28.21 -52.01
C ALA A 77 32.62 27.35 -51.47
N GLN A 78 33.20 26.52 -52.33
CA GLN A 78 34.37 25.72 -51.98
C GLN A 78 35.57 26.61 -51.65
N SER A 79 35.68 27.75 -52.33
CA SER A 79 36.71 28.73 -52.00
C SER A 79 36.40 29.33 -50.63
N ALA A 80 35.13 29.64 -50.39
CA ALA A 80 34.68 30.20 -49.12
C ALA A 80 34.86 29.24 -47.95
N LEU A 81 34.66 27.94 -48.19
CA LEU A 81 34.92 26.92 -47.17
C LEU A 81 36.42 26.83 -46.87
N LEU A 82 37.24 26.79 -47.92
CA LEU A 82 38.69 26.64 -47.75
C LEU A 82 39.30 27.78 -46.95
N SER A 83 38.79 29.01 -47.13
CA SER A 83 39.27 30.13 -46.32
C SER A 83 38.96 29.92 -44.84
N ARG A 84 37.79 29.32 -44.52
CA ARG A 84 37.50 28.93 -43.12
C ARG A 84 38.51 27.88 -42.67
N LEU A 85 38.57 26.78 -43.42
CA LEU A 85 39.46 25.66 -43.09
C LEU A 85 40.90 26.12 -42.88
N ALA A 86 41.33 27.11 -43.66
CA ALA A 86 42.69 27.68 -43.54
C ALA A 86 43.07 28.13 -42.12
N GLU A 87 42.09 28.57 -41.34
CA GLU A 87 42.33 29.06 -39.98
C GLU A 87 42.21 27.98 -38.91
N SER A 88 41.74 26.79 -39.31
CA SER A 88 41.30 25.78 -38.37
C SER A 88 42.34 25.36 -37.34
N GLN A 89 41.83 24.90 -36.19
CA GLN A 89 42.65 24.39 -35.10
C GLN A 89 42.89 22.89 -35.24
N LYS A 90 42.29 22.28 -36.27
CA LYS A 90 42.33 20.83 -36.46
C LYS A 90 42.88 20.45 -37.85
N PRO A 91 43.43 19.24 -37.99
CA PRO A 91 44.01 18.83 -39.27
C PRO A 91 42.99 18.72 -40.41
N LEU A 92 43.44 19.09 -41.61
CA LEU A 92 42.62 19.03 -42.81
C LEU A 92 42.99 17.83 -43.65
N VAL A 93 42.03 17.37 -44.45
CA VAL A 93 42.27 16.29 -45.39
C VAL A 93 41.37 16.50 -46.59
N ALA A 94 41.92 16.28 -47.77
CA ALA A 94 41.19 16.44 -49.02
C ALA A 94 41.01 15.07 -49.63
N THR A 95 39.77 14.58 -49.65
CA THR A 95 39.49 13.27 -50.19
C THR A 95 38.94 13.36 -51.62
N LEU A 96 39.71 12.82 -52.56
CA LEU A 96 39.34 12.82 -53.97
C LEU A 96 39.23 11.37 -54.43
N LEU A 97 38.09 11.00 -54.98
CA LEU A 97 37.79 9.62 -55.32
C LEU A 97 37.43 9.50 -56.80
N ALA A 98 38.29 8.82 -57.56
CA ALA A 98 38.08 8.60 -58.99
C ALA A 98 36.90 7.66 -59.23
N GLU A 99 36.79 6.62 -58.40
CA GLU A 99 35.75 5.60 -58.59
C GLU A 99 35.03 5.28 -57.28
N ASP A 100 33.73 5.02 -57.37
CA ASP A 100 32.98 4.48 -56.26
C ASP A 100 33.42 3.04 -56.03
N ALA A 101 34.29 2.84 -55.04
CA ALA A 101 34.87 1.52 -54.74
C ALA A 101 34.94 1.27 -53.24
N ALA A 102 35.31 0.05 -52.87
CA ALA A 102 35.45 -0.33 -51.47
C ALA A 102 36.37 0.64 -50.76
N PRO A 103 35.90 1.28 -49.68
CA PRO A 103 36.74 2.26 -49.00
C PRO A 103 38.16 1.78 -48.69
N SER A 104 39.12 2.68 -48.79
CA SER A 104 40.51 2.34 -48.49
C SER A 104 41.13 3.24 -47.43
N SER A 105 40.31 4.06 -46.77
CA SER A 105 40.76 4.91 -45.65
C SER A 105 39.57 5.36 -44.81
N THR A 106 39.85 5.74 -43.56
CA THR A 106 38.87 6.34 -42.68
C THR A 106 38.25 7.58 -43.30
N ALA A 107 39.06 8.46 -43.88
CA ALA A 107 38.53 9.68 -44.47
C ALA A 107 37.52 9.40 -45.59
N GLU A 108 37.83 8.44 -46.46
CA GLU A 108 36.94 8.02 -47.54
C GLU A 108 35.66 7.39 -47.02
N ALA A 109 35.78 6.50 -46.04
CA ALA A 109 34.61 5.88 -45.41
C ALA A 109 33.65 6.97 -44.93
N TYR A 110 34.17 7.95 -44.20
CA TYR A 110 33.36 9.06 -43.68
C TYR A 110 32.69 9.88 -44.78
N LEU A 111 33.42 10.15 -45.86
CA LEU A 111 32.87 10.88 -47.01
C LEU A 111 31.61 10.17 -47.54
N LYS A 112 31.76 8.89 -47.82
CA LYS A 112 30.65 8.12 -48.37
C LYS A 112 29.42 8.14 -47.45
N LEU A 113 29.63 8.12 -46.14
CA LEU A 113 28.50 8.26 -45.22
C LEU A 113 27.91 9.68 -45.32
N HIS A 114 28.77 10.69 -45.42
CA HIS A 114 28.34 12.06 -45.71
C HIS A 114 27.54 12.17 -47.03
N LEU A 115 27.91 11.41 -48.04
CA LEU A 115 27.22 11.48 -49.33
C LEU A 115 25.80 10.97 -49.16
N LEU A 116 25.65 9.92 -48.37
CA LEU A 116 24.34 9.37 -48.01
C LEU A 116 23.50 10.35 -47.19
N SER A 117 24.05 10.87 -46.09
CA SER A 117 23.25 11.67 -45.17
C SER A 117 22.94 13.08 -45.72
N HIS A 118 23.77 13.56 -46.64
CA HIS A 118 23.46 14.80 -47.39
C HIS A 118 22.46 14.55 -48.52
N ARG A 119 22.02 13.30 -48.67
CA ARG A 119 21.11 12.89 -49.75
C ARG A 119 21.69 13.01 -51.15
N LEU A 120 23.01 13.05 -51.28
CA LEU A 120 23.64 13.21 -52.59
C LEU A 120 23.61 11.91 -53.38
N VAL A 121 23.44 10.80 -52.66
CA VAL A 121 23.17 9.51 -53.25
C VAL A 121 22.25 8.77 -52.28
N LYS A 122 21.59 7.75 -52.78
CA LYS A 122 20.66 6.94 -52.00
C LYS A 122 21.32 5.66 -51.49
N PRO A 123 20.69 4.99 -50.51
CA PRO A 123 21.11 3.65 -50.06
C PRO A 123 21.31 2.69 -51.22
N HIS A 124 22.42 1.96 -51.18
CA HIS A 124 22.86 1.03 -52.25
C HIS A 124 23.44 1.67 -53.51
N ALA A 125 23.59 2.99 -53.53
CA ALA A 125 24.18 3.66 -54.69
C ALA A 125 25.66 3.91 -54.49
N VAL A 126 26.20 3.45 -53.36
CA VAL A 126 27.58 3.73 -53.00
C VAL A 126 28.24 2.44 -52.45
N ASN A 127 29.47 2.18 -52.88
CA ASN A 127 30.18 0.97 -52.47
C ASN A 127 30.67 1.11 -51.01
N LEU A 128 30.09 0.34 -50.10
CA LEU A 128 30.44 0.44 -48.68
C LEU A 128 31.14 -0.82 -48.15
N SER A 129 31.61 -1.66 -49.05
CA SER A 129 32.21 -2.93 -48.65
C SER A 129 33.46 -2.70 -47.83
N GLY A 130 33.58 -3.46 -46.75
CA GLY A 130 34.74 -3.40 -45.89
C GLY A 130 34.84 -2.14 -45.07
N ILE A 131 33.69 -1.56 -44.72
CA ILE A 131 33.64 -0.28 -44.03
C ILE A 131 33.85 -0.42 -42.51
N PHE A 132 33.45 -1.55 -41.94
CA PHE A 132 33.61 -1.72 -40.50
C PHE A 132 35.08 -1.61 -40.06
N PRO A 133 36.03 -2.26 -40.77
CA PRO A 133 37.44 -2.12 -40.39
C PRO A 133 38.08 -0.72 -40.61
N LEU A 134 37.51 0.11 -41.47
CA LEU A 134 38.03 1.47 -41.67
C LEU A 134 37.36 2.52 -40.78
N LEU A 135 36.41 2.09 -39.97
CA LEU A 135 35.75 3.00 -39.04
C LEU A 135 36.21 2.65 -37.65
N PRO A 136 37.14 3.43 -37.10
CA PRO A 136 37.68 3.07 -35.81
C PRO A 136 36.63 3.25 -34.70
N ASN A 137 36.65 2.35 -33.72
CA ASN A 137 35.81 2.50 -32.54
C ASN A 137 36.33 3.70 -31.73
N VAL A 138 35.42 4.58 -31.33
CA VAL A 138 35.78 5.88 -30.77
C VAL A 138 34.79 6.25 -29.66
N ALA A 139 35.27 7.06 -28.70
CA ALA A 139 34.38 7.63 -27.68
C ALA A 139 33.87 8.96 -28.21
N TRP A 140 32.55 9.09 -28.32
CA TRP A 140 31.92 10.33 -28.77
C TRP A 140 31.50 11.10 -27.53
N THR A 141 32.17 12.22 -27.32
CA THR A 141 32.04 13.03 -26.12
C THR A 141 31.60 14.42 -26.45
N ASN A 142 31.33 15.22 -25.41
CA ASN A 142 31.01 16.63 -25.64
C ASN A 142 32.19 17.49 -26.11
N ILE A 143 33.42 16.95 -26.03
CA ILE A 143 34.61 17.64 -26.58
C ILE A 143 35.01 17.11 -27.97
N GLY A 144 34.14 16.29 -28.56
CA GLY A 144 34.38 15.66 -29.84
C GLY A 144 34.78 14.20 -29.67
N ALA A 145 35.36 13.63 -30.72
CA ALA A 145 35.85 12.26 -30.69
C ALA A 145 37.14 12.15 -29.88
N VAL A 146 37.17 11.14 -29.01
CA VAL A 146 38.32 10.83 -28.18
C VAL A 146 38.70 9.36 -28.40
N ASP A 147 40.00 9.09 -28.50
CA ASP A 147 40.49 7.72 -28.69
C ASP A 147 40.23 6.89 -27.44
N LEU A 148 39.80 5.65 -27.61
CA LEU A 148 39.49 4.79 -26.46
C LEU A 148 40.67 4.66 -25.48
N ALA A 149 41.89 4.65 -26.03
CA ALA A 149 43.12 4.54 -25.23
C ALA A 149 43.43 5.79 -24.42
N GLU A 150 42.84 6.92 -24.81
CA GLU A 150 43.12 8.21 -24.18
C GLU A 150 41.95 8.69 -23.29
N LEU A 151 40.83 7.97 -23.32
CA LEU A 151 39.61 8.38 -22.64
C LEU A 151 39.74 8.49 -21.11
N ALA A 152 40.25 7.44 -20.47
CA ALA A 152 40.22 7.36 -18.99
C ALA A 152 41.00 8.53 -18.36
N GLU A 153 42.14 8.83 -18.95
CA GLU A 153 42.95 9.96 -18.51
C GLU A 153 42.13 11.26 -18.52
N LEU A 154 41.39 11.49 -19.59
CA LEU A 154 40.53 12.68 -19.73
C LEU A 154 39.29 12.64 -18.81
N GLN A 155 38.72 11.46 -18.63
CA GLN A 155 37.58 11.30 -17.72
C GLN A 155 37.97 11.67 -16.28
N LEU A 156 39.21 11.31 -15.91
CA LEU A 156 39.81 11.69 -14.62
C LEU A 156 39.94 13.22 -14.50
N GLU A 157 40.61 13.85 -15.48
CA GLU A 157 40.92 15.28 -15.41
C GLU A 157 39.67 16.16 -15.34
N ALA A 158 38.59 15.71 -15.98
CA ALA A 158 37.31 16.41 -15.92
C ALA A 158 36.78 16.44 -14.48
N ARG A 159 36.78 15.30 -13.79
CA ARG A 159 36.32 15.24 -12.39
C ARG A 159 37.17 16.10 -11.42
N LEU A 160 38.47 16.22 -11.69
CA LEU A 160 39.38 17.02 -10.85
C LEU A 160 39.24 18.52 -11.03
N LYS A 161 38.75 18.96 -12.19
CA LYS A 161 38.34 20.36 -12.39
C LYS A 161 36.86 20.57 -12.07
N GLY A 162 36.23 19.55 -11.49
CA GLY A 162 34.83 19.65 -11.10
C GLY A 162 33.87 19.66 -12.27
N LYS A 163 34.33 19.16 -13.41
CA LYS A 163 33.53 19.11 -14.62
C LYS A 163 33.22 17.66 -14.98
N LEU A 164 32.65 17.44 -16.17
CA LEU A 164 32.28 16.12 -16.61
C LEU A 164 32.59 15.99 -18.10
N LEU A 165 33.42 15.01 -18.45
CA LEU A 165 33.56 14.61 -19.84
C LEU A 165 32.45 13.61 -20.10
N GLU A 166 31.41 14.05 -20.82
CA GLU A 166 30.27 13.17 -21.15
C GLU A 166 30.57 12.25 -22.31
N VAL A 167 30.36 10.95 -22.09
CA VAL A 167 30.54 9.93 -23.12
C VAL A 167 29.18 9.42 -23.56
N PHE A 168 28.60 10.07 -24.59
CA PHE A 168 27.23 9.74 -24.99
C PHE A 168 27.13 8.61 -26.03
N SER A 169 28.26 8.14 -26.54
CA SER A 169 28.30 6.96 -27.42
C SER A 169 29.71 6.44 -27.61
N VAL A 170 29.86 5.11 -27.62
CA VAL A 170 31.11 4.44 -27.99
C VAL A 170 30.81 3.58 -29.22
N ASP A 171 31.26 4.01 -30.39
CA ASP A 171 30.89 3.32 -31.62
C ASP A 171 31.75 3.72 -32.81
N LYS A 172 31.64 2.91 -33.86
CA LYS A 172 32.36 3.12 -35.11
C LYS A 172 31.62 4.14 -35.98
N PHE A 173 30.32 4.33 -35.73
CA PHE A 173 29.53 5.35 -36.41
C PHE A 173 29.05 6.39 -35.40
N PRO A 174 29.21 7.69 -35.71
CA PRO A 174 28.64 8.76 -34.89
C PRO A 174 27.18 9.01 -35.27
N LYS A 175 26.46 9.79 -34.48
CA LYS A 175 25.09 10.16 -34.86
C LYS A 175 25.14 11.21 -35.96
N MET A 176 24.19 11.09 -36.88
CA MET A 176 24.14 11.89 -38.08
C MET A 176 24.07 13.39 -37.84
N THR A 177 23.17 13.80 -36.95
CA THR A 177 22.89 15.24 -36.77
C THR A 177 24.09 16.04 -36.22
N ASP A 178 25.05 15.35 -35.62
CA ASP A 178 26.33 15.98 -35.26
C ASP A 178 27.20 16.34 -36.50
N TYR A 179 26.84 15.82 -37.68
CA TYR A 179 27.50 16.20 -38.95
C TYR A 179 26.59 16.99 -39.86
N VAL A 180 25.35 16.54 -39.99
CA VAL A 180 24.42 17.11 -40.94
C VAL A 180 22.96 16.88 -40.56
N VAL A 181 22.18 17.96 -40.62
CA VAL A 181 20.73 17.88 -40.55
C VAL A 181 20.20 18.22 -41.94
N PRO A 182 19.69 17.23 -42.69
CA PRO A 182 19.09 17.51 -44.01
C PRO A 182 17.77 18.29 -43.91
N ALA A 183 17.49 19.11 -44.91
CA ALA A 183 16.31 19.97 -44.92
C ALA A 183 15.01 19.19 -44.84
N GLY A 184 14.03 19.75 -44.13
CA GLY A 184 12.67 19.23 -44.14
C GLY A 184 12.52 17.94 -43.37
N VAL A 185 13.18 17.88 -42.22
CA VAL A 185 13.32 16.66 -41.46
C VAL A 185 13.11 16.87 -39.94
N ARG A 186 12.43 15.93 -39.30
CA ARG A 186 12.40 15.85 -37.84
C ARG A 186 13.00 14.52 -37.37
N ILE A 187 13.75 14.56 -36.28
CA ILE A 187 14.33 13.37 -35.66
C ILE A 187 14.30 13.59 -34.15
N ALA A 188 13.33 12.95 -33.49
CA ALA A 188 13.00 13.25 -32.10
C ALA A 188 14.20 13.04 -31.17
N ASP A 189 14.88 11.92 -31.36
CA ASP A 189 16.05 11.53 -30.56
C ASP A 189 17.18 11.19 -31.52
N THR A 190 18.11 12.13 -31.69
CA THR A 190 19.14 12.01 -32.72
C THR A 190 20.13 10.89 -32.46
N ALA A 191 20.21 10.41 -31.21
CA ALA A 191 20.99 9.20 -30.90
C ALA A 191 20.66 8.05 -31.86
N ARG A 192 19.40 7.97 -32.28
CA ARG A 192 18.90 6.82 -33.02
C ARG A 192 19.08 6.88 -34.53
N VAL A 193 19.78 7.89 -35.04
CA VAL A 193 20.03 7.96 -36.48
C VAL A 193 21.53 8.08 -36.73
N ARG A 194 22.11 7.05 -37.35
CA ARG A 194 23.55 7.03 -37.61
C ARG A 194 23.97 7.86 -38.82
N LEU A 195 25.17 8.41 -38.77
CA LEU A 195 25.83 8.93 -39.98
C LEU A 195 25.83 7.82 -41.04
N GLY A 196 25.50 8.21 -42.27
CA GLY A 196 25.17 7.27 -43.33
C GLY A 196 23.68 7.00 -43.51
N ALA A 197 22.84 7.51 -42.60
CA ALA A 197 21.39 7.38 -42.77
C ALA A 197 20.90 8.38 -43.84
N TYR A 198 19.84 8.02 -44.57
CA TYR A 198 19.19 8.86 -45.59
C TYR A 198 17.78 9.16 -45.10
N ILE A 199 17.59 10.37 -44.59
CA ILE A 199 16.31 10.79 -44.03
C ILE A 199 15.62 11.75 -45.00
N GLY A 200 14.83 11.19 -45.92
CA GLY A 200 14.15 11.96 -46.97
C GLY A 200 13.30 13.11 -46.46
N GLU A 201 13.06 14.08 -47.34
CA GLU A 201 12.30 15.26 -46.96
C GLU A 201 10.89 14.87 -46.51
N GLY A 202 10.45 15.44 -45.40
CA GLY A 202 9.13 15.15 -44.85
C GLY A 202 9.06 13.89 -44.03
N THR A 203 10.21 13.33 -43.64
CA THR A 203 10.27 12.24 -42.66
C THR A 203 10.29 12.76 -41.22
N THR A 204 9.49 12.14 -40.35
CA THR A 204 9.68 12.26 -38.90
C THR A 204 10.16 10.91 -38.38
N VAL A 205 11.23 10.94 -37.59
CA VAL A 205 11.64 9.79 -36.83
C VAL A 205 11.33 10.08 -35.38
N MET A 206 10.36 9.35 -34.85
CA MET A 206 10.02 9.49 -33.45
C MET A 206 11.12 8.88 -32.57
N HIS A 207 10.93 9.01 -31.26
CA HIS A 207 11.91 8.62 -30.26
C HIS A 207 12.24 7.13 -30.35
N GLU A 208 11.23 6.31 -30.60
CA GLU A 208 11.42 4.87 -30.76
C GLU A 208 11.87 4.46 -32.17
N GLY A 209 11.88 5.40 -33.12
CA GLY A 209 12.38 5.13 -34.47
C GLY A 209 13.89 4.92 -34.46
N PHE A 210 14.38 4.18 -35.45
CA PHE A 210 15.83 3.96 -35.61
C PHE A 210 16.20 3.85 -37.07
N VAL A 211 17.29 4.51 -37.47
CA VAL A 211 17.76 4.38 -38.83
C VAL A 211 19.27 4.12 -38.81
N ASN A 212 19.64 2.93 -39.30
CA ASN A 212 21.03 2.52 -39.37
C ASN A 212 21.66 3.16 -40.58
N PHE A 213 22.97 3.03 -40.72
CA PHE A 213 23.66 3.52 -41.91
C PHE A 213 23.14 2.77 -43.15
N ASN A 214 23.35 3.39 -44.31
CA ASN A 214 22.98 2.81 -45.61
C ASN A 214 21.52 2.34 -45.65
N ALA A 215 20.64 3.14 -45.08
CA ALA A 215 19.21 2.84 -45.02
C ALA A 215 18.48 4.16 -44.91
N GLY A 216 17.16 4.09 -44.80
CA GLY A 216 16.36 5.26 -44.52
C GLY A 216 15.04 5.32 -45.26
N THR A 217 14.69 6.54 -45.68
CA THR A 217 13.36 6.86 -46.17
C THR A 217 13.43 7.76 -47.39
N GLU A 218 12.52 7.52 -48.34
CA GLU A 218 12.34 8.43 -49.48
C GLU A 218 11.74 9.74 -48.99
N GLY A 219 10.79 9.61 -48.07
CA GLY A 219 10.03 10.73 -47.55
C GLY A 219 8.79 10.92 -48.42
N PRO A 220 7.68 11.37 -47.81
CA PRO A 220 7.48 11.61 -46.39
C PRO A 220 7.21 10.29 -45.66
N GLY A 221 6.95 10.34 -44.35
CA GLY A 221 6.64 9.13 -43.58
C GLY A 221 6.98 9.24 -42.11
N MET A 222 6.18 8.59 -41.26
CA MET A 222 6.42 8.55 -39.81
C MET A 222 7.14 7.26 -39.44
N ILE A 223 8.40 7.39 -39.00
CA ILE A 223 9.17 6.23 -38.58
C ILE A 223 9.25 6.21 -37.06
N GLU A 224 8.54 5.26 -36.45
CA GLU A 224 8.57 5.06 -35.00
C GLU A 224 9.22 3.72 -34.67
N GLY A 225 9.71 3.04 -35.71
CA GLY A 225 10.31 1.72 -35.58
C GLY A 225 11.66 1.63 -36.28
N ARG A 226 12.26 0.45 -36.20
CA ARG A 226 13.66 0.26 -36.52
C ARG A 226 13.92 -0.12 -37.98
N VAL A 227 14.54 0.79 -38.71
CA VAL A 227 14.96 0.56 -40.09
C VAL A 227 16.40 0.04 -40.05
N SER A 228 16.60 -1.20 -40.46
CA SER A 228 17.92 -1.84 -40.39
C SER A 228 18.81 -1.43 -41.57
N ALA A 229 20.12 -1.68 -41.44
CA ALA A 229 21.06 -1.39 -42.51
C ALA A 229 20.59 -2.05 -43.81
N GLY A 230 20.72 -1.32 -44.91
CA GLY A 230 20.30 -1.79 -46.23
C GLY A 230 18.78 -1.84 -46.47
N VAL A 231 18.01 -1.18 -45.63
CA VAL A 231 16.56 -1.10 -45.83
C VAL A 231 16.15 0.31 -46.24
N PHE A 232 15.47 0.43 -47.38
CA PHE A 232 14.95 1.70 -47.86
C PHE A 232 13.41 1.66 -47.89
N VAL A 233 12.77 2.64 -47.24
CA VAL A 233 11.31 2.70 -47.11
C VAL A 233 10.74 3.75 -48.06
N GLY A 234 9.91 3.31 -49.01
CA GLY A 234 9.34 4.19 -50.04
C GLY A 234 8.39 5.25 -49.50
N LYS A 235 8.13 6.24 -50.35
CA LYS A 235 7.37 7.46 -49.95
C LYS A 235 5.99 7.19 -49.36
N GLY A 236 5.62 8.02 -48.38
CA GLY A 236 4.29 7.98 -47.79
C GLY A 236 3.99 6.78 -46.90
N SER A 237 5.03 6.02 -46.51
CA SER A 237 4.84 4.84 -45.68
C SER A 237 5.07 5.11 -44.19
N ASP A 238 4.55 4.20 -43.37
CA ASP A 238 4.58 4.36 -41.92
C ASP A 238 5.09 3.10 -41.22
N LEU A 239 5.93 3.31 -40.19
CA LEU A 239 6.44 2.24 -39.33
C LEU A 239 6.09 2.53 -37.86
N GLY A 240 5.16 1.75 -37.31
CA GLY A 240 4.58 2.04 -35.99
C GLY A 240 5.49 1.77 -34.80
N GLY A 241 5.14 2.36 -33.66
CA GLY A 241 5.96 2.27 -32.46
C GLY A 241 6.50 0.88 -32.18
N GLY A 242 7.82 0.72 -32.28
CA GLY A 242 8.51 -0.52 -31.89
C GLY A 242 8.55 -1.65 -32.89
N CYS A 243 8.25 -1.37 -34.16
CA CYS A 243 8.24 -2.42 -35.19
C CYS A 243 9.67 -2.75 -35.67
N SER A 244 9.80 -3.79 -36.49
CA SER A 244 11.11 -4.33 -36.86
C SER A 244 11.24 -4.67 -38.34
N THR A 245 12.41 -4.36 -38.90
CA THR A 245 12.82 -4.86 -40.22
C THR A 245 14.06 -5.72 -40.04
N MET A 246 14.18 -6.79 -40.83
CA MET A 246 15.39 -7.60 -40.79
C MET A 246 16.42 -6.99 -41.74
N GLY A 247 17.68 -7.04 -41.32
CA GLY A 247 18.79 -6.57 -42.13
C GLY A 247 19.51 -7.75 -42.72
N THR A 248 20.78 -7.57 -43.07
CA THR A 248 21.62 -8.65 -43.59
C THR A 248 23.00 -8.66 -42.93
N LEU A 249 23.07 -8.18 -41.69
CA LEU A 249 24.34 -8.10 -40.95
C LEU A 249 24.30 -8.97 -39.70
N ASN A 254 21.02 -14.88 -48.47
CA ASN A 254 20.15 -13.91 -47.80
C ASN A 254 19.45 -12.95 -48.79
N ILE A 255 18.64 -12.02 -48.25
CA ILE A 255 17.78 -11.16 -49.09
C ILE A 255 17.53 -9.76 -48.48
N VAL A 256 17.68 -8.73 -49.32
CA VAL A 256 17.57 -7.35 -48.89
C VAL A 256 16.09 -6.97 -48.71
N ILE A 257 15.76 -6.48 -47.53
CA ILE A 257 14.40 -6.07 -47.20
C ILE A 257 14.19 -4.60 -47.53
N SER A 258 13.12 -4.32 -48.28
CA SER A 258 12.73 -2.95 -48.60
C SER A 258 11.22 -2.80 -48.40
N VAL A 259 10.79 -1.59 -48.08
CA VAL A 259 9.37 -1.29 -47.94
C VAL A 259 8.94 -0.36 -49.07
N GLY A 260 7.82 -0.68 -49.68
CA GLY A 260 7.33 0.09 -50.82
C GLY A 260 6.60 1.33 -50.36
N GLU A 261 5.98 2.00 -51.32
CA GLU A 261 5.32 3.29 -51.09
C GLU A 261 3.95 3.08 -50.47
N GLY A 262 3.58 3.98 -49.56
CA GLY A 262 2.25 3.95 -48.93
C GLY A 262 1.93 2.77 -48.03
N CYS A 263 2.96 2.04 -47.59
CA CYS A 263 2.77 0.89 -46.72
C CYS A 263 2.51 1.29 -45.27
N LEU A 264 1.82 0.42 -44.54
CA LEU A 264 1.57 0.58 -43.11
C LEU A 264 2.07 -0.66 -42.35
N ILE A 265 2.82 -0.43 -41.27
CA ILE A 265 3.36 -1.51 -40.44
C ILE A 265 3.03 -1.17 -38.99
N GLY A 266 2.19 -2.01 -38.36
CA GLY A 266 1.67 -1.72 -37.02
C GLY A 266 2.71 -1.80 -35.92
N ALA A 267 2.38 -1.23 -34.76
CA ALA A 267 3.29 -1.23 -33.61
C ALA A 267 3.70 -2.65 -33.23
N ASN A 268 4.99 -2.82 -32.97
CA ASN A 268 5.59 -4.09 -32.51
C ASN A 268 5.58 -5.25 -33.53
N ALA A 269 5.12 -4.95 -34.75
CA ALA A 269 5.12 -5.90 -35.85
C ALA A 269 6.53 -6.03 -36.42
N GLY A 270 6.75 -7.04 -37.24
CA GLY A 270 8.09 -7.29 -37.79
C GLY A 270 8.08 -7.82 -39.20
N ILE A 271 8.82 -7.15 -40.11
CA ILE A 271 8.91 -7.60 -41.49
C ILE A 271 10.25 -8.31 -41.80
N GLY A 272 10.15 -9.52 -42.32
CA GLY A 272 11.32 -10.29 -42.77
C GLY A 272 11.29 -10.56 -44.27
N ILE A 273 10.39 -9.86 -44.96
CA ILE A 273 10.27 -9.94 -46.42
C ILE A 273 10.16 -8.54 -47.01
N PRO A 274 10.59 -8.36 -48.28
CA PRO A 274 10.31 -7.10 -48.95
C PRO A 274 8.81 -6.90 -49.15
N LEU A 275 8.27 -5.82 -48.59
CA LEU A 275 6.83 -5.51 -48.71
C LEU A 275 6.62 -4.59 -49.89
N GLY A 276 5.70 -4.96 -50.79
CA GLY A 276 5.38 -4.14 -51.95
C GLY A 276 4.56 -2.90 -51.59
N ASP A 277 4.12 -2.17 -52.62
CA ASP A 277 3.42 -0.91 -52.43
C ASP A 277 2.08 -1.10 -51.72
N ARG A 278 1.71 -0.11 -50.91
CA ARG A 278 0.41 -0.04 -50.25
C ARG A 278 0.11 -1.26 -49.36
N ASN A 279 1.15 -1.98 -48.95
CA ASN A 279 1.01 -3.12 -48.05
C ASN A 279 0.63 -2.69 -46.64
N ILE A 280 0.03 -3.62 -45.89
CA ILE A 280 -0.37 -3.38 -44.51
C ILE A 280 0.01 -4.57 -43.65
N VAL A 281 0.45 -4.30 -42.41
CA VAL A 281 0.80 -5.35 -41.45
C VAL A 281 0.23 -5.01 -40.07
N GLU A 282 -0.41 -5.98 -39.45
CA GLU A 282 -1.16 -5.77 -38.19
C GLU A 282 -0.22 -5.56 -37.00
N ALA A 283 -0.66 -4.70 -36.08
CA ALA A 283 0.12 -4.39 -34.87
C ALA A 283 0.38 -5.62 -34.02
N GLY A 284 1.66 -5.87 -33.72
CA GLY A 284 2.07 -7.03 -32.94
C GLY A 284 2.25 -8.30 -33.74
N LEU A 285 2.25 -8.19 -35.06
CA LEU A 285 2.40 -9.36 -35.95
C LEU A 285 3.77 -9.38 -36.59
N TYR A 286 4.48 -10.50 -36.44
CA TYR A 286 5.83 -10.65 -37.02
C TYR A 286 5.83 -11.71 -38.11
N ILE A 287 6.17 -11.31 -39.35
CA ILE A 287 6.27 -12.28 -40.46
C ILE A 287 7.69 -12.41 -40.99
N THR A 288 8.03 -13.64 -41.38
CA THR A 288 9.34 -13.96 -41.94
C THR A 288 9.13 -14.65 -43.29
N ALA A 289 10.22 -14.92 -44.01
CA ALA A 289 10.13 -15.49 -45.35
C ALA A 289 9.49 -16.88 -45.37
N GLY A 290 9.74 -17.68 -44.34
CA GLY A 290 9.21 -19.03 -44.25
C GLY A 290 7.82 -19.13 -43.65
N THR A 291 7.40 -18.09 -42.95
CA THR A 291 6.08 -18.04 -42.32
C THR A 291 4.99 -18.40 -43.33
N LYS A 292 4.16 -19.40 -42.98
CA LYS A 292 3.07 -19.84 -43.84
C LYS A 292 1.81 -19.04 -43.56
N VAL A 293 1.20 -18.52 -44.63
CA VAL A 293 0.14 -17.53 -44.53
C VAL A 293 -1.13 -18.06 -45.19
N ALA A 294 -2.28 -17.75 -44.57
CA ALA A 294 -3.59 -18.15 -45.09
C ALA A 294 -4.07 -17.11 -46.10
N LEU A 295 -3.69 -17.31 -47.37
CA LEU A 295 -4.05 -16.37 -48.44
C LEU A 295 -5.56 -16.39 -48.70
N LEU A 296 -6.13 -15.20 -48.98
CA LEU A 296 -7.58 -15.03 -49.12
C LEU A 296 -7.93 -14.19 -50.36
N ASP A 297 -9.23 -14.13 -50.68
CA ASP A 297 -9.73 -13.32 -51.81
C ASP A 297 -10.61 -12.16 -51.35
N ASN A 300 -13.03 -12.86 -47.89
CA ASN A 300 -11.92 -13.52 -47.20
C ASN A 300 -12.03 -15.05 -47.22
N ALA A 301 -12.28 -15.61 -48.41
CA ALA A 301 -12.35 -17.06 -48.59
C ALA A 301 -10.97 -17.59 -48.97
N LEU A 302 -10.57 -18.70 -48.34
CA LEU A 302 -9.24 -19.30 -48.55
C LEU A 302 -8.94 -19.61 -50.03
N VAL A 303 -7.65 -19.60 -50.38
CA VAL A 303 -7.18 -19.94 -51.74
C VAL A 303 -6.00 -20.92 -51.69
N LYS A 304 -5.01 -20.65 -50.85
CA LYS A 304 -3.96 -21.64 -50.51
C LYS A 304 -3.01 -21.13 -49.42
N VAL A 305 -2.45 -22.08 -48.67
CA VAL A 305 -1.49 -21.79 -47.61
C VAL A 305 -0.07 -21.78 -48.17
N VAL A 306 0.47 -20.58 -48.41
CA VAL A 306 1.77 -20.41 -49.08
C VAL A 306 2.80 -19.71 -48.20
N LYS A 307 4.08 -19.82 -48.59
CA LYS A 307 5.18 -19.17 -47.88
C LYS A 307 5.19 -17.67 -48.21
N ALA A 308 5.45 -16.85 -47.20
CA ALA A 308 5.45 -15.38 -47.35
C ALA A 308 6.40 -14.90 -48.45
N ARG A 309 7.51 -15.61 -48.64
CA ARG A 309 8.52 -15.27 -49.64
C ARG A 309 7.94 -15.13 -51.07
N ASP A 310 6.93 -15.94 -51.39
CA ASP A 310 6.30 -15.91 -52.71
C ASP A 310 5.41 -14.69 -52.94
N LEU A 311 5.01 -14.03 -51.84
CA LEU A 311 4.24 -12.80 -51.91
C LEU A 311 5.13 -11.56 -51.92
N ALA A 312 6.35 -11.69 -51.39
CA ALA A 312 7.31 -10.59 -51.31
C ALA A 312 7.31 -9.73 -52.57
N GLY A 313 6.94 -8.45 -52.43
CA GLY A 313 6.94 -7.51 -53.55
C GLY A 313 5.58 -7.26 -54.17
N GLN A 314 4.61 -8.15 -53.91
CA GLN A 314 3.24 -7.99 -54.41
C GLN A 314 2.60 -6.74 -53.80
N PRO A 315 1.78 -6.01 -54.59
CA PRO A 315 1.14 -4.81 -54.10
C PRO A 315 -0.19 -5.09 -53.41
N ASP A 316 -0.66 -4.14 -52.61
CA ASP A 316 -2.00 -4.18 -52.01
C ASP A 316 -2.29 -5.48 -51.26
N LEU A 317 -1.56 -5.72 -50.17
CA LEU A 317 -1.81 -6.85 -49.29
C LEU A 317 -2.12 -6.37 -47.88
N LEU A 318 -2.77 -7.23 -47.10
CA LEU A 318 -3.15 -6.93 -45.72
C LEU A 318 -2.89 -8.14 -44.82
N PHE A 319 -1.69 -8.21 -44.25
CA PHE A 319 -1.30 -9.32 -43.37
C PHE A 319 -1.90 -9.13 -41.97
N ARG A 320 -2.37 -10.21 -41.37
CA ARG A 320 -3.04 -10.14 -40.06
C ARG A 320 -3.06 -11.47 -39.32
N ARG A 321 -3.29 -11.40 -38.01
CA ARG A 321 -3.40 -12.59 -37.17
C ARG A 321 -4.85 -12.83 -36.74
N ASN A 322 -5.36 -14.02 -37.04
CA ASN A 322 -6.72 -14.43 -36.65
C ASN A 322 -6.75 -14.67 -35.15
N SER A 323 -7.50 -13.85 -34.43
CA SER A 323 -7.48 -13.86 -32.95
C SER A 323 -8.19 -15.05 -32.29
N GLN A 324 -8.96 -15.80 -33.08
CA GLN A 324 -9.71 -16.97 -32.59
C GLN A 324 -8.97 -18.30 -32.76
N ASN A 325 -8.11 -18.39 -33.78
CA ASN A 325 -7.36 -19.63 -34.07
C ASN A 325 -5.86 -19.42 -34.36
N GLY A 326 -5.36 -18.22 -34.09
CA GLY A 326 -3.94 -17.90 -34.25
C GLY A 326 -3.42 -17.86 -35.67
N ALA A 327 -4.29 -18.11 -36.65
CA ALA A 327 -3.87 -18.25 -38.05
C ALA A 327 -3.41 -16.92 -38.63
N VAL A 328 -2.23 -16.94 -39.25
CA VAL A 328 -1.67 -15.79 -39.96
C VAL A 328 -2.25 -15.77 -41.37
N GLU A 329 -2.89 -14.66 -41.73
CA GLU A 329 -3.64 -14.55 -42.99
C GLU A 329 -3.06 -13.44 -43.89
N CYS A 330 -3.67 -13.25 -45.06
CA CYS A 330 -3.31 -12.16 -45.97
C CYS A 330 -4.44 -11.92 -46.98
N LYS A 331 -5.19 -10.83 -46.79
CA LYS A 331 -6.35 -10.51 -47.62
C LYS A 331 -5.98 -9.60 -48.79
N THR A 332 -6.21 -10.09 -50.01
CA THR A 332 -5.96 -9.32 -51.22
C THR A 332 -7.14 -8.39 -51.53
N GLN B 6 -10.87 40.92 -15.93
CA GLN B 6 -11.31 39.58 -15.47
C GLN B 6 -10.17 38.81 -14.78
N SER B 7 -10.53 37.73 -14.07
CA SER B 7 -9.56 36.83 -13.44
C SER B 7 -8.81 36.04 -14.52
N LEU B 8 -7.48 36.17 -14.56
CA LEU B 8 -6.70 35.51 -15.61
C LEU B 8 -6.63 34.00 -15.38
N PHE B 9 -6.73 33.26 -16.48
CA PHE B 9 -6.50 31.81 -16.50
C PHE B 9 -5.10 31.44 -16.01
N SER B 10 -4.09 32.11 -16.57
CA SER B 10 -2.69 31.86 -16.27
C SER B 10 -1.82 33.06 -16.65
N LEU B 11 -0.66 33.15 -15.98
CA LEU B 11 0.39 34.07 -16.40
C LEU B 11 1.77 33.53 -15.99
N ALA B 12 2.80 34.02 -16.68
CA ALA B 12 4.17 33.58 -16.44
C ALA B 12 5.18 34.47 -17.16
N PHE B 13 6.25 34.84 -16.46
CA PHE B 13 7.34 35.63 -17.04
C PHE B 13 8.44 34.73 -17.57
N GLY B 14 8.71 34.84 -18.87
CA GLY B 14 9.60 33.90 -19.54
C GLY B 14 10.87 34.52 -20.06
N VAL B 15 11.87 33.68 -20.27
CA VAL B 15 13.09 34.06 -20.99
C VAL B 15 13.26 33.04 -22.10
N GLY B 16 13.41 33.51 -23.33
CA GLY B 16 13.38 32.60 -24.48
C GLY B 16 14.47 32.89 -25.50
N THR B 17 14.35 32.25 -26.66
CA THR B 17 15.32 32.41 -27.73
C THR B 17 14.59 32.79 -29.02
N GLN B 18 15.20 33.71 -29.75
CA GLN B 18 14.70 34.13 -31.07
C GLN B 18 15.73 33.84 -32.16
N ASN B 19 15.23 33.56 -33.37
CA ASN B 19 16.11 33.42 -34.54
C ASN B 19 16.43 34.81 -35.11
N ARG B 20 17.43 34.88 -35.99
CA ARG B 20 17.84 36.15 -36.61
C ARG B 20 16.68 37.02 -37.07
N GLN B 21 15.59 36.37 -37.49
CA GLN B 21 14.40 37.08 -37.96
C GLN B 21 13.39 37.39 -36.84
N GLU B 22 13.85 37.37 -35.60
CA GLU B 22 13.08 37.76 -34.41
C GLU B 22 11.91 36.84 -34.06
N ALA B 23 11.83 35.67 -34.70
CA ALA B 23 10.80 34.70 -34.39
C ALA B 23 11.19 33.88 -33.14
N TRP B 24 10.22 33.61 -32.28
CA TRP B 24 10.47 32.88 -31.03
C TRP B 24 10.62 31.36 -31.27
N LEU B 25 11.70 30.77 -30.77
CA LEU B 25 11.95 29.32 -30.93
C LEU B 25 11.50 28.52 -29.71
N GLU B 26 11.75 29.08 -28.53
CA GLU B 26 11.35 28.46 -27.28
C GLU B 26 11.27 29.51 -26.18
N VAL B 27 10.52 29.22 -25.11
CA VAL B 27 10.47 30.08 -23.94
C VAL B 27 10.60 29.22 -22.68
N PHE B 28 11.43 29.66 -21.74
CA PHE B 28 11.60 29.04 -20.44
C PHE B 28 10.89 29.88 -19.38
N TYR B 29 9.95 29.26 -18.67
CA TYR B 29 9.17 29.90 -17.60
C TYR B 29 9.52 29.25 -16.26
N ALA B 30 10.24 29.99 -15.41
CA ALA B 30 10.70 29.46 -14.11
C ALA B 30 9.59 29.23 -13.10
N LEU B 31 8.64 30.15 -13.02
CA LEU B 31 7.54 30.03 -12.07
C LEU B 31 6.19 30.42 -12.70
N PRO B 32 5.61 29.53 -13.53
CA PRO B 32 4.30 29.82 -14.12
C PRO B 32 3.18 29.77 -13.08
N LEU B 33 2.22 30.67 -13.20
CA LEU B 33 1.11 30.75 -12.26
C LEU B 33 -0.20 30.36 -12.94
N LEU B 34 -0.94 29.47 -12.27
CA LEU B 34 -2.31 29.16 -12.66
C LEU B 34 -3.25 29.97 -11.75
N LYS B 35 -4.17 30.70 -12.38
CA LYS B 35 -5.11 31.57 -11.69
C LYS B 35 -4.40 32.59 -10.80
N PRO B 36 -3.55 33.44 -11.39
CA PRO B 36 -2.81 34.43 -10.62
C PRO B 36 -3.77 35.42 -9.96
N SER B 37 -3.45 35.83 -8.73
CA SER B 37 -4.32 36.74 -7.98
C SER B 37 -4.58 38.02 -8.75
N SER B 38 -5.70 38.70 -8.48
CA SER B 38 -5.95 40.00 -9.10
C SER B 38 -4.89 41.02 -8.66
N GLU B 39 -4.36 40.85 -7.44
CA GLU B 39 -3.33 41.75 -6.94
C GLU B 39 -2.10 41.75 -7.83
N ILE B 40 -1.61 40.56 -8.17
CA ILE B 40 -0.45 40.44 -9.06
C ILE B 40 -0.76 41.04 -10.43
N VAL B 41 -1.90 40.69 -11.02
CA VAL B 41 -2.24 41.17 -12.35
C VAL B 41 -2.37 42.71 -12.36
N ALA B 42 -3.00 43.26 -11.33
CA ALA B 42 -3.19 44.71 -11.24
C ALA B 42 -1.85 45.44 -11.14
N ALA B 43 -0.89 44.83 -10.46
CA ALA B 43 0.43 45.43 -10.29
C ALA B 43 1.27 45.43 -11.57
N VAL B 44 0.99 44.45 -12.45
CA VAL B 44 1.83 44.13 -13.60
C VAL B 44 1.27 44.65 -14.94
N ALA B 45 -0.06 44.67 -15.06
CA ALA B 45 -0.75 45.11 -16.29
C ALA B 45 -0.31 46.50 -16.81
N PRO B 46 -0.34 47.54 -15.94
CA PRO B 46 0.06 48.88 -16.40
C PRO B 46 1.45 48.93 -17.03
N ILE B 47 2.41 48.23 -16.44
CA ILE B 47 3.78 48.27 -16.94
C ILE B 47 3.91 47.51 -18.27
N LEU B 48 3.14 46.43 -18.41
CA LEU B 48 3.21 45.58 -19.60
C LEU B 48 2.44 46.11 -20.81
N GLY B 49 1.47 46.98 -20.58
CA GLY B 49 0.52 47.38 -21.62
C GLY B 49 -0.64 46.42 -21.81
N TYR B 50 -0.84 45.51 -20.86
CA TYR B 50 -1.91 44.52 -20.98
C TYR B 50 -3.28 45.08 -20.60
N ALA B 51 -4.25 44.88 -21.48
CA ALA B 51 -5.63 45.31 -21.24
C ALA B 51 -6.56 44.11 -21.10
N ALA B 52 -6.46 43.17 -22.03
CA ALA B 52 -7.34 42.02 -22.05
C ALA B 52 -6.81 40.94 -22.99
N GLY B 53 -7.51 39.81 -23.00
CA GLY B 53 -7.27 38.74 -23.93
C GLY B 53 -6.06 37.89 -23.57
N ASN B 54 -5.62 37.09 -24.54
CA ASN B 54 -4.47 36.21 -24.40
C ASN B 54 -3.32 36.79 -25.22
N GLN B 55 -2.22 37.16 -24.53
CA GLN B 55 -1.18 37.97 -25.15
C GLN B 55 0.22 37.50 -24.75
N ALA B 56 1.12 37.46 -25.73
CA ALA B 56 2.56 37.29 -25.48
C ALA B 56 3.24 38.63 -25.65
N LEU B 57 3.51 39.29 -24.52
CA LEU B 57 4.01 40.65 -24.49
C LEU B 57 5.51 40.65 -24.17
N THR B 58 6.31 41.06 -25.15
CA THR B 58 7.75 41.20 -24.96
C THR B 58 7.98 42.35 -23.98
N PHE B 59 9.00 42.24 -23.15
CA PHE B 59 9.34 43.36 -22.26
C PHE B 59 10.85 43.48 -22.05
N THR B 60 11.27 44.69 -21.64
CA THR B 60 12.66 45.08 -21.63
C THR B 60 13.30 44.83 -20.27
N SER B 61 14.63 44.85 -20.25
CA SER B 61 15.40 44.73 -19.03
C SER B 61 14.91 45.77 -18.00
N GLN B 62 14.73 47.01 -18.44
CA GLN B 62 14.22 48.10 -17.59
C GLN B 62 12.82 47.80 -17.02
N GLN B 63 11.93 47.28 -17.86
CA GLN B 63 10.59 46.86 -17.42
C GLN B 63 10.62 45.71 -16.41
N ALA B 64 11.64 44.85 -16.52
CA ALA B 64 11.83 43.77 -15.55
C ALA B 64 12.08 44.35 -14.16
N TYR B 65 12.92 45.39 -14.07
CA TYR B 65 13.18 46.10 -12.81
C TYR B 65 11.94 46.79 -12.26
N GLN B 66 11.16 47.38 -13.18
CA GLN B 66 9.91 48.04 -12.80
C GLN B 66 8.93 47.02 -12.23
N LEU B 67 8.78 45.90 -12.93
CA LEU B 67 7.90 44.82 -12.49
C LEU B 67 8.34 44.21 -11.16
N ALA B 68 9.65 43.98 -11.03
CA ALA B 68 10.23 43.45 -9.80
C ALA B 68 9.79 44.30 -8.59
N ASP B 69 9.92 45.61 -8.73
CA ASP B 69 9.51 46.57 -7.69
C ASP B 69 8.01 46.58 -7.47
N ALA B 70 7.24 46.44 -8.55
CA ALA B 70 5.78 46.42 -8.46
C ALA B 70 5.26 45.23 -7.64
N LEU B 71 5.95 44.10 -7.71
CA LEU B 71 5.52 42.87 -7.05
C LEU B 71 6.11 42.66 -5.64
N LYS B 72 7.05 43.51 -5.24
CA LYS B 72 7.46 43.58 -3.84
C LYS B 72 6.20 43.82 -3.02
N GLY B 73 6.11 43.15 -1.87
CA GLY B 73 4.94 43.30 -1.02
C GLY B 73 3.66 42.67 -1.56
N ILE B 74 3.79 41.86 -2.62
CA ILE B 74 2.65 41.16 -3.23
C ILE B 74 2.97 39.69 -3.45
N ASP B 75 4.05 39.43 -4.17
CA ASP B 75 4.56 38.08 -4.36
C ASP B 75 6.08 38.15 -4.46
N ALA B 76 6.75 37.72 -3.38
CA ALA B 76 8.21 37.75 -3.30
C ALA B 76 8.88 36.91 -4.38
N ALA B 77 8.35 35.71 -4.60
CA ALA B 77 8.92 34.75 -5.56
C ALA B 77 8.93 35.32 -6.99
N GLN B 78 7.81 35.90 -7.40
CA GLN B 78 7.72 36.54 -8.73
C GLN B 78 8.60 37.78 -8.77
N SER B 79 8.69 38.51 -7.66
CA SER B 79 9.53 39.69 -7.60
C SER B 79 11.00 39.33 -7.73
N ALA B 80 11.40 38.21 -7.14
CA ALA B 80 12.79 37.76 -7.18
C ALA B 80 13.15 37.27 -8.58
N LEU B 81 12.22 36.55 -9.20
CA LEU B 81 12.41 36.06 -10.58
C LEU B 81 12.65 37.24 -11.51
N LEU B 82 11.78 38.25 -11.41
CA LEU B 82 11.91 39.46 -12.22
C LEU B 82 13.25 40.16 -12.01
N SER B 83 13.76 40.15 -10.78
CA SER B 83 15.09 40.69 -10.51
C SER B 83 16.19 39.89 -11.20
N ARG B 84 16.09 38.57 -11.19
CA ARG B 84 17.01 37.73 -11.96
C ARG B 84 16.83 38.05 -13.46
N LEU B 85 15.59 37.94 -13.93
CA LEU B 85 15.27 38.17 -15.34
C LEU B 85 15.86 39.47 -15.89
N ALA B 86 15.75 40.56 -15.13
CA ALA B 86 16.32 41.86 -15.51
C ALA B 86 17.82 41.83 -15.90
N GLU B 87 18.54 40.79 -15.48
CA GLU B 87 19.95 40.62 -15.84
C GLU B 87 20.18 39.73 -17.07
N SER B 88 19.08 39.27 -17.68
CA SER B 88 19.16 38.28 -18.78
C SER B 88 19.93 38.77 -20.00
N GLN B 89 20.57 37.81 -20.68
CA GLN B 89 21.23 38.04 -21.96
C GLN B 89 20.32 37.64 -23.13
N LYS B 90 19.09 37.23 -22.80
CA LYS B 90 18.18 36.67 -23.78
C LYS B 90 16.80 37.33 -23.65
N PRO B 91 16.04 37.36 -24.74
CA PRO B 91 14.82 38.15 -24.75
C PRO B 91 13.76 37.66 -23.76
N LEU B 92 13.00 38.63 -23.24
CA LEU B 92 11.98 38.38 -22.24
C LEU B 92 10.57 38.55 -22.83
N VAL B 93 9.67 37.68 -22.36
CA VAL B 93 8.26 37.73 -22.73
C VAL B 93 7.38 37.42 -21.51
N ALA B 94 6.31 38.20 -21.37
CA ALA B 94 5.34 38.05 -20.31
C ALA B 94 4.05 37.55 -20.91
N THR B 95 3.64 36.33 -20.57
CA THR B 95 2.47 35.73 -21.19
C THR B 95 1.27 35.79 -20.26
N LEU B 96 0.29 36.62 -20.64
CA LEU B 96 -0.91 36.82 -19.85
C LEU B 96 -2.12 36.25 -20.61
N LEU B 97 -2.71 35.19 -20.07
CA LEU B 97 -3.85 34.52 -20.67
C LEU B 97 -5.13 34.79 -19.88
N ALA B 98 -6.03 35.59 -20.46
CA ALA B 98 -7.35 35.80 -19.85
C ALA B 98 -8.15 34.50 -19.76
N GLU B 99 -8.05 33.65 -20.79
CA GLU B 99 -8.87 32.45 -20.90
C GLU B 99 -8.07 31.25 -21.39
N ASP B 100 -8.56 30.07 -21.06
CA ASP B 100 -8.03 28.83 -21.61
C ASP B 100 -8.66 28.61 -23.00
N ALA B 101 -7.92 28.98 -24.04
CA ALA B 101 -8.39 28.83 -25.41
C ALA B 101 -7.30 28.21 -26.27
N ALA B 102 -7.66 27.76 -27.47
CA ALA B 102 -6.68 27.29 -28.43
C ALA B 102 -5.57 28.34 -28.51
N PRO B 103 -4.30 27.94 -28.32
CA PRO B 103 -3.20 28.89 -28.26
C PRO B 103 -3.10 29.80 -29.48
N SER B 104 -2.61 31.02 -29.27
CA SER B 104 -2.45 31.98 -30.37
C SER B 104 -1.02 32.48 -30.53
N SER B 105 -0.05 31.79 -29.94
CA SER B 105 1.37 32.16 -30.09
C SER B 105 2.28 31.02 -29.61
N THR B 106 3.56 31.15 -29.97
CA THR B 106 4.59 30.21 -29.56
C THR B 106 4.78 30.27 -28.05
N ALA B 107 4.91 31.49 -27.53
CA ALA B 107 5.08 31.71 -26.07
C ALA B 107 3.93 31.13 -25.25
N GLU B 108 2.69 31.31 -25.71
CA GLU B 108 1.51 30.74 -25.06
C GLU B 108 1.52 29.22 -25.06
N ALA B 109 1.85 28.64 -26.21
CA ALA B 109 2.00 27.20 -26.36
C ALA B 109 2.99 26.65 -25.36
N TYR B 110 4.16 27.28 -25.29
CA TYR B 110 5.20 26.88 -24.34
C TYR B 110 4.69 26.99 -22.91
N LEU B 111 4.00 28.09 -22.60
CA LEU B 111 3.42 28.25 -21.27
C LEU B 111 2.47 27.10 -20.96
N LYS B 112 1.64 26.72 -21.92
CA LYS B 112 0.67 25.65 -21.69
C LYS B 112 1.28 24.26 -21.58
N LEU B 113 2.41 24.01 -22.24
CA LEU B 113 3.16 22.77 -22.01
C LEU B 113 3.75 22.82 -20.60
N HIS B 114 4.25 23.99 -20.20
CA HIS B 114 4.76 24.22 -18.85
C HIS B 114 3.72 23.93 -17.76
N LEU B 115 2.45 24.26 -18.00
CA LEU B 115 1.41 24.06 -16.98
C LEU B 115 1.19 22.56 -16.72
N LEU B 116 1.20 21.76 -17.78
CA LEU B 116 1.16 20.32 -17.66
C LEU B 116 2.38 19.78 -16.90
N SER B 117 3.59 20.12 -17.37
CA SER B 117 4.81 19.51 -16.84
C SER B 117 5.17 19.97 -15.41
N HIS B 118 4.68 21.13 -15.01
CA HIS B 118 4.76 21.56 -13.60
C HIS B 118 3.64 20.95 -12.74
N ARG B 119 2.72 20.24 -13.39
CA ARG B 119 1.59 19.54 -12.77
C ARG B 119 0.48 20.46 -12.27
N LEU B 120 0.54 21.73 -12.64
CA LEU B 120 -0.50 22.68 -12.27
C LEU B 120 -1.84 22.34 -12.91
N VAL B 121 -1.81 21.70 -14.08
CA VAL B 121 -3.01 21.12 -14.69
C VAL B 121 -2.72 19.68 -15.19
N LYS B 122 -3.77 18.91 -15.45
CA LYS B 122 -3.63 17.51 -15.89
C LYS B 122 -3.90 17.36 -17.39
N PRO B 123 -3.45 16.23 -18.01
CA PRO B 123 -3.79 16.00 -19.40
C PRO B 123 -5.27 16.13 -19.70
N HIS B 124 -5.59 16.76 -20.84
CA HIS B 124 -6.95 17.07 -21.30
C HIS B 124 -7.61 18.29 -20.63
N ALA B 125 -6.97 18.86 -19.60
CA ALA B 125 -7.57 19.97 -18.87
C ALA B 125 -7.39 21.31 -19.60
N VAL B 126 -6.50 21.35 -20.60
CA VAL B 126 -6.18 22.59 -21.29
C VAL B 126 -6.34 22.48 -22.82
N ASN B 127 -6.80 23.57 -23.43
CA ASN B 127 -7.02 23.63 -24.88
C ASN B 127 -5.69 23.73 -25.60
N LEU B 128 -5.33 22.64 -26.29
CA LEU B 128 -4.08 22.57 -27.06
C LEU B 128 -4.35 22.43 -28.57
N SER B 129 -5.57 22.72 -29.00
CA SER B 129 -5.91 22.70 -30.41
C SER B 129 -5.02 23.63 -31.24
N GLY B 130 -4.51 23.11 -32.35
CA GLY B 130 -3.67 23.91 -33.25
C GLY B 130 -2.30 24.24 -32.71
N ILE B 131 -1.80 23.43 -31.78
CA ILE B 131 -0.50 23.68 -31.18
C ILE B 131 0.64 23.43 -32.19
N PHE B 132 0.47 22.46 -33.08
CA PHE B 132 1.57 22.03 -33.94
C PHE B 132 2.19 23.14 -34.79
N PRO B 133 1.37 23.91 -35.53
CA PRO B 133 1.94 25.06 -36.27
C PRO B 133 2.65 26.13 -35.41
N LEU B 134 2.29 26.26 -34.14
CA LEU B 134 2.91 27.25 -33.23
C LEU B 134 4.23 26.79 -32.58
N LEU B 135 4.67 25.58 -32.89
CA LEU B 135 5.89 25.06 -32.30
C LEU B 135 6.89 24.78 -33.43
N PRO B 136 7.76 25.76 -33.71
CA PRO B 136 8.70 25.60 -34.81
C PRO B 136 9.60 24.38 -34.60
N ASN B 137 9.85 23.66 -35.70
CA ASN B 137 10.85 22.61 -35.68
C ASN B 137 12.23 23.24 -35.42
N VAL B 138 12.89 22.80 -34.35
CA VAL B 138 14.06 23.47 -33.79
C VAL B 138 15.21 22.45 -33.54
N ALA B 139 16.44 22.84 -33.83
CA ALA B 139 17.61 22.05 -33.40
C ALA B 139 17.84 22.32 -31.91
N TRP B 140 17.69 21.27 -31.10
CA TRP B 140 18.03 21.30 -29.69
C TRP B 140 19.48 20.83 -29.57
N THR B 141 20.31 21.73 -29.05
CA THR B 141 21.76 21.56 -28.93
C THR B 141 22.29 21.98 -27.56
N ASN B 142 23.57 21.67 -27.31
CA ASN B 142 24.21 22.01 -26.02
C ASN B 142 24.29 23.50 -25.68
N ILE B 143 24.39 24.36 -26.70
CA ILE B 143 24.38 25.81 -26.49
C ILE B 143 22.98 26.36 -26.25
N GLY B 144 21.97 25.56 -26.55
CA GLY B 144 20.54 25.94 -26.47
C GLY B 144 19.82 25.67 -27.77
N ALA B 145 18.69 26.35 -27.96
CA ALA B 145 17.89 26.22 -29.17
C ALA B 145 18.53 26.96 -30.36
N VAL B 146 18.51 26.30 -31.51
CA VAL B 146 19.08 26.85 -32.75
C VAL B 146 18.11 26.68 -33.93
N ASP B 147 17.96 27.74 -34.73
CA ASP B 147 17.06 27.72 -35.89
C ASP B 147 17.71 26.87 -36.99
N LEU B 148 16.92 26.04 -37.64
CA LEU B 148 17.42 25.11 -38.69
C LEU B 148 18.22 25.80 -39.80
N ALA B 149 17.80 27.00 -40.19
CA ALA B 149 18.47 27.75 -41.25
C ALA B 149 19.85 28.27 -40.83
N GLU B 150 20.10 28.32 -39.52
CA GLU B 150 21.34 28.87 -38.99
C GLU B 150 22.29 27.81 -38.41
N LEU B 151 21.84 26.55 -38.43
CA LEU B 151 22.57 25.45 -37.79
C LEU B 151 23.88 25.06 -38.49
N ALA B 152 23.81 24.85 -39.80
CA ALA B 152 24.96 24.34 -40.55
C ALA B 152 26.18 25.24 -40.39
N GLU B 153 25.95 26.55 -40.35
CA GLU B 153 27.03 27.51 -40.13
C GLU B 153 27.62 27.32 -38.72
N LEU B 154 26.76 27.24 -37.69
CA LEU B 154 27.26 27.04 -36.31
C LEU B 154 27.99 25.70 -36.14
N GLN B 155 27.51 24.67 -36.82
CA GLN B 155 28.17 23.36 -36.80
C GLN B 155 29.60 23.48 -37.32
N LEU B 156 29.76 24.16 -38.46
CA LEU B 156 31.08 24.38 -39.05
C LEU B 156 32.02 25.10 -38.10
N GLU B 157 31.57 26.22 -37.53
CA GLU B 157 32.42 27.04 -36.65
C GLU B 157 32.95 26.26 -35.44
N ALA B 158 32.12 25.40 -34.87
CA ALA B 158 32.54 24.56 -33.74
C ALA B 158 33.70 23.64 -34.12
N ARG B 159 33.58 22.97 -35.28
CA ARG B 159 34.64 22.05 -35.73
C ARG B 159 35.99 22.75 -35.98
N LEU B 160 35.94 24.01 -36.42
CA LEU B 160 37.16 24.79 -36.64
C LEU B 160 37.93 25.07 -35.34
N LYS B 161 37.17 25.28 -34.25
CA LYS B 161 37.74 25.48 -32.91
C LYS B 161 38.07 24.17 -32.20
N GLY B 162 37.86 23.04 -32.87
CA GLY B 162 37.98 21.73 -32.24
C GLY B 162 36.96 21.64 -31.12
N LYS B 163 35.74 22.04 -31.43
CA LYS B 163 34.62 21.91 -30.51
C LYS B 163 33.52 21.14 -31.24
N LEU B 164 32.51 20.72 -30.50
CA LEU B 164 31.36 20.04 -31.09
C LEU B 164 30.10 20.82 -30.73
N LEU B 165 29.30 21.15 -31.74
CA LEU B 165 27.92 21.61 -31.52
C LEU B 165 27.00 20.38 -31.54
N GLU B 166 26.68 19.85 -30.35
CA GLU B 166 25.91 18.61 -30.28
C GLU B 166 24.46 18.89 -30.54
N VAL B 167 23.91 18.21 -31.55
CA VAL B 167 22.50 18.30 -31.93
C VAL B 167 21.80 17.02 -31.47
N PHE B 168 21.17 17.13 -30.30
CA PHE B 168 20.64 15.93 -29.65
C PHE B 168 19.14 15.70 -29.88
N SER B 169 18.48 16.67 -30.52
CA SER B 169 17.12 16.50 -31.01
C SER B 169 16.80 17.57 -32.06
N VAL B 170 16.07 17.16 -33.10
CA VAL B 170 15.53 18.09 -34.09
C VAL B 170 14.03 17.84 -34.17
N ASP B 171 13.25 18.67 -33.46
CA ASP B 171 11.81 18.43 -33.32
C ASP B 171 11.10 19.72 -32.89
N LYS B 172 9.78 19.67 -32.86
CA LYS B 172 8.95 20.80 -32.47
C LYS B 172 8.73 20.87 -30.97
N PHE B 173 8.91 19.75 -30.27
CA PHE B 173 8.85 19.71 -28.82
C PHE B 173 10.24 19.48 -28.24
N PRO B 174 10.65 20.29 -27.24
CA PRO B 174 11.87 19.97 -26.50
C PRO B 174 11.62 18.87 -25.45
N LYS B 175 12.69 18.34 -24.86
CA LYS B 175 12.52 17.41 -23.75
C LYS B 175 12.23 18.19 -22.48
N MET B 176 11.33 17.63 -21.67
CA MET B 176 10.80 18.28 -20.47
C MET B 176 11.83 18.73 -19.45
N THR B 177 12.81 17.86 -19.16
CA THR B 177 13.70 18.09 -17.99
C THR B 177 14.73 19.22 -18.19
N ASP B 178 14.86 19.70 -19.42
CA ASP B 178 15.66 20.90 -19.69
C ASP B 178 14.90 22.19 -19.29
N TYR B 179 13.61 22.05 -19.00
CA TYR B 179 12.79 23.12 -18.45
C TYR B 179 12.41 22.82 -16.99
N VAL B 180 11.96 21.59 -16.73
CA VAL B 180 11.30 21.28 -15.45
C VAL B 180 11.44 19.80 -15.03
N VAL B 181 11.86 19.56 -13.78
CA VAL B 181 11.75 18.22 -13.19
C VAL B 181 10.82 18.27 -11.97
N PRO B 182 9.58 17.75 -12.12
CA PRO B 182 8.63 17.83 -11.00
C PRO B 182 9.04 16.92 -9.83
N ALA B 183 8.46 17.16 -8.67
CA ALA B 183 8.88 16.48 -7.44
C ALA B 183 8.67 14.97 -7.49
N GLY B 184 9.60 14.23 -6.89
CA GLY B 184 9.48 12.79 -6.63
C GLY B 184 9.42 11.92 -7.88
N VAL B 185 10.28 12.23 -8.83
CA VAL B 185 10.17 11.77 -10.20
C VAL B 185 11.47 11.09 -10.67
N ARG B 186 11.34 9.94 -11.33
CA ARG B 186 12.49 9.28 -11.95
C ARG B 186 12.25 9.18 -13.47
N ILE B 187 13.26 9.57 -14.23
CA ILE B 187 13.23 9.50 -15.68
C ILE B 187 14.62 9.03 -16.13
N ALA B 188 14.71 7.76 -16.56
CA ALA B 188 15.98 7.12 -16.89
C ALA B 188 16.71 7.82 -18.02
N ASP B 189 15.97 8.05 -19.10
CA ASP B 189 16.50 8.67 -20.30
C ASP B 189 15.54 9.79 -20.71
N THR B 190 15.90 11.02 -20.37
CA THR B 190 14.99 12.16 -20.48
C THR B 190 14.61 12.55 -21.92
N ALA B 191 15.37 12.09 -22.92
CA ALA B 191 15.00 12.20 -24.33
C ALA B 191 13.61 11.65 -24.57
N ARG B 192 13.21 10.74 -23.69
CA ARG B 192 11.96 10.00 -23.82
C ARG B 192 10.73 10.67 -23.21
N VAL B 193 10.88 11.81 -22.54
CA VAL B 193 9.74 12.56 -21.97
C VAL B 193 9.72 13.98 -22.55
N ARG B 194 8.70 14.30 -23.34
CA ARG B 194 8.55 15.64 -23.91
C ARG B 194 8.04 16.67 -22.89
N LEU B 195 8.46 17.92 -23.05
CA LEU B 195 7.76 19.04 -22.45
C LEU B 195 6.27 18.92 -22.80
N GLY B 196 5.42 19.00 -21.77
CA GLY B 196 3.97 18.80 -21.87
C GLY B 196 3.45 17.51 -21.24
N ALA B 197 4.37 16.61 -20.87
CA ALA B 197 4.02 15.38 -20.16
C ALA B 197 3.79 15.69 -18.68
N TYR B 198 2.84 14.98 -18.06
CA TYR B 198 2.55 15.09 -16.63
C TYR B 198 3.13 13.85 -15.94
N ILE B 199 4.11 14.04 -15.08
CA ILE B 199 4.81 12.91 -14.46
C ILE B 199 4.56 12.90 -12.95
N GLY B 200 3.51 12.22 -12.54
CA GLY B 200 3.06 12.18 -11.15
C GLY B 200 4.07 11.67 -10.15
N GLU B 201 4.00 12.21 -8.92
CA GLU B 201 4.95 11.86 -7.87
C GLU B 201 4.94 10.36 -7.61
N GLY B 202 6.12 9.78 -7.41
CA GLY B 202 6.27 8.33 -7.26
C GLY B 202 6.44 7.59 -8.57
N THR B 203 6.27 8.27 -9.70
CA THR B 203 6.46 7.65 -11.02
C THR B 203 7.94 7.51 -11.31
N THR B 204 8.35 6.33 -11.75
CA THR B 204 9.71 6.14 -12.25
C THR B 204 9.59 5.69 -13.72
N VAL B 205 10.11 6.52 -14.62
CA VAL B 205 10.11 6.23 -16.06
C VAL B 205 11.48 5.67 -16.40
N MET B 206 11.51 4.44 -16.90
CA MET B 206 12.78 3.79 -17.24
C MET B 206 13.21 4.15 -18.67
N HIS B 207 14.25 3.48 -19.15
CA HIS B 207 14.91 3.86 -20.38
C HIS B 207 14.02 3.63 -21.59
N GLU B 208 13.26 2.54 -21.56
CA GLU B 208 12.35 2.18 -22.65
C GLU B 208 10.98 2.83 -22.48
N GLY B 209 10.75 3.45 -21.33
CA GLY B 209 9.55 4.22 -21.11
C GLY B 209 9.57 5.52 -21.90
N PHE B 210 8.39 5.96 -22.30
CA PHE B 210 8.18 7.17 -23.11
C PHE B 210 6.88 7.88 -22.70
N VAL B 211 6.89 9.21 -22.68
CA VAL B 211 5.65 9.97 -22.45
C VAL B 211 5.59 11.20 -23.37
N ASN B 212 4.48 11.31 -24.10
CA ASN B 212 4.25 12.41 -25.01
C ASN B 212 3.67 13.59 -24.24
N PHE B 213 3.50 14.70 -24.95
CA PHE B 213 2.83 15.88 -24.40
C PHE B 213 1.34 15.58 -24.18
N ASN B 214 0.71 16.34 -23.29
CA ASN B 214 -0.71 16.17 -22.95
C ASN B 214 -1.08 14.72 -22.60
N ALA B 215 -0.20 14.09 -21.82
CA ALA B 215 -0.36 12.70 -21.43
C ALA B 215 0.46 12.50 -20.17
N GLY B 216 0.29 11.37 -19.51
CA GLY B 216 1.15 11.03 -18.38
C GLY B 216 0.55 10.16 -17.29
N THR B 217 1.01 10.40 -16.06
CA THR B 217 0.78 9.52 -14.94
C THR B 217 0.34 10.26 -13.68
N GLU B 218 -0.68 9.75 -13.01
CA GLU B 218 -1.06 10.22 -11.68
C GLU B 218 0.10 9.95 -10.73
N GLY B 219 0.71 8.78 -10.88
CA GLY B 219 1.70 8.28 -9.95
C GLY B 219 1.03 7.57 -8.78
N PRO B 220 1.69 6.57 -8.19
CA PRO B 220 3.00 6.11 -8.62
C PRO B 220 2.86 5.21 -9.83
N GLY B 221 3.99 4.77 -10.36
CA GLY B 221 4.01 3.84 -11.47
C GLY B 221 5.42 3.52 -11.93
N MET B 222 5.57 2.38 -12.58
CA MET B 222 6.82 2.01 -13.24
C MET B 222 6.53 1.99 -14.74
N ILE B 223 6.89 3.08 -15.43
CA ILE B 223 6.63 3.23 -16.87
C ILE B 223 7.87 2.81 -17.65
N GLU B 224 7.73 1.71 -18.38
CA GLU B 224 8.83 1.16 -19.17
C GLU B 224 8.35 1.05 -20.62
N GLY B 225 7.24 1.73 -20.93
CA GLY B 225 6.65 1.73 -22.26
C GLY B 225 6.10 3.09 -22.72
N ARG B 226 5.26 3.08 -23.75
CA ARG B 226 4.96 4.29 -24.50
C ARG B 226 3.54 4.86 -24.28
N VAL B 227 3.50 5.95 -23.51
CA VAL B 227 2.26 6.64 -23.15
C VAL B 227 1.97 7.73 -24.18
N SER B 228 1.16 7.41 -25.19
CA SER B 228 0.91 8.34 -26.30
C SER B 228 0.21 9.63 -25.88
N ALA B 229 0.15 10.59 -26.80
CA ALA B 229 -0.45 11.90 -26.52
C ALA B 229 -1.94 11.80 -26.23
N GLY B 230 -2.35 12.29 -25.07
CA GLY B 230 -3.75 12.22 -24.64
C GLY B 230 -4.06 11.09 -23.65
N VAL B 231 -3.07 10.24 -23.37
CA VAL B 231 -3.29 9.05 -22.55
C VAL B 231 -2.83 9.32 -21.12
N PHE B 232 -3.73 9.07 -20.16
CA PHE B 232 -3.44 9.22 -18.73
C PHE B 232 -3.48 7.86 -18.04
N VAL B 233 -2.61 7.66 -17.04
CA VAL B 233 -2.42 6.35 -16.42
C VAL B 233 -2.52 6.51 -14.90
N GLY B 234 -3.48 5.78 -14.30
CA GLY B 234 -3.84 5.95 -12.90
C GLY B 234 -2.80 5.48 -11.90
N LYS B 235 -3.04 5.86 -10.64
CA LYS B 235 -2.11 5.56 -9.54
C LYS B 235 -1.82 4.08 -9.35
N GLY B 236 -0.54 3.78 -9.19
CA GLY B 236 -0.09 2.41 -8.91
C GLY B 236 -0.11 1.47 -10.11
N SER B 237 -0.22 2.01 -11.33
CA SER B 237 -0.27 1.17 -12.53
C SER B 237 1.14 0.92 -13.11
N ASP B 238 1.26 -0.14 -13.91
CA ASP B 238 2.55 -0.55 -14.49
C ASP B 238 2.48 -0.67 -16.01
N LEU B 239 3.57 -0.27 -16.66
CA LEU B 239 3.73 -0.44 -18.09
C LEU B 239 5.10 -1.05 -18.35
N GLY B 240 5.14 -2.37 -18.55
CA GLY B 240 6.40 -3.11 -18.68
C GLY B 240 7.19 -2.82 -19.94
N GLY B 241 8.47 -3.19 -19.92
CA GLY B 241 9.39 -2.89 -21.01
C GLY B 241 8.80 -2.94 -22.41
N GLY B 242 8.86 -1.83 -23.12
CA GLY B 242 8.54 -1.81 -24.55
C GLY B 242 7.08 -1.97 -24.92
N CYS B 243 6.16 -1.87 -23.95
CA CYS B 243 4.74 -1.90 -24.26
C CYS B 243 4.35 -0.62 -25.01
N SER B 244 3.07 -0.52 -25.40
CA SER B 244 2.59 0.55 -26.26
C SER B 244 1.15 0.90 -25.91
N THR B 245 0.79 2.18 -26.03
CA THR B 245 -0.62 2.63 -26.00
C THR B 245 -0.86 3.46 -27.25
N MET B 246 -2.10 3.48 -27.74
CA MET B 246 -2.42 4.20 -28.98
C MET B 246 -2.93 5.63 -28.71
N GLY B 247 -2.62 6.53 -29.63
CA GLY B 247 -2.99 7.94 -29.52
C GLY B 247 -3.89 8.35 -30.67
N ASN B 254 -12.69 8.46 -33.57
CA ASN B 254 -11.60 8.10 -32.66
C ASN B 254 -12.05 8.08 -31.19
N ILE B 255 -11.22 7.51 -30.32
CA ILE B 255 -11.62 7.20 -28.94
C ILE B 255 -10.51 7.45 -27.89
N VAL B 256 -10.88 8.13 -26.80
CA VAL B 256 -9.90 8.57 -25.79
C VAL B 256 -9.34 7.42 -24.95
N ILE B 257 -8.10 7.03 -25.25
CA ILE B 257 -7.44 5.91 -24.60
C ILE B 257 -6.86 6.30 -23.23
N SER B 258 -7.19 5.54 -22.19
CA SER B 258 -6.64 5.73 -20.86
C SER B 258 -6.30 4.39 -20.19
N VAL B 259 -5.70 4.47 -19.00
CA VAL B 259 -5.41 3.30 -18.17
C VAL B 259 -5.86 3.58 -16.74
N GLY B 260 -6.56 2.61 -16.15
CA GLY B 260 -7.08 2.74 -14.79
C GLY B 260 -6.03 2.66 -13.71
N GLU B 261 -6.49 2.48 -12.47
CA GLU B 261 -5.60 2.42 -11.32
C GLU B 261 -5.19 0.98 -11.05
N GLY B 262 -3.99 0.80 -10.50
CA GLY B 262 -3.50 -0.52 -10.11
C GLY B 262 -3.38 -1.54 -11.23
N CYS B 263 -3.34 -1.07 -12.48
CA CYS B 263 -3.26 -1.96 -13.65
C CYS B 263 -1.86 -2.49 -13.87
N LEU B 264 -1.77 -3.62 -14.58
CA LEU B 264 -0.50 -4.19 -15.03
C LEU B 264 -0.55 -4.39 -16.55
N ILE B 265 0.51 -3.98 -17.23
CA ILE B 265 0.66 -4.18 -18.67
C ILE B 265 1.98 -4.92 -18.92
N GLY B 266 1.92 -6.00 -19.70
CA GLY B 266 3.11 -6.83 -19.96
C GLY B 266 4.06 -6.21 -20.96
N ALA B 267 5.25 -6.79 -21.10
CA ALA B 267 6.28 -6.27 -22.00
C ALA B 267 5.88 -6.50 -23.46
N ASN B 268 6.10 -5.48 -24.29
CA ASN B 268 5.70 -5.50 -25.71
C ASN B 268 4.18 -5.68 -25.99
N ALA B 269 3.38 -5.60 -24.93
CA ALA B 269 1.93 -5.63 -25.08
C ALA B 269 1.49 -4.31 -25.68
N GLY B 270 0.23 -4.23 -26.07
CA GLY B 270 -0.28 -3.03 -26.74
C GLY B 270 -1.77 -2.87 -26.55
N ILE B 271 -2.17 -1.70 -26.03
CA ILE B 271 -3.56 -1.42 -25.71
C ILE B 271 -4.16 -0.34 -26.61
N GLY B 272 -5.12 -0.75 -27.44
CA GLY B 272 -5.87 0.17 -28.29
C GLY B 272 -7.26 0.45 -27.73
N ILE B 273 -7.41 0.26 -26.42
CA ILE B 273 -8.69 0.52 -25.73
C ILE B 273 -8.42 1.08 -24.33
N PRO B 274 -9.42 1.76 -23.73
CA PRO B 274 -9.28 2.26 -22.36
C PRO B 274 -9.46 1.15 -21.31
N LEU B 275 -8.34 0.75 -20.68
CA LEU B 275 -8.36 -0.27 -19.64
C LEU B 275 -8.91 0.32 -18.34
N GLY B 276 -9.76 -0.44 -17.67
CA GLY B 276 -10.37 -0.01 -16.41
C GLY B 276 -9.44 -0.24 -15.24
N ASP B 277 -9.97 -0.12 -14.03
CA ASP B 277 -9.17 -0.23 -12.82
C ASP B 277 -8.82 -1.69 -12.52
N ARG B 278 -7.55 -1.94 -12.23
CA ARG B 278 -7.04 -3.28 -11.88
C ARG B 278 -7.08 -4.29 -13.04
N ASN B 279 -7.12 -3.78 -14.29
CA ASN B 279 -7.04 -4.63 -15.48
C ASN B 279 -5.64 -5.21 -15.68
N ILE B 280 -5.58 -6.33 -16.41
CA ILE B 280 -4.34 -7.04 -16.67
C ILE B 280 -4.23 -7.42 -18.15
N VAL B 281 -3.05 -7.18 -18.75
CA VAL B 281 -2.76 -7.56 -20.14
C VAL B 281 -1.46 -8.37 -20.17
N GLU B 282 -1.43 -9.38 -21.03
CA GLU B 282 -0.33 -10.35 -21.04
C GLU B 282 0.88 -9.82 -21.82
N ALA B 283 2.08 -10.22 -21.40
CA ALA B 283 3.31 -9.82 -22.08
C ALA B 283 3.36 -10.42 -23.49
N GLY B 284 3.59 -9.55 -24.48
CA GLY B 284 3.60 -9.97 -25.88
C GLY B 284 2.21 -10.09 -26.49
N LEU B 285 1.22 -9.49 -25.81
CA LEU B 285 -0.17 -9.54 -26.25
C LEU B 285 -0.65 -8.16 -26.68
N TYR B 286 -0.99 -8.02 -27.96
CA TYR B 286 -1.54 -6.77 -28.48
C TYR B 286 -3.05 -6.92 -28.67
N ILE B 287 -3.82 -5.94 -28.21
CA ILE B 287 -5.26 -5.87 -28.51
C ILE B 287 -5.68 -4.48 -28.97
N THR B 288 -6.69 -4.44 -29.81
CA THR B 288 -7.27 -3.20 -30.34
C THR B 288 -8.79 -3.25 -30.14
N ALA B 289 -9.49 -2.20 -30.58
CA ALA B 289 -10.95 -2.12 -30.41
C ALA B 289 -11.71 -3.17 -31.25
N GLY B 290 -11.06 -3.64 -32.32
CA GLY B 290 -11.67 -4.60 -33.24
C GLY B 290 -11.28 -6.06 -33.08
N THR B 291 -10.38 -6.36 -32.15
CA THR B 291 -9.92 -7.74 -31.91
C THR B 291 -10.92 -8.53 -31.06
N LYS B 292 -11.39 -9.65 -31.59
CA LYS B 292 -12.39 -10.49 -30.91
C LYS B 292 -11.74 -11.36 -29.83
N VAL B 293 -12.31 -11.30 -28.63
CA VAL B 293 -11.76 -11.98 -27.45
C VAL B 293 -12.74 -13.01 -26.88
N ALA B 294 -12.21 -14.11 -26.36
CA ALA B 294 -13.01 -15.15 -25.71
C ALA B 294 -13.20 -14.82 -24.22
N LEU B 295 -14.42 -14.39 -23.86
CA LEU B 295 -14.74 -14.03 -22.48
C LEU B 295 -14.93 -15.27 -21.61
N LEU B 296 -14.56 -15.17 -20.34
CA LEU B 296 -14.63 -16.28 -19.39
C LEU B 296 -15.24 -15.87 -18.04
N ASP B 297 -15.54 -16.87 -17.20
CA ASP B 297 -16.22 -16.66 -15.92
C ASP B 297 -15.30 -16.82 -14.71
N ASN B 300 -12.64 -21.26 -15.93
CA ASN B 300 -12.63 -20.46 -17.15
C ASN B 300 -13.49 -21.06 -18.28
N ALA B 301 -14.79 -21.12 -18.04
CA ALA B 301 -15.75 -21.58 -19.06
C ALA B 301 -16.15 -20.42 -19.97
N LEU B 302 -16.42 -20.72 -21.24
CA LEU B 302 -16.80 -19.70 -22.23
C LEU B 302 -18.14 -19.04 -21.90
N VAL B 303 -18.26 -17.76 -22.25
CA VAL B 303 -19.54 -17.03 -22.20
C VAL B 303 -19.92 -16.61 -23.61
N LYS B 304 -19.12 -15.75 -24.22
CA LYS B 304 -19.34 -15.30 -25.61
C LYS B 304 -18.14 -14.55 -26.20
N VAL B 305 -18.00 -14.63 -27.54
CA VAL B 305 -16.94 -13.92 -28.25
C VAL B 305 -17.40 -12.50 -28.57
N VAL B 306 -16.77 -11.52 -27.91
CA VAL B 306 -17.09 -10.09 -28.10
C VAL B 306 -15.86 -9.31 -28.53
N LYS B 307 -16.09 -8.09 -29.02
CA LYS B 307 -15.00 -7.18 -29.42
C LYS B 307 -14.50 -6.41 -28.21
N ALA B 308 -13.18 -6.31 -28.08
CA ALA B 308 -12.55 -5.69 -26.91
C ALA B 308 -13.06 -4.28 -26.60
N ARG B 309 -13.56 -3.58 -27.63
CA ARG B 309 -14.19 -2.26 -27.46
C ARG B 309 -15.35 -2.30 -26.46
N ASP B 310 -16.04 -3.43 -26.37
CA ASP B 310 -17.23 -3.59 -25.50
C ASP B 310 -16.83 -3.72 -24.04
N LEU B 311 -15.74 -4.45 -23.79
CA LEU B 311 -15.18 -4.60 -22.45
C LEU B 311 -14.47 -3.33 -21.97
N ALA B 312 -14.15 -2.45 -22.91
CA ALA B 312 -13.45 -1.18 -22.61
C ALA B 312 -14.13 -0.40 -21.48
N GLY B 313 -13.45 -0.31 -20.34
CA GLY B 313 -13.96 0.39 -19.16
C GLY B 313 -14.21 -0.52 -17.96
N GLN B 314 -14.47 -1.80 -18.23
CA GLN B 314 -14.78 -2.76 -17.18
C GLN B 314 -13.57 -2.97 -16.26
N PRO B 315 -13.79 -2.99 -14.94
CA PRO B 315 -12.68 -3.25 -14.00
C PRO B 315 -12.36 -4.73 -13.81
N ASP B 316 -11.24 -5.01 -13.14
CA ASP B 316 -10.83 -6.36 -12.74
C ASP B 316 -10.90 -7.42 -13.83
N LEU B 317 -10.14 -7.22 -14.91
CA LEU B 317 -10.06 -8.18 -16.01
C LEU B 317 -8.65 -8.75 -16.14
N LEU B 318 -8.50 -9.85 -16.86
CA LEU B 318 -7.18 -10.47 -17.11
C LEU B 318 -7.07 -10.99 -18.54
N PHE B 319 -6.62 -10.12 -19.44
CA PHE B 319 -6.46 -10.47 -20.87
C PHE B 319 -5.24 -11.38 -21.07
N ARG B 320 -5.33 -12.29 -22.05
CA ARG B 320 -4.27 -13.26 -22.30
C ARG B 320 -4.45 -14.01 -23.63
N ARG B 321 -3.35 -14.58 -24.11
CA ARG B 321 -3.35 -15.39 -25.33
C ARG B 321 -3.10 -16.85 -24.99
N ASN B 322 -4.05 -17.70 -25.36
CA ASN B 322 -3.96 -19.14 -25.13
C ASN B 322 -2.85 -19.75 -26.00
N SER B 323 -1.87 -20.37 -25.35
CA SER B 323 -0.64 -20.80 -26.04
C SER B 323 -0.77 -22.06 -26.93
N GLN B 324 -1.94 -22.71 -26.91
CA GLN B 324 -2.16 -23.93 -27.67
C GLN B 324 -2.98 -23.70 -28.94
N ASN B 325 -4.00 -22.85 -28.86
CA ASN B 325 -4.86 -22.55 -30.01
C ASN B 325 -4.79 -21.09 -30.50
N GLY B 326 -3.97 -20.28 -29.83
CA GLY B 326 -3.78 -18.88 -30.22
C GLY B 326 -4.99 -17.98 -30.00
N ALA B 327 -5.90 -18.41 -29.14
CA ALA B 327 -7.13 -17.68 -28.86
C ALA B 327 -6.89 -16.56 -27.84
N VAL B 328 -7.35 -15.36 -28.17
CA VAL B 328 -7.33 -14.23 -27.24
C VAL B 328 -8.45 -14.41 -26.23
N GLU B 329 -8.11 -14.33 -24.94
CA GLU B 329 -9.07 -14.60 -23.87
C GLU B 329 -9.09 -13.47 -22.83
N CYS B 330 -10.13 -13.48 -22.00
CA CYS B 330 -10.28 -12.51 -20.90
C CYS B 330 -11.03 -13.11 -19.69
N LYS B 331 -10.46 -12.95 -18.50
CA LYS B 331 -11.01 -13.52 -17.27
C LYS B 331 -11.10 -12.46 -16.17
N GLN C 6 42.92 -8.07 8.13
CA GLN C 6 42.46 -9.13 7.19
C GLN C 6 42.62 -8.71 5.73
N SER C 7 42.44 -9.67 4.82
CA SER C 7 42.66 -9.45 3.39
C SER C 7 41.50 -8.71 2.72
N LEU C 8 41.62 -7.39 2.58
CA LEU C 8 40.54 -6.55 2.08
C LEU C 8 39.86 -7.12 0.83
N PHE C 9 38.54 -7.01 0.80
CA PHE C 9 37.78 -7.25 -0.40
C PHE C 9 38.15 -6.19 -1.44
N SER C 10 38.06 -4.91 -1.08
CA SER C 10 38.26 -3.83 -2.06
C SER C 10 38.74 -2.52 -1.45
N LEU C 11 39.51 -1.76 -2.23
CA LEU C 11 39.84 -0.38 -1.89
C LEU C 11 39.99 0.53 -3.11
N ALA C 12 39.62 1.79 -2.92
CA ALA C 12 39.54 2.73 -4.02
C ALA C 12 39.60 4.16 -3.52
N PHE C 13 40.36 4.99 -4.24
CA PHE C 13 40.49 6.40 -3.93
C PHE C 13 39.57 7.20 -4.85
N GLY C 14 38.46 7.68 -4.28
CA GLY C 14 37.37 8.28 -5.06
C GLY C 14 37.29 9.79 -4.97
N VAL C 15 36.68 10.40 -5.99
CA VAL C 15 36.51 11.85 -6.05
C VAL C 15 35.07 12.10 -6.49
N GLY C 16 34.27 12.68 -5.58
CA GLY C 16 32.82 12.70 -5.77
C GLY C 16 32.22 14.09 -5.74
N THR C 17 30.91 14.13 -5.51
CA THR C 17 30.19 15.39 -5.41
C THR C 17 29.22 15.28 -4.24
N GLN C 18 29.04 16.39 -3.55
CA GLN C 18 28.18 16.43 -2.38
C GLN C 18 27.10 17.52 -2.52
N ASN C 19 25.91 17.25 -2.00
CA ASN C 19 24.85 18.26 -1.88
C ASN C 19 25.21 19.28 -0.79
N ARG C 20 24.58 20.46 -0.83
CA ARG C 20 24.96 21.59 0.05
C ARG C 20 25.19 21.23 1.53
N GLN C 21 24.61 20.12 1.96
CA GLN C 21 24.71 19.63 3.34
C GLN C 21 25.81 18.56 3.52
N GLU C 22 26.73 18.47 2.56
CA GLU C 22 27.86 17.51 2.60
C GLU C 22 27.46 16.03 2.48
N ALA C 23 26.22 15.76 2.06
CA ALA C 23 25.85 14.40 1.73
C ALA C 23 26.38 14.10 0.34
N TRP C 24 26.94 12.90 0.16
CA TRP C 24 27.47 12.47 -1.15
C TRP C 24 26.33 12.33 -2.16
N LEU C 25 26.62 12.68 -3.42
CA LEU C 25 25.71 12.40 -4.56
C LEU C 25 26.24 11.29 -5.48
N GLU C 26 27.56 11.17 -5.59
CA GLU C 26 28.21 10.18 -6.45
C GLU C 26 29.67 10.22 -6.11
N VAL C 27 30.41 9.20 -6.53
CA VAL C 27 31.86 9.24 -6.39
C VAL C 27 32.49 8.49 -7.55
N PHE C 28 33.53 9.08 -8.13
CA PHE C 28 34.25 8.50 -9.25
C PHE C 28 35.46 7.71 -8.72
N TYR C 29 35.64 6.49 -9.20
CA TYR C 29 36.78 5.64 -8.81
C TYR C 29 37.55 5.26 -10.09
N ALA C 30 38.68 5.92 -10.31
CA ALA C 30 39.47 5.79 -11.54
C ALA C 30 40.12 4.41 -11.71
N LEU C 31 40.56 3.84 -10.59
CA LEU C 31 41.33 2.61 -10.59
C LEU C 31 41.00 1.77 -9.35
N PRO C 32 39.74 1.30 -9.24
CA PRO C 32 39.38 0.45 -8.10
C PRO C 32 40.12 -0.90 -8.08
N LEU C 33 40.36 -1.42 -6.89
CA LEU C 33 41.09 -2.69 -6.72
C LEU C 33 40.22 -3.74 -6.04
N LEU C 34 40.20 -4.94 -6.62
CA LEU C 34 39.69 -6.13 -5.95
C LEU C 34 40.88 -6.75 -5.23
N LYS C 35 40.70 -7.06 -3.94
CA LYS C 35 41.75 -7.68 -3.12
C LYS C 35 43.10 -6.98 -3.29
N PRO C 36 43.22 -5.79 -2.71
CA PRO C 36 44.47 -5.04 -2.79
C PRO C 36 45.60 -5.79 -2.08
N SER C 37 46.84 -5.33 -2.21
CA SER C 37 47.97 -6.00 -1.55
C SER C 37 48.24 -5.38 -0.19
N SER C 38 48.74 -6.18 0.74
CA SER C 38 49.05 -5.68 2.09
C SER C 38 50.08 -4.53 2.07
N GLU C 39 50.96 -4.52 1.06
CA GLU C 39 51.99 -3.49 0.96
C GLU C 39 51.39 -2.13 0.60
N ILE C 40 50.35 -2.14 -0.24
CA ILE C 40 49.57 -0.93 -0.52
C ILE C 40 48.75 -0.53 0.71
N VAL C 41 48.11 -1.51 1.34
CA VAL C 41 47.22 -1.26 2.47
C VAL C 41 47.98 -0.78 3.71
N ALA C 42 49.14 -1.37 4.00
CA ALA C 42 49.93 -0.96 5.17
C ALA C 42 50.41 0.47 5.01
N ALA C 43 50.68 0.88 3.77
CA ALA C 43 51.11 2.25 3.52
C ALA C 43 50.01 3.23 3.94
N VAL C 44 48.81 3.04 3.41
CA VAL C 44 47.70 3.99 3.57
C VAL C 44 46.92 3.83 4.88
N ALA C 45 46.86 2.59 5.40
CA ALA C 45 45.98 2.25 6.53
C ALA C 45 46.10 3.15 7.77
N PRO C 46 47.35 3.46 8.21
CA PRO C 46 47.55 4.41 9.32
C PRO C 46 47.22 5.87 8.96
N ILE C 47 47.08 6.15 7.67
CA ILE C 47 46.80 7.51 7.22
C ILE C 47 45.30 7.77 7.19
N LEU C 48 44.52 6.76 6.79
CA LEU C 48 43.07 6.93 6.67
C LEU C 48 42.36 7.01 8.02
N GLY C 49 43.09 6.77 9.11
CA GLY C 49 42.45 6.49 10.39
C GLY C 49 41.54 5.30 10.24
N TYR C 50 42.00 4.30 9.48
CA TYR C 50 41.27 3.03 9.30
C TYR C 50 41.82 2.05 10.31
N ALA C 51 40.94 1.21 10.86
CA ALA C 51 41.32 0.10 11.73
C ALA C 51 40.81 -1.24 11.21
N ALA C 52 39.54 -1.26 10.79
CA ALA C 52 38.91 -2.48 10.26
C ALA C 52 37.49 -2.21 9.73
N GLY C 53 36.83 -3.26 9.27
CA GLY C 53 35.44 -3.15 8.79
C GLY C 53 35.30 -2.65 7.36
N ASN C 54 34.16 -2.01 7.07
CA ASN C 54 33.89 -1.35 5.78
C ASN C 54 33.72 0.16 6.01
N GLN C 55 34.72 0.94 5.61
CA GLN C 55 34.80 2.34 5.96
C GLN C 55 34.93 3.22 4.71
N ALA C 56 34.16 4.31 4.68
CA ALA C 56 34.26 5.35 3.66
C ALA C 56 34.89 6.59 4.28
N LEU C 57 36.22 6.65 4.21
CA LEU C 57 36.98 7.61 4.97
C LEU C 57 37.28 8.83 4.12
N THR C 58 36.51 9.90 4.37
CA THR C 58 36.73 11.18 3.73
C THR C 58 38.10 11.73 4.16
N PHE C 59 38.90 12.19 3.20
CA PHE C 59 40.27 12.62 3.52
C PHE C 59 40.68 13.87 2.73
N THR C 60 41.88 14.38 3.00
CA THR C 60 42.23 15.75 2.61
C THR C 60 43.27 15.84 1.51
N SER C 61 43.35 17.03 0.93
CA SER C 61 44.28 17.36 -0.15
C SER C 61 45.73 17.13 0.29
N GLN C 62 46.00 17.46 1.55
CA GLN C 62 47.33 17.27 2.13
C GLN C 62 47.65 15.79 2.26
N GLN C 63 46.71 15.02 2.78
CA GLN C 63 46.85 13.57 2.92
C GLN C 63 47.05 12.88 1.56
N ALA C 64 46.43 13.42 0.53
CA ALA C 64 46.63 12.92 -0.83
C ALA C 64 48.11 13.01 -1.22
N TYR C 65 48.79 14.06 -0.77
CA TYR C 65 50.24 14.19 -0.94
C TYR C 65 50.98 13.21 -0.04
N GLN C 66 50.49 13.04 1.19
CA GLN C 66 51.01 12.01 2.10
C GLN C 66 50.94 10.63 1.45
N LEU C 67 49.75 10.26 0.93
CA LEU C 67 49.55 8.93 0.36
C LEU C 67 50.41 8.75 -0.90
N ALA C 68 50.30 9.68 -1.83
CA ALA C 68 51.12 9.66 -3.06
C ALA C 68 52.58 9.30 -2.75
N ASP C 69 53.08 9.84 -1.65
CA ASP C 69 54.43 9.56 -1.17
C ASP C 69 54.51 8.15 -0.62
N ALA C 70 53.68 7.83 0.37
CA ALA C 70 53.64 6.50 1.00
C ALA C 70 53.42 5.32 0.02
N LEU C 71 53.10 5.62 -1.24
CA LEU C 71 52.98 4.59 -2.28
C LEU C 71 54.06 4.70 -3.37
N LYS C 72 54.91 5.73 -3.31
CA LYS C 72 56.12 5.76 -4.11
C LYS C 72 56.90 4.48 -3.78
N GLY C 73 57.18 3.69 -4.81
CA GLY C 73 57.88 2.41 -4.65
C GLY C 73 56.98 1.19 -4.71
N ILE C 74 55.71 1.33 -4.31
CA ILE C 74 54.80 0.20 -4.13
C ILE C 74 53.92 -0.04 -5.36
N ASP C 75 53.03 0.91 -5.62
CA ASP C 75 52.06 0.82 -6.71
C ASP C 75 52.00 2.18 -7.37
N ALA C 76 52.92 2.39 -8.32
CA ALA C 76 53.07 3.67 -9.00
C ALA C 76 51.75 4.27 -9.50
N ALA C 77 50.84 3.43 -9.99
CA ALA C 77 49.58 3.92 -10.55
C ALA C 77 48.70 4.55 -9.47
N GLN C 78 48.58 3.87 -8.32
CA GLN C 78 47.82 4.38 -7.18
C GLN C 78 48.47 5.62 -6.59
N SER C 79 49.80 5.64 -6.65
CA SER C 79 50.60 6.81 -6.28
C SER C 79 50.33 7.98 -7.24
N ALA C 80 50.47 7.74 -8.54
CA ALA C 80 50.20 8.75 -9.57
C ALA C 80 48.73 9.18 -9.59
N LEU C 81 47.84 8.27 -9.21
CA LEU C 81 46.42 8.58 -9.01
C LEU C 81 46.30 9.60 -7.87
N LEU C 82 47.00 9.35 -6.77
CA LEU C 82 46.89 10.20 -5.57
C LEU C 82 47.59 11.56 -5.69
N SER C 83 48.63 11.63 -6.52
CA SER C 83 49.18 12.93 -6.89
C SER C 83 48.08 13.76 -7.54
N ARG C 84 47.51 13.26 -8.63
CA ARG C 84 46.41 13.93 -9.35
C ARG C 84 45.30 14.40 -8.39
N LEU C 85 44.89 13.52 -7.49
CA LEU C 85 43.79 13.78 -6.53
C LEU C 85 44.10 14.88 -5.51
N ALA C 86 45.38 15.24 -5.40
CA ALA C 86 45.82 16.36 -4.55
C ALA C 86 45.57 17.73 -5.19
N GLU C 87 45.12 17.73 -6.45
CA GLU C 87 44.73 18.94 -7.17
C GLU C 87 43.20 19.04 -7.24
N SER C 88 42.50 18.08 -6.62
CA SER C 88 41.07 17.92 -6.84
C SER C 88 40.20 19.05 -6.28
N GLN C 89 39.35 19.59 -7.16
CA GLN C 89 38.40 20.65 -6.79
C GLN C 89 37.20 20.10 -6.01
N LYS C 90 37.08 18.76 -5.99
CA LYS C 90 36.01 18.06 -5.33
C LYS C 90 36.54 17.36 -4.08
N PRO C 91 35.66 16.76 -3.27
CA PRO C 91 36.06 16.00 -2.06
C PRO C 91 36.35 14.50 -2.28
N LEU C 92 37.19 13.94 -1.41
CA LEU C 92 37.80 12.62 -1.61
C LEU C 92 37.31 11.59 -0.60
N VAL C 93 37.26 10.33 -1.01
CA VAL C 93 36.75 9.26 -0.17
C VAL C 93 37.50 7.96 -0.47
N ALA C 94 38.51 7.70 0.36
CA ALA C 94 39.19 6.42 0.34
C ALA C 94 38.25 5.44 0.99
N THR C 95 37.69 4.56 0.18
CA THR C 95 36.75 3.54 0.64
C THR C 95 37.46 2.19 0.75
N LEU C 96 37.42 1.59 1.95
CA LEU C 96 38.06 0.29 2.19
C LEU C 96 37.10 -0.72 2.78
N LEU C 97 36.73 -1.74 1.99
CA LEU C 97 35.88 -2.82 2.47
C LEU C 97 36.72 -3.98 2.99
N ALA C 98 36.25 -4.60 4.09
CA ALA C 98 36.90 -5.80 4.65
C ALA C 98 36.29 -7.06 4.08
N GLU C 99 34.95 -7.11 4.06
CA GLU C 99 34.22 -8.24 3.52
C GLU C 99 33.28 -7.77 2.40
N ASP C 100 32.99 -8.68 1.48
CA ASP C 100 31.83 -8.54 0.61
C ASP C 100 30.59 -8.57 1.50
N ALA C 101 30.14 -7.37 1.90
CA ALA C 101 29.02 -7.22 2.83
C ALA C 101 28.05 -6.19 2.30
N ALA C 102 26.80 -6.23 2.75
CA ALA C 102 25.80 -5.28 2.28
C ALA C 102 26.36 -3.87 2.45
N PRO C 103 26.23 -3.02 1.42
CA PRO C 103 26.82 -1.70 1.59
C PRO C 103 26.24 -1.00 2.79
N SER C 104 27.05 -0.17 3.44
CA SER C 104 26.55 0.69 4.50
C SER C 104 26.80 2.15 4.16
N SER C 105 27.11 2.42 2.88
CA SER C 105 27.28 3.77 2.39
C SER C 105 26.97 3.87 0.90
N THR C 106 26.43 5.02 0.51
CA THR C 106 26.44 5.46 -0.89
C THR C 106 27.84 5.34 -1.50
N ALA C 107 28.89 5.72 -0.75
CA ALA C 107 30.28 5.73 -1.26
C ALA C 107 30.83 4.32 -1.51
N GLU C 108 30.41 3.37 -0.67
CA GLU C 108 30.69 1.93 -0.89
C GLU C 108 29.79 1.37 -2.00
N ALA C 109 28.51 1.74 -1.99
CA ALA C 109 27.60 1.41 -3.09
C ALA C 109 28.26 1.77 -4.45
N TYR C 110 28.75 2.99 -4.57
CA TYR C 110 29.41 3.45 -5.81
C TYR C 110 30.69 2.68 -6.15
N LEU C 111 31.47 2.31 -5.13
CA LEU C 111 32.61 1.43 -5.34
C LEU C 111 32.15 0.12 -5.93
N LYS C 112 31.13 -0.50 -5.31
CA LYS C 112 30.66 -1.82 -5.75
C LYS C 112 30.11 -1.88 -7.18
N LEU C 113 29.48 -0.79 -7.63
CA LEU C 113 29.04 -0.72 -9.02
C LEU C 113 30.27 -0.57 -9.97
N HIS C 114 31.32 0.10 -9.51
CA HIS C 114 32.56 0.21 -10.31
C HIS C 114 33.26 -1.15 -10.53
N LEU C 115 33.02 -2.16 -9.68
CA LEU C 115 33.66 -3.48 -9.81
C LEU C 115 33.05 -4.32 -10.92
N LEU C 116 31.72 -4.36 -10.99
CA LEU C 116 31.03 -4.97 -12.11
C LEU C 116 31.50 -4.29 -13.42
N SER C 117 31.38 -2.97 -13.49
CA SER C 117 31.66 -2.25 -14.75
C SER C 117 33.12 -2.34 -15.22
N HIS C 118 34.08 -2.19 -14.30
CA HIS C 118 35.51 -2.45 -14.62
C HIS C 118 35.80 -3.93 -14.86
N ARG C 119 34.76 -4.76 -14.77
CA ARG C 119 34.86 -6.21 -14.93
C ARG C 119 35.69 -6.86 -13.83
N LEU C 120 35.88 -6.16 -12.70
CA LEU C 120 36.70 -6.71 -11.61
C LEU C 120 35.96 -7.86 -10.92
N VAL C 121 34.64 -7.79 -10.91
CA VAL C 121 33.79 -8.92 -10.53
C VAL C 121 32.70 -9.09 -11.57
N LYS C 122 32.13 -10.27 -11.62
CA LYS C 122 31.00 -10.55 -12.50
C LYS C 122 29.71 -10.37 -11.70
N PRO C 123 28.57 -10.26 -12.42
CA PRO C 123 27.27 -10.18 -11.76
C PRO C 123 27.07 -11.27 -10.71
N HIS C 124 26.50 -10.89 -9.57
CA HIS C 124 26.27 -11.77 -8.42
C HIS C 124 27.49 -12.13 -7.59
N ALA C 125 28.66 -11.59 -7.94
CA ALA C 125 29.90 -11.80 -7.18
C ALA C 125 30.10 -10.68 -6.19
N VAL C 126 29.01 -9.96 -5.91
CA VAL C 126 29.07 -8.73 -5.17
C VAL C 126 27.75 -8.56 -4.42
N ASN C 127 27.84 -8.15 -3.15
CA ASN C 127 26.64 -8.01 -2.34
C ASN C 127 26.04 -6.65 -2.64
N LEU C 128 24.88 -6.66 -3.29
CA LEU C 128 24.11 -5.46 -3.58
C LEU C 128 22.76 -5.52 -2.86
N SER C 129 22.75 -6.13 -1.67
CA SER C 129 21.59 -6.13 -0.79
C SER C 129 21.47 -4.77 -0.13
N GLY C 130 20.32 -4.12 -0.34
CA GLY C 130 20.01 -2.84 0.29
C GLY C 130 20.50 -1.60 -0.44
N ILE C 131 21.02 -1.75 -1.65
CA ILE C 131 21.76 -0.65 -2.28
C ILE C 131 20.88 0.56 -2.65
N PHE C 132 19.65 0.32 -3.10
CA PHE C 132 18.75 1.39 -3.58
C PHE C 132 18.62 2.59 -2.63
N PRO C 133 18.28 2.35 -1.35
CA PRO C 133 18.24 3.48 -0.40
C PRO C 133 19.50 4.32 -0.36
N LEU C 134 20.64 3.71 -0.68
CA LEU C 134 21.96 4.35 -0.59
C LEU C 134 22.40 5.09 -1.86
N LEU C 135 21.53 5.20 -2.85
CA LEU C 135 21.88 5.93 -4.07
C LEU C 135 20.92 7.10 -4.24
N PRO C 136 21.35 8.32 -3.85
CA PRO C 136 20.41 9.43 -3.95
C PRO C 136 19.92 9.63 -5.39
N ASN C 137 18.63 9.92 -5.56
CA ASN C 137 18.06 10.23 -6.86
C ASN C 137 18.56 11.62 -7.22
N VAL C 138 19.32 11.70 -8.30
CA VAL C 138 20.15 12.85 -8.66
C VAL C 138 19.79 13.35 -10.05
N ALA C 139 20.08 14.62 -10.30
CA ALA C 139 20.00 15.22 -11.63
C ALA C 139 21.34 15.02 -12.34
N TRP C 140 21.33 14.23 -13.40
CA TRP C 140 22.52 13.98 -14.19
C TRP C 140 22.51 14.93 -15.38
N THR C 141 23.44 15.86 -15.33
CA THR C 141 23.51 16.98 -16.23
C THR C 141 24.90 17.14 -16.82
N ASN C 142 25.04 18.10 -17.73
CA ASN C 142 26.34 18.37 -18.36
C ASN C 142 27.42 18.91 -17.41
N ILE C 143 27.03 19.54 -16.28
CA ILE C 143 28.02 20.00 -15.28
C ILE C 143 28.31 18.91 -14.24
N GLY C 144 27.59 17.80 -14.32
CA GLY C 144 27.78 16.68 -13.42
C GLY C 144 26.55 16.41 -12.56
N ALA C 145 26.81 16.07 -11.31
CA ALA C 145 25.75 15.65 -10.41
C ALA C 145 25.16 16.87 -9.70
N VAL C 146 23.85 17.01 -9.80
CA VAL C 146 23.12 18.11 -9.17
C VAL C 146 21.99 17.54 -8.28
N ASP C 147 21.93 18.03 -7.05
CA ASP C 147 20.90 17.61 -6.11
C ASP C 147 19.52 18.11 -6.59
N LEU C 148 18.50 17.29 -6.46
CA LEU C 148 17.16 17.64 -6.95
C LEU C 148 16.61 18.95 -6.37
N ALA C 149 16.93 19.20 -5.10
CA ALA C 149 16.48 20.40 -4.41
C ALA C 149 17.10 21.68 -4.97
N GLU C 150 18.27 21.57 -5.59
CA GLU C 150 19.03 22.73 -6.06
C GLU C 150 18.98 22.94 -7.59
N LEU C 151 18.26 22.07 -8.29
CA LEU C 151 18.27 22.04 -9.76
C LEU C 151 17.67 23.32 -10.37
N ALA C 152 16.39 23.58 -10.08
CA ALA C 152 15.66 24.68 -10.74
C ALA C 152 16.44 25.99 -10.72
N GLU C 153 17.17 26.21 -9.64
CA GLU C 153 18.03 27.35 -9.49
C GLU C 153 19.08 27.41 -10.60
N LEU C 154 19.87 26.35 -10.74
CA LEU C 154 20.94 26.32 -11.74
C LEU C 154 20.39 26.28 -13.16
N GLN C 155 19.21 25.70 -13.34
CA GLN C 155 18.52 25.72 -14.63
C GLN C 155 18.23 27.16 -15.08
N LEU C 156 17.82 28.01 -14.15
CA LEU C 156 17.41 29.38 -14.46
C LEU C 156 18.63 30.22 -14.81
N GLU C 157 19.67 30.09 -13.99
CA GLU C 157 20.88 30.87 -14.19
C GLU C 157 21.48 30.62 -15.55
N ALA C 158 21.49 29.37 -15.98
CA ALA C 158 22.00 29.01 -17.31
C ALA C 158 21.22 29.77 -18.38
N ARG C 159 19.89 29.76 -18.30
CA ARG C 159 19.03 30.44 -19.27
C ARG C 159 19.27 31.94 -19.34
N LEU C 160 19.56 32.56 -18.21
CA LEU C 160 19.88 34.00 -18.16
C LEU C 160 21.15 34.31 -18.95
N LYS C 161 22.14 33.43 -18.82
CA LYS C 161 23.43 33.62 -19.49
C LYS C 161 23.40 33.12 -20.93
N GLY C 162 22.21 32.82 -21.45
CA GLY C 162 22.05 32.38 -22.84
C GLY C 162 22.55 30.98 -23.08
N LYS C 163 22.64 30.20 -21.99
CA LYS C 163 23.22 28.86 -21.99
C LYS C 163 22.13 27.86 -21.62
N LEU C 164 22.48 26.58 -21.66
CA LEU C 164 21.58 25.47 -21.31
C LEU C 164 22.19 24.56 -20.25
N LEU C 165 21.44 24.29 -19.18
CA LEU C 165 21.85 23.27 -18.23
C LEU C 165 21.13 22.00 -18.63
N GLU C 166 21.80 21.12 -19.38
CA GLU C 166 21.11 19.95 -19.89
C GLU C 166 20.96 18.89 -18.82
N VAL C 167 19.73 18.39 -18.64
CA VAL C 167 19.44 17.31 -17.71
C VAL C 167 19.14 16.05 -18.49
N PHE C 168 20.13 15.15 -18.60
CA PHE C 168 20.00 14.02 -19.53
C PHE C 168 19.47 12.73 -18.89
N SER C 169 19.50 12.65 -17.56
CA SER C 169 18.84 11.57 -16.81
C SER C 169 18.51 12.12 -15.43
N VAL C 170 17.46 11.57 -14.81
CA VAL C 170 17.13 11.81 -13.40
C VAL C 170 16.81 10.41 -12.81
N ASP C 171 17.82 9.80 -12.18
CA ASP C 171 17.75 8.43 -11.70
C ASP C 171 18.78 8.24 -10.58
N LYS C 172 18.66 7.10 -9.90
CA LYS C 172 19.56 6.74 -8.82
C LYS C 172 20.83 6.06 -9.38
N PHE C 173 20.79 5.65 -10.65
CA PHE C 173 21.99 5.16 -11.33
C PHE C 173 22.44 6.16 -12.39
N PRO C 174 23.75 6.43 -12.46
CA PRO C 174 24.25 7.15 -13.64
C PRO C 174 24.42 6.18 -14.81
N LYS C 175 24.77 6.69 -15.97
CA LYS C 175 25.16 5.80 -17.07
C LYS C 175 26.60 5.41 -16.85
N MET C 176 26.92 4.17 -17.21
CA MET C 176 28.23 3.60 -16.97
C MET C 176 29.36 4.41 -17.59
N THR C 177 29.22 4.75 -18.87
CA THR C 177 30.32 5.31 -19.64
C THR C 177 30.86 6.63 -19.11
N ASP C 178 30.07 7.33 -18.28
CA ASP C 178 30.56 8.53 -17.64
C ASP C 178 31.61 8.21 -16.59
N TYR C 179 31.71 6.94 -16.16
CA TYR C 179 32.73 6.49 -15.22
C TYR C 179 33.79 5.53 -15.83
N VAL C 180 33.38 4.70 -16.79
CA VAL C 180 34.25 3.64 -17.34
C VAL C 180 33.72 3.11 -18.68
N VAL C 181 34.63 2.93 -19.64
CA VAL C 181 34.35 2.16 -20.85
C VAL C 181 35.41 1.06 -20.97
N PRO C 182 35.04 -0.18 -20.59
CA PRO C 182 36.05 -1.24 -20.64
C PRO C 182 36.43 -1.59 -22.09
N ALA C 183 37.40 -2.48 -22.26
CA ALA C 183 38.02 -2.68 -23.56
C ALA C 183 37.18 -3.57 -24.50
N GLY C 184 37.25 -3.26 -25.81
CA GLY C 184 36.62 -4.08 -26.85
C GLY C 184 35.11 -3.97 -26.90
N VAL C 185 34.62 -2.83 -26.42
CA VAL C 185 33.20 -2.60 -26.20
C VAL C 185 32.68 -1.54 -27.17
N ARG C 186 31.47 -1.76 -27.68
CA ARG C 186 30.70 -0.74 -28.39
C ARG C 186 29.33 -0.58 -27.75
N ILE C 187 28.95 0.67 -27.50
CA ILE C 187 27.62 1.00 -26.98
C ILE C 187 27.08 2.21 -27.75
N ALA C 188 26.12 1.96 -28.65
CA ALA C 188 25.66 3.00 -29.59
C ALA C 188 25.02 4.16 -28.85
N ASP C 189 24.19 3.84 -27.86
CA ASP C 189 23.50 4.86 -27.04
C ASP C 189 23.78 4.53 -25.57
N THR C 190 24.80 5.18 -25.02
CA THR C 190 25.25 4.90 -23.65
C THR C 190 24.24 5.28 -22.57
N ALA C 191 23.14 5.95 -22.96
CA ALA C 191 22.01 6.14 -22.05
C ALA C 191 21.46 4.78 -21.64
N ARG C 192 21.63 3.79 -22.51
CA ARG C 192 21.00 2.49 -22.32
C ARG C 192 21.78 1.44 -21.53
N VAL C 193 22.90 1.83 -20.93
CA VAL C 193 23.68 0.88 -20.14
C VAL C 193 24.01 1.55 -18.80
N ARG C 194 23.37 1.07 -17.74
CA ARG C 194 23.59 1.60 -16.39
C ARG C 194 24.96 1.25 -15.82
N LEU C 195 25.43 2.05 -14.87
CA LEU C 195 26.62 1.73 -14.12
C LEU C 195 26.27 0.48 -13.32
N GLY C 196 27.24 -0.44 -13.19
CA GLY C 196 27.01 -1.74 -12.56
C GLY C 196 26.83 -2.85 -13.58
N ALA C 197 26.80 -2.49 -14.87
CA ALA C 197 26.66 -3.45 -15.95
C ALA C 197 28.03 -3.99 -16.31
N TYR C 198 28.07 -5.28 -16.60
CA TYR C 198 29.26 -5.99 -17.02
C TYR C 198 29.08 -6.13 -18.51
N ILE C 199 29.89 -5.41 -19.28
CA ILE C 199 29.88 -5.48 -20.73
C ILE C 199 31.20 -6.16 -21.17
N GLY C 200 31.12 -7.43 -21.51
CA GLY C 200 32.31 -8.24 -21.81
C GLY C 200 32.89 -7.99 -23.18
N GLU C 201 34.18 -8.27 -23.33
CA GLU C 201 34.92 -8.00 -24.57
C GLU C 201 34.19 -8.58 -25.76
N GLY C 202 34.14 -7.79 -26.83
CA GLY C 202 33.47 -8.18 -28.06
C GLY C 202 31.95 -8.02 -28.04
N THR C 203 31.44 -7.37 -26.99
CA THR C 203 30.01 -7.08 -26.93
C THR C 203 29.74 -5.80 -27.71
N THR C 204 28.69 -5.83 -28.52
CA THR C 204 28.19 -4.66 -29.19
C THR C 204 26.73 -4.46 -28.76
N VAL C 205 26.49 -3.43 -27.94
CA VAL C 205 25.14 -3.04 -27.54
C VAL C 205 24.60 -1.97 -28.51
N MET C 206 23.60 -2.34 -29.30
CA MET C 206 22.97 -1.41 -30.23
C MET C 206 22.03 -0.46 -29.48
N HIS C 207 21.54 0.54 -30.21
CA HIS C 207 20.73 1.61 -29.67
C HIS C 207 19.53 1.08 -28.91
N GLU C 208 18.96 -0.01 -29.43
CA GLU C 208 17.79 -0.66 -28.84
C GLU C 208 18.11 -1.55 -27.63
N GLY C 209 19.40 -1.85 -27.43
CA GLY C 209 19.83 -2.66 -26.30
C GLY C 209 19.71 -1.90 -24.99
N PHE C 210 19.48 -2.62 -23.91
CA PHE C 210 19.56 -2.04 -22.57
C PHE C 210 20.30 -3.04 -21.66
N VAL C 211 21.15 -2.54 -20.76
CA VAL C 211 21.79 -3.39 -19.74
C VAL C 211 21.77 -2.75 -18.35
N ASN C 212 21.13 -3.43 -17.41
CA ASN C 212 20.93 -2.94 -16.05
C ASN C 212 22.17 -3.18 -15.17
N PHE C 213 22.18 -2.59 -13.98
CA PHE C 213 23.22 -2.90 -13.00
C PHE C 213 23.18 -4.40 -12.70
N ASN C 214 24.30 -4.94 -12.20
CA ASN C 214 24.41 -6.37 -11.86
C ASN C 214 23.95 -7.31 -12.99
N ALA C 215 24.26 -6.95 -14.23
CA ALA C 215 23.73 -7.69 -15.38
C ALA C 215 24.63 -7.51 -16.61
N GLY C 216 24.54 -8.43 -17.57
CA GLY C 216 25.29 -8.24 -18.81
C GLY C 216 25.74 -9.45 -19.59
N THR C 217 26.93 -9.31 -20.18
CA THR C 217 27.39 -10.19 -21.23
C THR C 217 28.79 -10.75 -20.95
N GLU C 218 28.95 -12.06 -21.16
CA GLU C 218 30.26 -12.70 -21.15
C GLU C 218 31.17 -12.10 -22.21
N GLY C 219 30.61 -11.86 -23.38
CA GLY C 219 31.37 -11.32 -24.50
C GLY C 219 32.01 -12.47 -25.25
N PRO C 220 32.03 -12.42 -26.60
CA PRO C 220 31.34 -11.45 -27.46
C PRO C 220 29.83 -11.62 -27.45
N GLY C 221 29.12 -10.65 -28.02
CA GLY C 221 27.68 -10.74 -28.15
C GLY C 221 27.08 -9.52 -28.79
N MET C 222 25.94 -9.71 -29.46
CA MET C 222 25.21 -8.60 -30.08
C MET C 222 23.93 -8.41 -29.26
N ILE C 223 23.88 -7.33 -28.48
CA ILE C 223 22.73 -7.04 -27.64
C ILE C 223 21.87 -5.92 -28.24
N GLU C 224 20.74 -6.28 -28.82
CA GLU C 224 19.82 -5.29 -29.37
C GLU C 224 18.51 -5.29 -28.56
N GLY C 225 18.56 -5.92 -27.37
CA GLY C 225 17.40 -6.05 -26.49
C GLY C 225 17.75 -5.75 -25.04
N ARG C 226 16.79 -6.02 -24.15
CA ARG C 226 16.85 -5.56 -22.77
C ARG C 226 17.36 -6.63 -21.80
N VAL C 227 18.47 -6.34 -21.14
CA VAL C 227 19.09 -7.24 -20.15
C VAL C 227 18.81 -6.77 -18.73
N SER C 228 17.89 -7.47 -18.08
CA SER C 228 17.33 -7.03 -16.80
C SER C 228 18.29 -7.28 -15.64
N ALA C 229 18.00 -6.66 -14.50
CA ALA C 229 18.85 -6.76 -13.32
C ALA C 229 19.14 -8.21 -12.94
N GLY C 230 20.42 -8.56 -12.77
CA GLY C 230 20.80 -9.94 -12.42
C GLY C 230 20.90 -10.93 -13.58
N VAL C 231 20.59 -10.52 -14.80
CA VAL C 231 20.60 -11.45 -15.93
C VAL C 231 22.01 -11.48 -16.56
N PHE C 232 22.47 -12.66 -16.93
CA PHE C 232 23.78 -12.82 -17.59
C PHE C 232 23.68 -13.61 -18.91
N VAL C 233 24.31 -13.07 -19.95
CA VAL C 233 24.25 -13.62 -21.30
C VAL C 233 25.60 -14.25 -21.63
N GLY C 234 25.61 -15.54 -21.92
CA GLY C 234 26.85 -16.25 -22.25
C GLY C 234 27.45 -15.91 -23.60
N LYS C 235 28.70 -16.33 -23.80
CA LYS C 235 29.45 -15.96 -25.00
C LYS C 235 28.75 -16.39 -26.27
N GLY C 236 28.98 -15.63 -27.34
CA GLY C 236 28.50 -15.99 -28.67
C GLY C 236 27.02 -15.78 -28.95
N SER C 237 26.29 -15.13 -28.04
CA SER C 237 24.84 -15.00 -28.15
C SER C 237 24.36 -13.72 -28.84
N ASP C 238 23.17 -13.79 -29.43
CA ASP C 238 22.55 -12.67 -30.14
C ASP C 238 21.20 -12.34 -29.52
N LEU C 239 21.07 -11.17 -28.89
CA LEU C 239 19.76 -10.68 -28.49
C LEU C 239 19.25 -9.69 -29.55
N GLY C 240 18.15 -10.04 -30.20
CA GLY C 240 17.58 -9.23 -31.29
C GLY C 240 16.83 -8.00 -30.83
N GLY C 241 16.48 -7.15 -31.79
CA GLY C 241 15.88 -5.85 -31.51
C GLY C 241 14.59 -5.91 -30.70
N GLY C 242 14.58 -5.24 -29.56
CA GLY C 242 13.38 -5.11 -28.75
C GLY C 242 13.04 -6.31 -27.88
N CYS C 243 13.88 -7.36 -27.94
CA CYS C 243 13.62 -8.56 -27.17
C CYS C 243 13.75 -8.27 -25.68
N SER C 244 13.00 -9.01 -24.90
CA SER C 244 12.88 -8.80 -23.47
C SER C 244 13.43 -10.02 -22.73
N THR C 245 14.06 -9.77 -21.59
CA THR C 245 14.31 -10.77 -20.56
C THR C 245 13.60 -10.22 -19.31
N MET C 246 13.36 -11.06 -18.31
CA MET C 246 12.63 -10.58 -17.12
C MET C 246 13.53 -10.52 -15.88
N GLY C 247 13.13 -9.67 -14.93
CA GLY C 247 13.94 -9.40 -13.73
C GLY C 247 13.19 -9.79 -12.47
N ASN C 254 10.33 -16.84 -7.13
CA ASN C 254 10.95 -16.28 -8.32
C ASN C 254 12.08 -17.14 -8.88
N ILE C 255 12.61 -16.72 -10.03
CA ILE C 255 13.74 -17.39 -10.67
C ILE C 255 14.62 -16.35 -11.40
N VAL C 256 15.94 -16.57 -11.37
CA VAL C 256 16.90 -15.66 -12.00
C VAL C 256 17.13 -16.07 -13.44
N ILE C 257 16.64 -15.25 -14.37
CA ILE C 257 16.74 -15.53 -15.81
C ILE C 257 18.19 -15.45 -16.28
N SER C 258 18.60 -16.41 -17.10
CA SER C 258 19.91 -16.40 -17.74
C SER C 258 19.79 -16.84 -19.20
N VAL C 259 20.77 -16.44 -20.00
CA VAL C 259 20.88 -16.93 -21.38
C VAL C 259 22.22 -17.65 -21.50
N GLY C 260 22.22 -18.76 -22.26
CA GLY C 260 23.41 -19.57 -22.46
C GLY C 260 24.21 -19.15 -23.67
N GLU C 261 25.19 -19.99 -24.03
CA GLU C 261 26.14 -19.68 -25.09
C GLU C 261 25.56 -19.97 -26.47
N GLY C 262 25.89 -19.12 -27.44
CA GLY C 262 25.47 -19.33 -28.83
C GLY C 262 23.97 -19.31 -29.01
N CYS C 263 23.25 -18.63 -28.11
CA CYS C 263 21.81 -18.49 -28.22
C CYS C 263 21.42 -17.34 -29.14
N LEU C 264 20.29 -17.48 -29.80
CA LEU C 264 19.73 -16.44 -30.68
C LEU C 264 18.29 -16.14 -30.26
N ILE C 265 18.03 -14.91 -29.84
CA ILE C 265 16.67 -14.48 -29.54
C ILE C 265 16.24 -13.46 -30.59
N GLY C 266 15.21 -13.80 -31.36
CA GLY C 266 14.71 -12.96 -32.44
C GLY C 266 14.23 -11.61 -31.96
N ALA C 267 13.96 -10.73 -32.90
CA ALA C 267 13.45 -9.40 -32.58
C ALA C 267 12.11 -9.47 -31.84
N ASN C 268 12.01 -8.74 -30.73
CA ASN C 268 10.78 -8.60 -29.92
C ASN C 268 10.28 -9.89 -29.25
N ALA C 269 11.10 -10.93 -29.25
CA ALA C 269 10.81 -12.14 -28.51
C ALA C 269 10.92 -11.81 -27.02
N GLY C 270 10.31 -12.64 -26.19
CA GLY C 270 10.40 -12.45 -24.74
C GLY C 270 10.68 -13.78 -24.07
N ILE C 271 11.66 -13.80 -23.19
CA ILE C 271 11.98 -15.00 -22.44
C ILE C 271 11.77 -14.80 -20.95
N GLY C 272 11.02 -15.72 -20.36
CA GLY C 272 10.76 -15.73 -18.91
C GLY C 272 11.27 -17.00 -18.25
N ILE C 273 12.14 -17.73 -18.96
CA ILE C 273 12.78 -18.92 -18.42
C ILE C 273 14.26 -18.94 -18.83
N PRO C 274 15.11 -19.62 -18.03
CA PRO C 274 16.52 -19.76 -18.43
C PRO C 274 16.66 -20.53 -19.74
N LEU C 275 17.40 -19.97 -20.69
CA LEU C 275 17.66 -20.66 -21.95
C LEU C 275 19.01 -21.34 -21.90
N GLY C 276 19.01 -22.65 -22.14
CA GLY C 276 20.25 -23.42 -22.22
C GLY C 276 21.08 -23.02 -23.43
N ASP C 277 22.23 -23.68 -23.58
CA ASP C 277 23.16 -23.34 -24.65
C ASP C 277 22.58 -23.65 -26.02
N ARG C 278 22.93 -22.82 -26.99
CA ARG C 278 22.55 -23.01 -28.40
C ARG C 278 21.03 -23.03 -28.61
N ASN C 279 20.30 -22.27 -27.79
CA ASN C 279 18.86 -22.12 -27.93
C ASN C 279 18.48 -21.05 -28.94
N ILE C 280 17.36 -21.27 -29.62
CA ILE C 280 16.80 -20.28 -30.53
C ILE C 280 15.38 -19.95 -30.08
N VAL C 281 15.02 -18.69 -30.20
CA VAL C 281 13.67 -18.23 -29.94
C VAL C 281 13.24 -17.34 -31.10
N GLU C 282 12.12 -17.72 -31.71
CA GLU C 282 11.64 -17.06 -32.91
C GLU C 282 11.26 -15.63 -32.61
N ALA C 283 11.46 -14.76 -33.59
CA ALA C 283 11.08 -13.36 -33.46
C ALA C 283 9.62 -13.25 -33.05
N GLY C 284 9.35 -12.39 -32.07
CA GLY C 284 7.98 -12.06 -31.67
C GLY C 284 7.27 -13.14 -30.87
N LEU C 285 8.04 -13.99 -30.19
CA LEU C 285 7.49 -15.08 -29.39
C LEU C 285 7.80 -14.83 -27.90
N TYR C 286 6.76 -14.68 -27.10
CA TYR C 286 6.94 -14.46 -25.65
C TYR C 286 6.69 -15.76 -24.89
N ILE C 287 7.73 -16.31 -24.27
CA ILE C 287 7.59 -17.51 -23.45
C ILE C 287 7.80 -17.18 -21.97
N THR C 288 6.91 -17.68 -21.12
CA THR C 288 7.02 -17.54 -19.67
C THR C 288 7.11 -18.94 -19.02
N ALA C 289 7.29 -18.98 -17.69
CA ALA C 289 7.43 -20.23 -16.96
C ALA C 289 6.19 -21.12 -17.06
N GLY C 290 5.02 -20.50 -17.17
CA GLY C 290 3.74 -21.22 -17.26
C GLY C 290 3.25 -21.53 -18.67
N THR C 291 3.93 -20.99 -19.68
CA THR C 291 3.50 -21.18 -21.08
C THR C 291 3.61 -22.65 -21.49
N LYS C 292 2.57 -23.17 -22.14
CA LYS C 292 2.53 -24.57 -22.58
C LYS C 292 3.03 -24.70 -24.02
N VAL C 293 3.93 -25.66 -24.23
CA VAL C 293 4.66 -25.81 -25.49
C VAL C 293 4.46 -27.18 -26.11
N ALA C 294 4.20 -27.21 -27.43
CA ALA C 294 4.05 -28.47 -28.16
C ALA C 294 5.42 -29.01 -28.52
N LEU C 295 5.94 -29.90 -27.70
CA LEU C 295 7.27 -30.46 -27.88
C LEU C 295 7.30 -31.34 -29.12
N LEU C 296 8.46 -31.39 -29.78
CA LEU C 296 8.65 -32.24 -30.95
C LEU C 296 9.90 -33.09 -30.77
N ASP C 297 10.18 -33.94 -31.76
CA ASP C 297 11.35 -34.84 -31.73
C ASP C 297 12.17 -34.43 -32.99
N GLU C 298 13.14 -35.28 -33.38
CA GLU C 298 14.03 -34.93 -34.52
C GLU C 298 13.22 -34.56 -35.78
N GLN C 299 12.04 -35.15 -35.92
CA GLN C 299 11.05 -34.73 -36.91
C GLN C 299 10.19 -33.66 -36.25
N ASN C 300 9.10 -33.24 -36.91
CA ASN C 300 8.13 -32.37 -36.25
C ASN C 300 6.79 -33.09 -36.01
N ALA C 301 6.90 -34.33 -35.52
CA ALA C 301 5.76 -35.04 -34.95
C ALA C 301 5.71 -34.72 -33.46
N LEU C 302 4.49 -34.61 -32.92
CA LEU C 302 4.30 -34.28 -31.51
C LEU C 302 4.81 -35.40 -30.60
N VAL C 303 5.36 -35.01 -29.45
CA VAL C 303 5.77 -35.96 -28.41
C VAL C 303 4.84 -35.81 -27.21
N LYS C 304 4.81 -34.61 -26.64
CA LYS C 304 3.86 -34.26 -25.58
C LYS C 304 3.81 -32.75 -25.42
N VAL C 305 2.87 -32.28 -24.63
CA VAL C 305 2.81 -30.88 -24.24
C VAL C 305 3.40 -30.75 -22.85
N VAL C 306 4.16 -29.68 -22.61
CA VAL C 306 4.80 -29.44 -21.31
C VAL C 306 4.92 -27.95 -21.01
N LYS C 307 5.10 -27.62 -19.74
CA LYS C 307 5.36 -26.24 -19.32
C LYS C 307 6.80 -25.85 -19.64
N ALA C 308 7.00 -24.62 -20.08
CA ALA C 308 8.32 -24.11 -20.45
C ALA C 308 9.34 -24.22 -19.31
N ARG C 309 8.89 -24.00 -18.07
CA ARG C 309 9.75 -24.16 -16.88
C ARG C 309 10.49 -25.51 -16.86
N ASP C 310 9.85 -26.55 -17.39
CA ASP C 310 10.42 -27.89 -17.42
C ASP C 310 11.38 -28.09 -18.61
N LEU C 311 11.43 -27.10 -19.50
CA LEU C 311 12.43 -27.05 -20.57
C LEU C 311 13.57 -26.10 -20.23
N ALA C 312 13.44 -25.35 -19.13
CA ALA C 312 14.45 -24.38 -18.71
C ALA C 312 15.83 -25.01 -18.53
N GLY C 313 16.83 -24.46 -19.22
CA GLY C 313 18.21 -24.92 -19.10
C GLY C 313 18.65 -25.94 -20.15
N GLN C 314 17.68 -26.53 -20.86
CA GLN C 314 17.96 -27.55 -21.87
C GLN C 314 18.69 -26.95 -23.07
N PRO C 315 19.77 -27.61 -23.54
CA PRO C 315 20.48 -27.11 -24.71
C PRO C 315 19.79 -27.49 -26.03
N ASP C 316 20.13 -26.77 -27.10
CA ASP C 316 19.76 -27.11 -28.48
C ASP C 316 18.26 -27.17 -28.76
N LEU C 317 17.49 -26.27 -28.14
CA LEU C 317 16.06 -26.16 -28.37
C LEU C 317 15.74 -25.02 -29.36
N LEU C 318 14.72 -25.23 -30.20
CA LEU C 318 14.26 -24.23 -31.15
C LEU C 318 12.79 -23.87 -30.89
N PHE C 319 12.55 -22.79 -30.17
CA PHE C 319 11.20 -22.35 -29.85
C PHE C 319 10.63 -21.48 -30.97
N ARG C 320 9.38 -21.75 -31.34
CA ARG C 320 8.74 -21.06 -32.47
C ARG C 320 7.22 -21.14 -32.39
N ARG C 321 6.54 -20.18 -33.02
CA ARG C 321 5.08 -20.16 -33.07
C ARG C 321 4.63 -20.74 -34.41
N ASN C 322 3.79 -21.78 -34.35
CA ASN C 322 3.12 -22.31 -35.53
C ASN C 322 2.15 -21.25 -36.03
N SER C 323 2.30 -20.82 -37.28
CA SER C 323 1.51 -19.71 -37.82
C SER C 323 0.09 -20.10 -38.22
N GLN C 324 -0.14 -21.40 -38.39
CA GLN C 324 -1.43 -21.93 -38.86
C GLN C 324 -2.45 -22.20 -37.73
N ASN C 325 -1.97 -22.42 -36.51
CA ASN C 325 -2.85 -22.69 -35.36
C ASN C 325 -2.48 -21.96 -34.07
N GLY C 326 -1.51 -21.05 -34.12
CA GLY C 326 -1.08 -20.28 -32.96
C GLY C 326 -0.48 -21.08 -31.81
N ALA C 327 0.08 -22.24 -32.13
CA ALA C 327 0.65 -23.13 -31.12
C ALA C 327 2.16 -22.88 -30.96
N VAL C 328 2.59 -22.70 -29.72
CA VAL C 328 4.01 -22.56 -29.39
C VAL C 328 4.69 -23.93 -29.43
N GLU C 329 5.60 -24.10 -30.39
CA GLU C 329 6.29 -25.37 -30.59
C GLU C 329 7.72 -25.34 -30.06
N CYS C 330 8.36 -26.51 -30.02
CA CYS C 330 9.78 -26.62 -29.68
C CYS C 330 10.40 -27.85 -30.35
N LYS C 331 11.48 -27.65 -31.10
CA LYS C 331 12.15 -28.72 -31.82
C LYS C 331 13.55 -28.99 -31.26
N THR C 332 13.99 -30.24 -31.40
CA THR C 332 15.28 -30.70 -30.89
C THR C 332 16.17 -31.25 -32.01
N GLN D 6 -13.24 26.54 56.88
CA GLN D 6 -13.25 25.14 57.39
C GLN D 6 -12.40 24.23 56.50
N SER D 7 -12.44 22.93 56.79
CA SER D 7 -11.74 21.91 56.01
C SER D 7 -12.71 21.25 55.00
N LEU D 8 -12.60 21.64 53.73
CA LEU D 8 -13.48 21.09 52.68
C LEU D 8 -13.35 19.57 52.54
N PHE D 9 -14.47 18.92 52.22
CA PHE D 9 -14.47 17.48 52.00
C PHE D 9 -13.68 17.06 50.74
N SER D 10 -13.71 17.88 49.69
CA SER D 10 -13.06 17.53 48.39
C SER D 10 -12.92 18.77 47.49
N LEU D 11 -11.91 18.75 46.59
CA LEU D 11 -11.73 19.75 45.53
C LEU D 11 -11.21 19.07 44.23
N ALA D 12 -11.70 19.52 43.08
CA ALA D 12 -11.22 18.99 41.79
C ALA D 12 -11.46 19.94 40.63
N PHE D 13 -10.42 20.18 39.83
CA PHE D 13 -10.56 20.97 38.61
C PHE D 13 -10.75 20.03 37.43
N GLY D 14 -11.92 20.14 36.80
CA GLY D 14 -12.30 19.22 35.75
C GLY D 14 -12.27 19.86 34.39
N VAL D 15 -12.08 19.02 33.38
CA VAL D 15 -12.40 19.38 32.00
C VAL D 15 -13.49 18.40 31.57
N GLY D 16 -14.59 18.95 31.08
CA GLY D 16 -15.77 18.16 30.80
C GLY D 16 -16.25 18.36 29.38
N THR D 17 -17.49 17.95 29.13
CA THR D 17 -18.15 18.10 27.85
C THR D 17 -19.59 18.53 28.08
N GLN D 18 -20.03 19.53 27.32
CA GLN D 18 -21.42 19.99 27.36
C GLN D 18 -22.08 19.70 26.03
N ASN D 19 -23.41 19.76 26.03
CA ASN D 19 -24.21 19.60 24.83
C ASN D 19 -24.48 20.98 24.22
N ARG D 20 -25.42 21.05 23.28
CA ARG D 20 -25.77 22.33 22.65
C ARG D 20 -26.60 23.27 23.54
N GLN D 21 -27.34 22.72 24.51
CA GLN D 21 -28.02 23.54 25.51
C GLN D 21 -27.09 23.97 26.67
N GLU D 22 -25.86 23.46 26.64
CA GLU D 22 -24.80 23.75 27.62
C GLU D 22 -24.93 22.95 28.92
N ALA D 23 -25.71 21.88 28.89
CA ALA D 23 -25.81 20.98 30.04
C ALA D 23 -24.60 20.05 30.04
N TRP D 24 -24.12 19.75 31.23
CA TRP D 24 -22.93 18.93 31.42
C TRP D 24 -23.24 17.45 31.21
N LEU D 25 -22.49 16.83 30.30
CA LEU D 25 -22.62 15.39 30.02
C LEU D 25 -21.66 14.58 30.86
N GLU D 26 -20.44 15.08 31.01
CA GLU D 26 -19.43 14.39 31.79
C GLU D 26 -18.34 15.36 32.19
N VAL D 27 -17.55 14.94 33.18
CA VAL D 27 -16.38 15.69 33.62
C VAL D 27 -15.24 14.72 33.92
N PHE D 28 -14.04 15.09 33.47
CA PHE D 28 -12.79 14.35 33.74
C PHE D 28 -11.92 15.16 34.71
N TYR D 29 -11.67 14.61 35.89
CA TYR D 29 -10.76 15.20 36.87
C TYR D 29 -9.44 14.41 36.87
N ALA D 30 -8.34 15.07 36.53
CA ALA D 30 -7.02 14.41 36.49
C ALA D 30 -6.45 14.11 37.87
N LEU D 31 -6.66 15.02 38.82
CA LEU D 31 -6.14 14.89 40.18
C LEU D 31 -7.17 15.36 41.22
N PRO D 32 -8.25 14.60 41.41
CA PRO D 32 -9.18 14.97 42.48
C PRO D 32 -8.52 14.85 43.86
N LEU D 33 -8.83 15.80 44.73
CA LEU D 33 -8.28 15.82 46.08
C LEU D 33 -9.35 15.48 47.12
N LEU D 34 -9.01 14.58 48.03
CA LEU D 34 -9.81 14.34 49.21
C LEU D 34 -9.22 15.15 50.36
N LYS D 35 -10.08 15.97 50.97
CA LYS D 35 -9.70 16.82 52.09
C LYS D 35 -8.51 17.71 51.77
N PRO D 36 -8.70 18.65 50.84
CA PRO D 36 -7.61 19.54 50.47
C PRO D 36 -7.21 20.43 51.65
N SER D 37 -5.94 20.81 51.73
CA SER D 37 -5.44 21.69 52.78
C SER D 37 -6.15 23.05 52.71
N SER D 38 -6.30 23.70 53.87
CA SER D 38 -6.94 25.04 53.92
C SER D 38 -6.16 26.10 53.14
N GLU D 39 -4.86 25.86 52.94
CA GLU D 39 -4.01 26.74 52.13
C GLU D 39 -4.44 26.73 50.65
N ILE D 40 -4.63 25.53 50.12
CA ILE D 40 -5.09 25.34 48.74
C ILE D 40 -6.42 26.05 48.50
N VAL D 41 -7.39 25.82 49.39
CA VAL D 41 -8.74 26.36 49.21
C VAL D 41 -8.76 27.89 49.32
N ALA D 42 -8.09 28.43 50.33
CA ALA D 42 -8.07 29.87 50.55
C ALA D 42 -7.52 30.61 49.32
N ALA D 43 -6.47 30.06 48.72
CA ALA D 43 -5.82 30.66 47.55
C ALA D 43 -6.63 30.49 46.26
N VAL D 44 -7.48 29.47 46.21
CA VAL D 44 -8.28 29.14 45.03
C VAL D 44 -9.66 29.84 45.04
N ALA D 45 -10.19 30.09 46.24
CA ALA D 45 -11.59 30.52 46.40
C ALA D 45 -12.01 31.85 45.76
N PRO D 46 -11.29 32.95 46.04
CA PRO D 46 -11.74 34.26 45.56
C PRO D 46 -11.50 34.49 44.06
N ILE D 47 -10.60 33.71 43.47
CA ILE D 47 -10.40 33.71 42.01
C ILE D 47 -11.62 33.12 41.31
N LEU D 48 -12.14 32.03 41.88
CA LEU D 48 -13.36 31.38 41.39
C LEU D 48 -14.64 32.08 41.88
N GLY D 49 -14.62 32.51 43.14
CA GLY D 49 -15.81 33.05 43.79
C GLY D 49 -16.53 32.01 44.65
N TYR D 50 -15.75 31.15 45.29
CA TYR D 50 -16.30 30.16 46.22
C TYR D 50 -16.42 30.79 47.61
N ALA D 51 -17.59 30.67 48.22
CA ALA D 51 -17.84 31.26 49.55
C ALA D 51 -18.41 30.28 50.57
N ALA D 52 -19.20 29.30 50.12
CA ALA D 52 -19.80 28.30 51.01
C ALA D 52 -20.49 27.17 50.25
N GLY D 53 -20.67 26.05 50.94
CA GLY D 53 -21.48 24.94 50.42
C GLY D 53 -20.76 24.07 49.41
N ASN D 54 -21.53 23.20 48.75
CA ASN D 54 -21.05 22.33 47.67
C ASN D 54 -21.39 22.96 46.30
N GLN D 55 -20.36 23.39 45.57
CA GLN D 55 -20.53 24.12 44.30
C GLN D 55 -19.75 23.51 43.16
N ALA D 56 -20.35 23.50 41.97
CA ALA D 56 -19.63 23.18 40.74
C ALA D 56 -19.55 24.49 39.93
N LEU D 57 -18.41 25.17 40.04
CA LEU D 57 -18.24 26.51 39.48
C LEU D 57 -17.41 26.45 38.22
N THR D 58 -18.00 26.87 37.10
CA THR D 58 -17.27 26.98 35.85
C THR D 58 -16.20 28.08 35.96
N PHE D 59 -15.19 27.98 35.12
CA PHE D 59 -14.19 29.03 35.03
C PHE D 59 -13.47 29.04 33.68
N THR D 60 -13.06 30.23 33.26
CA THR D 60 -12.42 30.43 31.95
C THR D 60 -10.93 30.07 31.98
N SER D 61 -10.30 30.12 30.81
CA SER D 61 -8.86 29.90 30.69
C SER D 61 -8.05 30.95 31.46
N GLN D 62 -8.57 32.18 31.47
CA GLN D 62 -7.96 33.30 32.21
C GLN D 62 -7.88 32.97 33.68
N GLN D 63 -9.01 32.54 34.26
CA GLN D 63 -9.04 32.08 35.64
C GLN D 63 -8.10 30.91 35.87
N ALA D 64 -8.06 30.00 34.90
CA ALA D 64 -7.16 28.85 34.93
C ALA D 64 -5.70 29.28 35.07
N TYR D 65 -5.26 30.22 34.23
CA TYR D 65 -3.91 30.80 34.33
C TYR D 65 -3.67 31.35 35.74
N GLN D 66 -4.60 32.18 36.23
CA GLN D 66 -4.50 32.81 37.57
C GLN D 66 -4.45 31.80 38.73
N LEU D 67 -5.22 30.72 38.62
CA LEU D 67 -5.24 29.68 39.65
C LEU D 67 -3.91 28.90 39.69
N ALA D 68 -3.36 28.61 38.52
CA ALA D 68 -2.04 27.98 38.41
C ALA D 68 -0.98 28.82 39.11
N ASP D 69 -1.04 30.13 38.90
CA ASP D 69 -0.12 31.08 39.52
C ASP D 69 -0.37 31.18 41.03
N ALA D 70 -1.64 31.18 41.43
CA ALA D 70 -1.98 31.23 42.85
C ALA D 70 -1.41 30.04 43.59
N LEU D 71 -1.42 28.87 42.95
CA LEU D 71 -0.99 27.63 43.59
C LEU D 71 0.46 27.23 43.30
N LYS D 72 1.20 28.06 42.55
CA LYS D 72 2.64 27.84 42.38
C LYS D 72 3.28 27.75 43.76
N GLY D 73 4.15 26.76 43.96
CA GLY D 73 4.86 26.62 45.24
C GLY D 73 4.03 26.24 46.45
N ILE D 74 2.72 26.10 46.28
CA ILE D 74 1.86 25.50 47.31
C ILE D 74 1.59 24.06 46.91
N ASP D 75 1.13 23.86 45.67
CA ASP D 75 0.93 22.53 45.13
C ASP D 75 1.32 22.47 43.66
N ALA D 76 2.55 22.03 43.41
CA ALA D 76 3.13 22.00 42.06
C ALA D 76 2.32 21.13 41.08
N ALA D 77 1.79 20.02 41.57
CA ALA D 77 0.97 19.09 40.80
C ALA D 77 -0.33 19.72 40.31
N GLN D 78 -1.01 20.43 41.22
CA GLN D 78 -2.24 21.17 40.89
C GLN D 78 -1.97 22.39 40.02
N SER D 79 -0.87 23.09 40.29
CA SER D 79 -0.51 24.26 39.52
C SER D 79 -0.27 23.93 38.05
N ALA D 80 0.52 22.89 37.81
CA ALA D 80 0.83 22.45 36.45
C ALA D 80 -0.43 22.11 35.67
N LEU D 81 -1.28 21.29 36.31
CA LEU D 81 -2.56 20.88 35.73
C LEU D 81 -3.36 22.07 35.23
N LEU D 82 -3.48 23.09 36.08
CA LEU D 82 -4.27 24.27 35.76
C LEU D 82 -3.71 25.06 34.56
N SER D 83 -2.39 25.13 34.44
CA SER D 83 -1.75 25.76 33.28
C SER D 83 -2.18 25.08 31.97
N ARG D 84 -2.26 23.74 32.00
CA ARG D 84 -2.66 22.93 30.85
C ARG D 84 -4.15 23.08 30.56
N LEU D 85 -4.96 23.12 31.62
CA LEU D 85 -6.40 23.33 31.48
C LEU D 85 -6.69 24.67 30.80
N ALA D 86 -5.83 25.66 31.00
CA ALA D 86 -5.95 26.94 30.30
C ALA D 86 -5.82 26.76 28.79
N GLU D 87 -5.01 25.81 28.35
CA GLU D 87 -4.77 25.61 26.91
C GLU D 87 -5.93 24.88 26.21
N SER D 88 -6.90 24.40 26.99
CA SER D 88 -8.03 23.63 26.46
C SER D 88 -9.11 24.46 25.78
N GLN D 89 -9.70 23.88 24.74
CA GLN D 89 -10.94 24.38 24.12
C GLN D 89 -12.16 23.99 24.97
N LYS D 90 -12.09 22.82 25.59
CA LYS D 90 -13.24 22.24 26.31
C LYS D 90 -13.51 22.96 27.64
N PRO D 91 -14.80 23.06 28.05
CA PRO D 91 -15.21 23.81 29.22
C PRO D 91 -14.69 23.25 30.55
N LEU D 92 -14.42 24.13 31.50
CA LEU D 92 -13.78 23.77 32.76
C LEU D 92 -14.69 23.97 33.97
N VAL D 93 -14.56 23.10 34.98
CA VAL D 93 -15.33 23.24 36.22
C VAL D 93 -14.44 23.01 37.46
N ALA D 94 -14.58 23.90 38.44
CA ALA D 94 -14.00 23.72 39.76
C ALA D 94 -15.12 23.26 40.66
N THR D 95 -14.98 22.04 41.19
CA THR D 95 -15.99 21.44 42.05
C THR D 95 -15.46 21.38 43.48
N LEU D 96 -16.02 22.23 44.34
CA LEU D 96 -15.57 22.37 45.72
C LEU D 96 -16.67 21.93 46.69
N LEU D 97 -16.44 20.80 47.35
CA LEU D 97 -17.40 20.20 48.24
C LEU D 97 -17.00 20.48 49.69
N ALA D 98 -17.67 21.45 50.28
CA ALA D 98 -17.53 21.75 51.71
C ALA D 98 -17.94 20.56 52.56
N GLU D 99 -19.02 19.88 52.16
CA GLU D 99 -19.53 18.71 52.89
C GLU D 99 -19.59 17.49 51.98
N ASP D 100 -19.73 16.33 52.61
CA ASP D 100 -20.05 15.09 51.91
C ASP D 100 -21.55 14.87 52.06
N ALA D 101 -22.32 15.31 51.05
CA ALA D 101 -23.78 15.25 51.08
C ALA D 101 -24.34 14.66 49.78
N ALA D 102 -25.64 14.38 49.77
CA ALA D 102 -26.36 13.94 48.57
C ALA D 102 -26.09 14.91 47.42
N PRO D 103 -25.56 14.41 46.28
CA PRO D 103 -25.05 15.38 45.32
C PRO D 103 -26.13 16.21 44.61
N SER D 104 -25.76 17.43 44.27
CA SER D 104 -26.69 18.40 43.73
C SER D 104 -26.34 18.82 42.30
N SER D 105 -25.27 18.25 41.73
CA SER D 105 -24.83 18.55 40.37
C SER D 105 -24.12 17.37 39.71
N THR D 106 -24.29 17.28 38.39
CA THR D 106 -23.55 16.34 37.55
C THR D 106 -22.05 16.41 37.82
N ALA D 107 -21.50 17.61 37.91
CA ALA D 107 -20.08 17.79 38.21
C ALA D 107 -19.70 17.19 39.57
N GLU D 108 -20.56 17.38 40.57
CA GLU D 108 -20.37 16.80 41.91
C GLU D 108 -20.45 15.28 41.81
N ALA D 109 -21.46 14.78 41.09
CA ALA D 109 -21.66 13.33 40.94
C ALA D 109 -20.46 12.68 40.29
N TYR D 110 -19.92 13.31 39.24
CA TYR D 110 -18.72 12.76 38.59
C TYR D 110 -17.53 12.76 39.55
N LEU D 111 -17.44 13.78 40.41
CA LEU D 111 -16.33 13.89 41.35
C LEU D 111 -16.39 12.77 42.39
N LYS D 112 -17.59 12.46 42.88
CA LYS D 112 -17.71 11.40 43.86
C LYS D 112 -17.29 10.05 43.26
N LEU D 113 -17.68 9.80 42.01
CA LEU D 113 -17.31 8.57 41.33
C LEU D 113 -15.81 8.47 41.06
N HIS D 114 -15.14 9.60 40.86
CA HIS D 114 -13.68 9.63 40.72
C HIS D 114 -13.02 9.27 42.07
N LEU D 115 -13.48 9.87 43.17
CA LEU D 115 -12.90 9.58 44.49
C LEU D 115 -12.81 8.08 44.76
N LEU D 116 -13.88 7.37 44.39
CA LEU D 116 -13.92 5.93 44.54
C LEU D 116 -12.91 5.26 43.60
N SER D 117 -12.87 5.67 42.34
CA SER D 117 -12.08 4.92 41.35
C SER D 117 -10.59 5.24 41.45
N HIS D 118 -10.27 6.46 41.88
CA HIS D 118 -8.89 6.83 42.23
C HIS D 118 -8.44 6.10 43.51
N ARG D 119 -9.41 5.47 44.20
CA ARG D 119 -9.22 4.70 45.45
C ARG D 119 -8.92 5.60 46.65
N LEU D 120 -9.36 6.86 46.59
CA LEU D 120 -9.22 7.77 47.70
C LEU D 120 -10.23 7.47 48.81
N VAL D 121 -11.44 7.06 48.41
CA VAL D 121 -12.45 6.61 49.36
C VAL D 121 -12.85 5.18 49.01
N LYS D 122 -13.42 4.47 49.98
CA LYS D 122 -13.89 3.09 49.79
C LYS D 122 -15.40 3.04 49.65
N PRO D 123 -15.94 1.95 49.07
CA PRO D 123 -17.40 1.86 48.93
C PRO D 123 -18.12 2.12 50.23
N HIS D 124 -19.24 2.85 50.15
CA HIS D 124 -20.06 3.26 51.32
C HIS D 124 -19.53 4.48 52.07
N ALA D 125 -18.31 4.91 51.75
CA ALA D 125 -17.68 6.00 52.50
C ALA D 125 -18.21 7.35 52.09
N VAL D 126 -18.74 7.46 50.86
CA VAL D 126 -19.24 8.73 50.34
C VAL D 126 -20.75 8.64 50.03
N ASN D 127 -21.42 9.79 50.01
CA ASN D 127 -22.85 9.86 49.76
C ASN D 127 -23.15 9.99 48.28
N LEU D 128 -23.92 9.04 47.76
CA LEU D 128 -24.32 9.01 46.37
C LEU D 128 -25.83 8.93 46.25
N SER D 129 -26.53 9.53 47.21
CA SER D 129 -28.00 9.53 47.21
C SER D 129 -28.56 10.45 46.15
N GLY D 130 -29.44 9.91 45.30
CA GLY D 130 -30.04 10.68 44.22
C GLY D 130 -29.16 10.76 42.99
N ILE D 131 -28.08 9.98 42.96
CA ILE D 131 -27.06 10.22 41.96
C ILE D 131 -27.58 10.02 40.53
N PHE D 132 -28.49 9.04 40.35
CA PHE D 132 -29.00 8.66 39.03
C PHE D 132 -29.69 9.79 38.25
N PRO D 133 -30.54 10.58 38.92
CA PRO D 133 -31.06 11.79 38.27
C PRO D 133 -29.95 12.77 37.82
N LEU D 134 -28.87 12.88 38.58
CA LEU D 134 -27.80 13.82 38.25
C LEU D 134 -26.93 13.37 37.07
N LEU D 135 -27.01 12.10 36.72
CA LEU D 135 -26.20 11.58 35.62
C LEU D 135 -27.05 11.52 34.34
N PRO D 136 -26.73 12.37 33.35
CA PRO D 136 -27.49 12.24 32.11
C PRO D 136 -27.17 10.91 31.41
N ASN D 137 -28.14 10.38 30.67
CA ASN D 137 -27.94 9.17 29.86
C ASN D 137 -27.26 9.59 28.55
N VAL D 138 -26.01 9.14 28.38
CA VAL D 138 -25.06 9.66 27.39
C VAL D 138 -24.66 8.56 26.39
N ALA D 139 -24.52 8.91 25.11
CA ALA D 139 -23.92 7.99 24.15
C ALA D 139 -22.41 8.12 24.27
N TRP D 140 -21.74 7.05 24.70
CA TRP D 140 -20.28 7.07 24.84
C TRP D 140 -19.67 6.58 23.54
N THR D 141 -18.88 7.43 22.89
CA THR D 141 -18.36 7.15 21.55
C THR D 141 -16.86 7.35 21.40
N ASN D 142 -16.32 6.91 20.25
CA ASN D 142 -14.91 7.12 19.93
C ASN D 142 -14.46 8.55 20.09
N ILE D 143 -15.31 9.51 19.72
CA ILE D 143 -14.96 10.93 19.85
C ILE D 143 -15.27 11.51 21.23
N GLY D 144 -15.81 10.68 22.12
CA GLY D 144 -16.22 11.11 23.46
C GLY D 144 -17.71 11.08 23.70
N ALA D 145 -18.13 11.79 24.76
CA ALA D 145 -19.52 11.86 25.18
C ALA D 145 -20.40 12.61 24.17
N VAL D 146 -21.60 12.12 23.94
CA VAL D 146 -22.50 12.65 22.91
C VAL D 146 -23.96 12.64 23.38
N ASP D 147 -24.57 13.83 23.41
CA ASP D 147 -25.99 13.98 23.78
C ASP D 147 -26.88 13.14 22.85
N LEU D 148 -27.83 12.42 23.44
CA LEU D 148 -28.70 11.53 22.66
C LEU D 148 -29.61 12.25 21.66
N ALA D 149 -29.92 13.52 21.90
CA ALA D 149 -30.67 14.33 20.93
C ALA D 149 -29.79 14.80 19.76
N GLU D 150 -28.46 14.75 19.92
CA GLU D 150 -27.53 15.17 18.87
C GLU D 150 -26.91 14.01 18.06
N LEU D 151 -27.03 12.78 18.57
CA LEU D 151 -26.27 11.63 18.07
C LEU D 151 -26.62 11.23 16.65
N ALA D 152 -27.90 11.09 16.36
CA ALA D 152 -28.37 10.57 15.07
C ALA D 152 -27.69 11.26 13.89
N GLU D 153 -27.65 12.58 13.93
CA GLU D 153 -27.04 13.38 12.86
C GLU D 153 -25.53 13.12 12.73
N LEU D 154 -24.82 13.00 13.86
CA LEU D 154 -23.38 12.76 13.84
C LEU D 154 -23.05 11.39 13.25
N GLN D 155 -23.86 10.38 13.58
CA GLN D 155 -23.70 9.02 13.05
C GLN D 155 -23.85 9.06 11.53
N LEU D 156 -24.96 9.65 11.06
CA LEU D 156 -25.22 9.82 9.63
C LEU D 156 -24.07 10.57 8.94
N GLU D 157 -23.62 11.67 9.52
CA GLU D 157 -22.54 12.44 8.91
C GLU D 157 -21.24 11.62 8.80
N ALA D 158 -20.92 10.86 9.84
CA ALA D 158 -19.80 9.94 9.78
C ALA D 158 -19.96 8.99 8.58
N ARG D 159 -21.13 8.35 8.47
CA ARG D 159 -21.41 7.38 7.40
C ARG D 159 -21.20 7.92 5.99
N LEU D 160 -21.58 9.17 5.78
CA LEU D 160 -21.35 9.84 4.49
C LEU D 160 -19.88 9.82 4.10
N LYS D 161 -18.99 10.02 5.09
CA LYS D 161 -17.55 10.12 4.88
C LYS D 161 -16.84 8.76 4.81
N GLY D 162 -17.58 7.67 5.00
CA GLY D 162 -16.99 6.35 5.10
C GLY D 162 -16.41 6.08 6.47
N LYS D 163 -16.83 6.88 7.46
CA LYS D 163 -16.39 6.73 8.84
C LYS D 163 -17.48 6.01 9.65
N LEU D 164 -17.09 5.53 10.84
CA LEU D 164 -18.05 5.00 11.82
C LEU D 164 -17.99 5.87 13.05
N LEU D 165 -19.15 6.30 13.54
CA LEU D 165 -19.26 6.76 14.93
C LEU D 165 -19.62 5.56 15.77
N GLU D 166 -18.61 4.97 16.40
CA GLU D 166 -18.82 3.79 17.22
C GLU D 166 -19.44 4.23 18.53
N VAL D 167 -20.62 3.70 18.81
CA VAL D 167 -21.29 3.93 20.08
C VAL D 167 -21.13 2.66 20.91
N PHE D 168 -20.24 2.69 21.89
CA PHE D 168 -19.89 1.48 22.64
C PHE D 168 -20.64 1.33 23.98
N SER D 169 -21.23 2.44 24.46
CA SER D 169 -22.13 2.37 25.59
C SER D 169 -23.18 3.47 25.47
N VAL D 170 -24.41 3.16 25.90
CA VAL D 170 -25.44 4.15 26.09
C VAL D 170 -25.86 4.06 27.56
N ASP D 171 -25.35 4.97 28.39
CA ASP D 171 -25.55 4.88 29.85
C ASP D 171 -25.31 6.19 30.62
N LYS D 172 -25.73 6.18 31.88
CA LYS D 172 -25.41 7.21 32.86
C LYS D 172 -23.97 7.08 33.40
N PHE D 173 -23.41 5.87 33.34
CA PHE D 173 -22.07 5.61 33.83
C PHE D 173 -21.15 5.26 32.66
N PRO D 174 -20.05 6.03 32.49
CA PRO D 174 -19.02 5.64 31.54
C PRO D 174 -18.10 4.59 32.16
N LYS D 175 -17.25 3.98 31.34
CA LYS D 175 -16.33 2.98 31.88
C LYS D 175 -15.20 3.68 32.60
N MET D 176 -14.85 3.13 33.77
CA MET D 176 -13.86 3.72 34.66
C MET D 176 -12.57 4.07 33.94
N THR D 177 -12.07 3.12 33.15
CA THR D 177 -10.74 3.23 32.54
C THR D 177 -10.60 4.33 31.48
N ASP D 178 -11.72 4.88 31.01
CA ASP D 178 -11.62 6.09 30.19
C ASP D 178 -11.23 7.32 31.03
N TYR D 179 -11.27 7.16 32.35
CA TYR D 179 -10.95 8.22 33.29
C TYR D 179 -9.71 7.89 34.15
N VAL D 180 -9.58 6.65 34.60
CA VAL D 180 -8.47 6.25 35.49
C VAL D 180 -8.14 4.74 35.47
N VAL D 181 -6.85 4.42 35.47
CA VAL D 181 -6.41 3.06 35.74
C VAL D 181 -5.51 3.13 36.97
N PRO D 182 -6.05 2.77 38.15
CA PRO D 182 -5.19 2.85 39.32
C PRO D 182 -4.10 1.78 39.27
N ALA D 183 -3.18 1.82 40.23
CA ALA D 183 -2.00 0.97 40.18
C ALA D 183 -2.28 -0.48 40.55
N GLY D 184 -1.67 -1.39 39.79
CA GLY D 184 -1.63 -2.80 40.16
C GLY D 184 -2.90 -3.58 39.88
N VAL D 185 -3.62 -3.17 38.84
CA VAL D 185 -4.84 -3.87 38.47
C VAL D 185 -4.77 -4.36 37.02
N ARG D 186 -5.51 -5.43 36.74
CA ARG D 186 -5.75 -5.92 35.40
C ARG D 186 -7.25 -6.01 35.12
N ILE D 187 -7.69 -5.41 34.01
CA ILE D 187 -9.08 -5.48 33.58
C ILE D 187 -9.14 -5.86 32.10
N ALA D 188 -9.52 -7.11 31.85
CA ALA D 188 -9.46 -7.73 30.51
C ALA D 188 -10.47 -7.11 29.54
N ASP D 189 -11.68 -6.86 30.04
CA ASP D 189 -12.71 -6.12 29.29
C ASP D 189 -13.17 -4.97 30.17
N THR D 190 -12.65 -3.78 29.88
CA THR D 190 -12.91 -2.59 30.69
C THR D 190 -14.32 -2.02 30.52
N ALA D 191 -15.04 -2.46 29.49
CA ALA D 191 -16.48 -2.19 29.39
C ALA D 191 -17.24 -2.61 30.65
N ARG D 192 -16.76 -3.65 31.34
CA ARG D 192 -17.46 -4.20 32.49
C ARG D 192 -16.98 -3.70 33.87
N VAL D 193 -16.38 -2.51 33.92
CA VAL D 193 -16.04 -1.84 35.18
C VAL D 193 -16.43 -0.37 35.09
N ARG D 194 -17.53 -0.03 35.77
CA ARG D 194 -18.07 1.33 35.71
C ARG D 194 -17.20 2.29 36.48
N LEU D 195 -17.19 3.55 36.06
CA LEU D 195 -16.61 4.62 36.86
C LEU D 195 -17.40 4.70 38.16
N GLY D 196 -16.66 4.74 39.28
CA GLY D 196 -17.22 4.63 40.62
C GLY D 196 -16.83 3.33 41.31
N ALA D 197 -16.31 2.37 40.56
CA ALA D 197 -15.79 1.14 41.13
C ALA D 197 -14.41 1.34 41.75
N TYR D 198 -14.20 0.65 42.86
CA TYR D 198 -12.92 0.61 43.59
C TYR D 198 -12.24 -0.71 43.25
N ILE D 199 -11.16 -0.65 42.48
CA ILE D 199 -10.44 -1.86 42.11
C ILE D 199 -9.08 -1.82 42.80
N GLY D 200 -8.92 -2.64 43.84
CA GLY D 200 -7.77 -2.54 44.73
C GLY D 200 -6.52 -3.22 44.20
N GLU D 201 -5.37 -2.77 44.69
CA GLU D 201 -4.07 -3.29 44.29
C GLU D 201 -4.05 -4.82 44.28
N GLY D 202 -3.56 -5.38 43.17
CA GLY D 202 -3.47 -6.83 43.00
C GLY D 202 -4.70 -7.53 42.45
N THR D 203 -5.76 -6.76 42.15
CA THR D 203 -6.97 -7.36 41.60
C THR D 203 -6.78 -7.66 40.12
N THR D 204 -7.34 -8.80 39.71
CA THR D 204 -7.45 -9.18 38.30
C THR D 204 -8.93 -9.37 37.99
N VAL D 205 -9.53 -8.39 37.32
CA VAL D 205 -10.92 -8.51 36.88
C VAL D 205 -10.90 -9.11 35.49
N MET D 206 -11.37 -10.35 35.36
CA MET D 206 -11.30 -11.03 34.09
C MET D 206 -12.51 -10.70 33.22
N HIS D 207 -12.53 -11.29 32.04
CA HIS D 207 -13.53 -10.97 31.02
C HIS D 207 -14.95 -11.10 31.56
N GLU D 208 -15.22 -12.16 32.32
CA GLU D 208 -16.55 -12.46 32.83
C GLU D 208 -16.84 -11.67 34.13
N GLY D 209 -15.84 -10.98 34.65
CA GLY D 209 -16.01 -10.11 35.83
C GLY D 209 -16.74 -8.81 35.49
N PHE D 210 -17.51 -8.31 36.45
CA PHE D 210 -18.18 -7.00 36.37
C PHE D 210 -18.12 -6.33 37.75
N VAL D 211 -17.75 -5.05 37.80
CA VAL D 211 -17.82 -4.32 39.08
C VAL D 211 -18.59 -3.01 38.91
N ASN D 212 -19.68 -2.85 39.66
CA ASN D 212 -20.52 -1.65 39.59
C ASN D 212 -19.92 -0.47 40.36
N PHE D 213 -20.59 0.67 40.28
CA PHE D 213 -20.23 1.81 41.11
C PHE D 213 -20.49 1.53 42.61
N ASN D 214 -19.72 2.20 43.46
CA ASN D 214 -19.76 2.00 44.92
C ASN D 214 -19.54 0.53 45.28
N ALA D 215 -18.54 -0.08 44.65
CA ALA D 215 -18.32 -1.52 44.76
C ALA D 215 -16.93 -1.92 44.27
N GLY D 216 -16.46 -3.05 44.78
CA GLY D 216 -15.21 -3.60 44.31
C GLY D 216 -14.43 -4.33 45.37
N THR D 217 -13.11 -4.21 45.27
CA THR D 217 -12.20 -5.13 45.92
C THR D 217 -11.13 -4.41 46.73
N GLU D 218 -10.90 -4.87 47.95
CA GLU D 218 -9.77 -4.40 48.74
C GLU D 218 -8.46 -4.75 48.01
N GLY D 219 -8.44 -5.91 47.38
CA GLY D 219 -7.27 -6.38 46.66
C GLY D 219 -6.30 -7.07 47.61
N PRO D 220 -5.56 -8.09 47.13
CA PRO D 220 -5.57 -8.64 45.79
C PRO D 220 -6.72 -9.63 45.64
N GLY D 221 -6.91 -10.17 44.43
CA GLY D 221 -7.98 -11.12 44.17
C GLY D 221 -8.19 -11.46 42.70
N MET D 222 -9.05 -12.45 42.44
CA MET D 222 -9.45 -12.83 41.10
C MET D 222 -10.95 -12.67 40.96
N ILE D 223 -11.39 -11.84 40.03
CA ILE D 223 -12.81 -11.53 39.93
C ILE D 223 -13.33 -11.95 38.56
N GLU D 224 -14.07 -13.05 38.53
CA GLU D 224 -14.66 -13.59 37.31
C GLU D 224 -16.20 -13.63 37.41
N GLY D 225 -16.74 -12.96 38.43
CA GLY D 225 -18.19 -12.87 38.64
C GLY D 225 -18.66 -11.43 38.77
N ARG D 226 -19.86 -11.25 39.31
CA ARG D 226 -20.49 -9.93 39.37
C ARG D 226 -20.49 -9.32 40.78
N VAL D 227 -19.83 -8.17 40.91
CA VAL D 227 -19.78 -7.42 42.17
C VAL D 227 -20.77 -6.25 42.10
N SER D 228 -21.95 -6.46 42.71
CA SER D 228 -23.06 -5.52 42.60
C SER D 228 -22.82 -4.22 43.32
N ALA D 229 -23.61 -3.21 42.99
CA ALA D 229 -23.54 -1.91 43.64
C ALA D 229 -23.67 -2.08 45.15
N GLY D 230 -22.71 -1.49 45.87
CA GLY D 230 -22.68 -1.56 47.32
C GLY D 230 -21.84 -2.69 47.88
N VAL D 231 -21.48 -3.65 47.02
CA VAL D 231 -20.77 -4.86 47.47
C VAL D 231 -19.26 -4.67 47.47
N PHE D 232 -18.64 -5.00 48.60
CA PHE D 232 -17.20 -4.92 48.76
C PHE D 232 -16.68 -6.31 49.04
N VAL D 233 -15.49 -6.60 48.53
CA VAL D 233 -14.90 -7.92 48.58
C VAL D 233 -13.56 -7.79 49.28
N GLY D 234 -13.34 -8.64 50.27
CA GLY D 234 -12.11 -8.56 51.07
C GLY D 234 -10.91 -9.14 50.34
N LYS D 235 -9.73 -8.80 50.85
CA LYS D 235 -8.45 -9.21 50.25
C LYS D 235 -8.34 -10.72 50.18
N GLY D 236 -7.76 -11.22 49.10
CA GLY D 236 -7.56 -12.65 48.90
C GLY D 236 -8.78 -13.42 48.42
N SER D 237 -9.94 -12.76 48.34
CA SER D 237 -11.17 -13.42 47.95
C SER D 237 -11.26 -13.55 46.43
N ASP D 238 -11.38 -14.78 45.95
CA ASP D 238 -11.43 -15.11 44.52
C ASP D 238 -12.85 -15.49 44.07
N LEU D 239 -13.47 -14.61 43.28
CA LEU D 239 -14.83 -14.84 42.78
C LEU D 239 -14.78 -15.62 41.48
N GLY D 240 -15.55 -16.70 41.43
CA GLY D 240 -15.52 -17.63 40.30
C GLY D 240 -16.37 -17.18 39.12
N GLY D 241 -16.18 -17.85 37.99
CA GLY D 241 -16.82 -17.48 36.72
C GLY D 241 -18.34 -17.46 36.73
N GLY D 242 -18.91 -16.28 36.47
CA GLY D 242 -20.36 -16.14 36.34
C GLY D 242 -21.11 -16.12 37.66
N CYS D 243 -20.37 -16.12 38.78
CA CYS D 243 -21.00 -16.07 40.09
C CYS D 243 -21.63 -14.71 40.29
N SER D 244 -22.56 -14.64 41.24
CA SER D 244 -23.43 -13.48 41.42
C SER D 244 -23.39 -13.00 42.87
N THR D 245 -23.48 -11.68 43.04
CA THR D 245 -23.80 -11.08 44.33
C THR D 245 -25.10 -10.31 44.11
N MET D 246 -26.10 -10.57 44.95
CA MET D 246 -27.38 -9.90 44.76
C MET D 246 -27.17 -8.39 44.91
N GLY D 247 -27.82 -7.62 44.04
CA GLY D 247 -27.87 -6.18 44.18
C GLY D 247 -28.99 -5.73 45.10
N THR D 248 -29.02 -4.44 45.38
CA THR D 248 -30.12 -3.81 46.12
C THR D 248 -30.81 -2.72 45.28
N LEU D 249 -30.38 -2.58 44.03
CA LEU D 249 -30.93 -1.55 43.15
C LEU D 249 -32.23 -2.03 42.53
N ASN D 254 -32.81 -2.67 54.20
CA ASN D 254 -32.19 -3.80 53.51
C ASN D 254 -30.73 -3.94 53.94
N ILE D 255 -30.36 -5.16 54.35
CA ILE D 255 -28.96 -5.49 54.63
C ILE D 255 -28.14 -5.49 53.32
N VAL D 256 -26.89 -5.06 53.39
CA VAL D 256 -26.04 -4.99 52.19
C VAL D 256 -25.07 -6.18 52.14
N ILE D 257 -24.94 -6.78 50.97
CA ILE D 257 -24.02 -7.89 50.77
C ILE D 257 -22.56 -7.43 50.85
N SER D 258 -21.73 -8.23 51.50
CA SER D 258 -20.29 -8.09 51.42
C SER D 258 -19.66 -9.48 51.40
N VAL D 259 -18.39 -9.56 51.02
CA VAL D 259 -17.66 -10.81 51.04
C VAL D 259 -16.36 -10.56 51.81
N GLY D 260 -16.05 -11.45 52.75
CA GLY D 260 -14.95 -11.24 53.68
C GLY D 260 -13.60 -11.45 53.02
N GLU D 261 -12.58 -11.66 53.87
CA GLU D 261 -11.22 -11.93 53.40
C GLU D 261 -10.99 -13.42 53.15
N GLY D 262 -10.14 -13.73 52.16
CA GLY D 262 -9.78 -15.11 51.84
C GLY D 262 -10.91 -16.08 51.52
N CYS D 263 -11.99 -15.58 50.88
CA CYS D 263 -13.09 -16.42 50.43
C CYS D 263 -12.84 -16.99 49.04
N LEU D 264 -13.56 -18.06 48.72
CA LEU D 264 -13.57 -18.65 47.39
C LEU D 264 -15.01 -18.92 46.96
N ILE D 265 -15.53 -18.08 46.06
CA ILE D 265 -16.86 -18.29 45.49
C ILE D 265 -16.74 -19.06 44.19
N GLY D 266 -17.49 -20.16 44.10
CA GLY D 266 -17.44 -21.04 42.93
C GLY D 266 -18.24 -20.49 41.76
N ALA D 267 -17.87 -20.92 40.57
CA ALA D 267 -18.52 -20.48 39.34
C ALA D 267 -20.03 -20.72 39.39
N ASN D 268 -20.78 -19.86 38.70
CA ASN D 268 -22.24 -20.00 38.56
C ASN D 268 -23.00 -20.09 39.90
N ALA D 269 -22.44 -19.46 40.93
CA ALA D 269 -23.03 -19.46 42.27
C ALA D 269 -23.72 -18.13 42.56
N GLY D 270 -24.37 -18.04 43.71
CA GLY D 270 -25.06 -16.81 44.09
C GLY D 270 -25.16 -16.61 45.58
N ILE D 271 -24.66 -15.47 46.06
CA ILE D 271 -24.70 -15.19 47.49
C ILE D 271 -25.67 -14.05 47.83
N GLY D 272 -26.88 -14.43 48.23
CA GLY D 272 -27.88 -13.48 48.70
C GLY D 272 -27.72 -13.10 50.16
N ILE D 273 -26.64 -13.57 50.79
CA ILE D 273 -26.30 -13.18 52.16
C ILE D 273 -24.85 -12.65 52.22
N PRO D 274 -24.54 -11.82 53.23
CA PRO D 274 -23.15 -11.47 53.47
C PRO D 274 -22.31 -12.69 53.86
N LEU D 275 -21.03 -12.67 53.51
CA LEU D 275 -20.14 -13.77 53.88
C LEU D 275 -19.06 -13.30 54.85
N GLY D 276 -18.73 -14.17 55.82
CA GLY D 276 -17.63 -13.90 56.72
C GLY D 276 -16.32 -14.28 56.05
N ASP D 277 -15.24 -14.16 56.79
CA ASP D 277 -13.92 -14.55 56.29
C ASP D 277 -13.86 -16.06 56.05
N ARG D 278 -13.03 -16.45 55.10
CA ARG D 278 -12.76 -17.87 54.83
C ARG D 278 -14.03 -18.72 54.65
N ASN D 279 -14.98 -18.22 53.86
CA ASN D 279 -16.13 -19.01 53.44
C ASN D 279 -15.92 -19.55 52.04
N ILE D 280 -16.47 -20.74 51.76
CA ILE D 280 -16.35 -21.37 50.45
C ILE D 280 -17.72 -21.79 49.94
N VAL D 281 -18.17 -21.18 48.86
CA VAL D 281 -19.47 -21.49 48.27
C VAL D 281 -19.26 -22.32 47.01
N GLU D 282 -19.84 -23.52 46.99
CA GLU D 282 -19.62 -24.46 45.90
C GLU D 282 -20.25 -23.95 44.61
N ALA D 283 -19.64 -24.35 43.48
CA ALA D 283 -20.12 -23.94 42.16
C ALA D 283 -21.55 -24.43 41.91
N GLY D 284 -22.42 -23.50 41.54
CA GLY D 284 -23.83 -23.79 41.27
C GLY D 284 -24.77 -23.48 42.43
N LEU D 285 -24.22 -23.28 43.62
CA LEU D 285 -25.03 -23.07 44.81
C LEU D 285 -25.50 -21.63 44.91
N TYR D 286 -26.80 -21.42 44.74
CA TYR D 286 -27.39 -20.11 45.00
C TYR D 286 -28.06 -20.16 46.37
N ILE D 287 -27.64 -19.26 47.25
CA ILE D 287 -28.16 -19.23 48.61
C ILE D 287 -28.58 -17.83 49.03
N THR D 288 -29.90 -17.66 49.23
CA THR D 288 -30.48 -16.41 49.68
C THR D 288 -30.73 -16.52 51.19
N ALA D 289 -31.22 -15.43 51.79
CA ALA D 289 -31.43 -15.36 53.23
C ALA D 289 -32.44 -16.38 53.78
N GLY D 290 -33.38 -16.81 52.94
CA GLY D 290 -34.39 -17.79 53.32
C GLY D 290 -34.05 -19.21 52.90
N THR D 291 -32.79 -19.47 52.57
CA THR D 291 -32.35 -20.80 52.14
C THR D 291 -32.15 -21.69 53.36
N LYS D 292 -32.86 -22.83 53.37
CA LYS D 292 -32.74 -23.80 54.45
C LYS D 292 -31.45 -24.60 54.27
N VAL D 293 -30.57 -24.53 55.27
CA VAL D 293 -29.24 -25.12 55.17
C VAL D 293 -29.01 -26.12 56.31
N ALA D 294 -28.39 -27.26 55.97
CA ALA D 294 -28.05 -28.27 56.95
C ALA D 294 -26.71 -27.94 57.61
N LEU D 295 -26.78 -27.27 58.76
CA LEU D 295 -25.59 -26.87 59.50
C LEU D 295 -24.91 -28.08 60.15
N LEU D 296 -23.98 -28.69 59.42
CA LEU D 296 -23.28 -29.90 59.88
C LEU D 296 -22.03 -29.57 60.70
N ASP D 297 -21.36 -30.61 61.21
CA ASP D 297 -20.13 -30.45 62.01
C ASP D 297 -19.03 -31.41 61.53
N ASN D 300 -19.11 -34.66 58.86
CA ASN D 300 -20.37 -34.01 58.51
C ASN D 300 -21.54 -34.48 59.39
N ALA D 301 -21.48 -34.12 60.67
CA ALA D 301 -22.51 -34.47 61.65
C ALA D 301 -23.63 -33.42 61.68
N LEU D 302 -24.84 -33.82 61.31
CA LEU D 302 -25.98 -32.90 61.22
C LEU D 302 -26.47 -32.38 62.58
N VAL D 303 -26.05 -31.16 62.94
CA VAL D 303 -26.42 -30.59 64.24
C VAL D 303 -27.84 -30.05 64.22
N LYS D 304 -28.21 -29.32 63.15
CA LYS D 304 -29.57 -28.79 63.00
C LYS D 304 -29.84 -28.26 61.59
N VAL D 305 -30.95 -27.53 61.43
CA VAL D 305 -31.30 -26.87 60.17
C VAL D 305 -31.60 -25.39 60.42
N VAL D 306 -30.94 -24.51 59.66
CA VAL D 306 -31.08 -23.06 59.83
C VAL D 306 -31.32 -22.36 58.48
N LYS D 307 -31.77 -21.12 58.56
CA LYS D 307 -31.88 -20.24 57.38
C LYS D 307 -30.55 -19.51 57.19
N ALA D 308 -30.11 -19.40 55.94
CA ALA D 308 -28.80 -18.82 55.62
C ALA D 308 -28.54 -17.48 56.30
N ARG D 309 -29.59 -16.66 56.46
CA ARG D 309 -29.46 -15.35 57.11
C ARG D 309 -28.82 -15.42 58.50
N ASP D 310 -29.04 -16.53 59.21
CA ASP D 310 -28.49 -16.72 60.55
C ASP D 310 -27.04 -17.24 60.50
N LEU D 311 -26.63 -17.76 59.35
CA LEU D 311 -25.23 -18.08 59.09
C LEU D 311 -24.50 -16.88 58.45
N ALA D 312 -25.00 -15.68 58.66
CA ALA D 312 -24.45 -14.48 58.01
C ALA D 312 -23.22 -13.96 58.74
N GLY D 313 -22.16 -13.66 57.98
CA GLY D 313 -20.96 -13.03 58.51
C GLY D 313 -20.15 -13.89 59.45
N GLN D 314 -20.34 -15.21 59.36
CA GLN D 314 -19.67 -16.17 60.22
C GLN D 314 -18.45 -16.74 59.51
N PRO D 315 -17.29 -16.80 60.20
CA PRO D 315 -16.08 -17.29 59.55
C PRO D 315 -16.02 -18.80 59.36
N ASP D 316 -15.30 -19.24 58.33
CA ASP D 316 -14.91 -20.65 58.14
C ASP D 316 -16.06 -21.59 57.78
N LEU D 317 -17.08 -21.06 57.09
CA LEU D 317 -18.24 -21.82 56.70
C LEU D 317 -18.18 -22.24 55.24
N LEU D 318 -18.27 -23.55 54.99
CA LEU D 318 -18.30 -24.09 53.63
C LEU D 318 -19.75 -24.39 53.26
N PHE D 319 -20.18 -23.88 52.10
CA PHE D 319 -21.53 -24.08 51.58
C PHE D 319 -21.48 -24.97 50.35
N ARG D 320 -22.41 -25.92 50.23
CA ARG D 320 -22.41 -26.86 49.12
C ARG D 320 -23.74 -27.59 48.92
N ARG D 321 -23.83 -28.35 47.83
CA ARG D 321 -25.00 -29.18 47.53
C ARG D 321 -24.61 -30.66 47.55
N ASN D 322 -25.52 -31.50 48.06
CA ASN D 322 -25.36 -32.96 48.00
C ASN D 322 -25.70 -33.42 46.60
N SER D 323 -24.82 -34.21 45.98
CA SER D 323 -24.97 -34.59 44.57
C SER D 323 -25.86 -35.82 44.33
N GLN D 324 -26.65 -36.20 45.35
CA GLN D 324 -27.46 -37.42 45.28
C GLN D 324 -28.90 -37.17 45.76
N ASN D 325 -29.06 -36.68 46.98
CA ASN D 325 -30.38 -36.37 47.55
C ASN D 325 -30.76 -34.88 47.47
N GLY D 326 -29.77 -34.02 47.23
CA GLY D 326 -30.02 -32.62 46.92
C GLY D 326 -30.39 -31.74 48.10
N ALA D 327 -29.46 -31.62 49.05
CA ALA D 327 -29.64 -30.75 50.23
C ALA D 327 -28.49 -29.75 50.33
N VAL D 328 -28.81 -28.53 50.74
CA VAL D 328 -27.82 -27.45 50.91
C VAL D 328 -27.15 -27.55 52.29
N GLU D 329 -25.84 -27.84 52.30
CA GLU D 329 -25.11 -28.12 53.54
C GLU D 329 -24.09 -27.03 53.88
N CYS D 330 -24.11 -26.57 55.13
CA CYS D 330 -23.09 -25.65 55.66
C CYS D 330 -22.09 -26.43 56.53
N LYS D 331 -21.07 -27.00 55.88
CA LYS D 331 -20.04 -27.75 56.58
C LYS D 331 -19.09 -26.82 57.32
N THR D 332 -18.86 -27.09 58.61
CA THR D 332 -17.98 -26.28 59.46
C THR D 332 -17.40 -27.11 60.60
N GLN E 6 21.09 -26.96 12.00
CA GLN E 6 19.73 -27.59 12.05
C GLN E 6 18.69 -26.73 11.33
N SER E 7 17.42 -27.18 11.39
CA SER E 7 16.29 -26.44 10.83
C SER E 7 15.48 -25.75 11.94
N LEU E 8 15.38 -24.42 11.88
CA LEU E 8 14.73 -23.63 12.94
C LEU E 8 13.30 -24.06 13.21
N PHE E 9 12.87 -23.90 14.45
CA PHE E 9 11.49 -24.15 14.84
C PHE E 9 10.56 -23.09 14.24
N SER E 10 10.98 -21.82 14.31
CA SER E 10 10.16 -20.70 13.87
C SER E 10 10.99 -19.43 13.63
N LEU E 11 10.50 -18.58 12.73
CA LEU E 11 11.00 -17.23 12.60
C LEU E 11 9.88 -16.32 12.11
N ALA E 12 9.98 -15.05 12.45
CA ALA E 12 8.95 -14.07 12.11
C ALA E 12 9.49 -12.66 12.15
N PHE E 13 9.07 -11.83 11.19
CA PHE E 13 9.48 -10.42 11.15
C PHE E 13 8.38 -9.51 11.67
N GLY E 14 8.66 -8.83 12.78
CA GLY E 14 7.66 -8.11 13.53
C GLY E 14 7.87 -6.63 13.58
N VAL E 15 6.77 -5.91 13.69
CA VAL E 15 6.78 -4.49 14.01
C VAL E 15 6.02 -4.35 15.33
N GLY E 16 6.63 -3.66 16.29
CA GLY E 16 6.08 -3.62 17.64
C GLY E 16 6.01 -2.23 18.25
N THR E 17 5.83 -2.18 19.56
CA THR E 17 5.87 -0.90 20.28
C THR E 17 6.67 -1.05 21.58
N GLN E 18 7.46 -0.01 21.86
CA GLN E 18 8.32 0.07 23.04
C GLN E 18 7.89 1.26 23.90
N ASN E 19 8.12 1.17 25.21
CA ASN E 19 7.83 2.29 26.11
C ASN E 19 9.03 3.26 26.16
N ARG E 20 9.09 4.14 27.15
CA ARG E 20 10.17 5.14 27.19
C ARG E 20 11.47 4.67 27.87
N GLN E 21 11.50 3.46 28.44
CA GLN E 21 12.77 2.81 28.82
C GLN E 21 13.12 1.65 27.89
N GLU E 22 12.52 1.67 26.69
CA GLU E 22 12.80 0.70 25.62
C GLU E 22 12.40 -0.75 25.95
N ALA E 23 11.47 -0.92 26.89
CA ALA E 23 10.86 -2.22 27.13
C ALA E 23 9.83 -2.44 26.02
N TRP E 24 9.86 -3.64 25.43
CA TRP E 24 8.86 -4.00 24.42
C TRP E 24 7.54 -4.33 25.11
N LEU E 25 6.44 -3.76 24.61
CA LEU E 25 5.09 -4.01 25.13
C LEU E 25 4.31 -5.04 24.31
N GLU E 26 4.64 -5.12 23.02
CA GLU E 26 3.98 -6.07 22.12
C GLU E 26 4.67 -6.11 20.77
N VAL E 27 4.34 -7.13 19.98
CA VAL E 27 4.86 -7.24 18.62
C VAL E 27 3.80 -7.83 17.72
N PHE E 28 3.61 -7.20 16.57
CA PHE E 28 2.74 -7.69 15.52
C PHE E 28 3.56 -8.38 14.41
N TYR E 29 3.27 -9.66 14.20
CA TYR E 29 3.85 -10.48 13.15
C TYR E 29 2.80 -10.77 12.07
N ALA E 30 2.93 -10.12 10.91
CA ALA E 30 1.99 -10.35 9.81
C ALA E 30 2.01 -11.80 9.34
N LEU E 31 3.20 -12.35 9.15
CA LEU E 31 3.37 -13.66 8.52
C LEU E 31 4.35 -14.55 9.30
N PRO E 32 3.94 -15.06 10.47
CA PRO E 32 4.86 -15.91 11.24
C PRO E 32 5.08 -17.27 10.55
N LEU E 33 6.30 -17.80 10.62
CA LEU E 33 6.63 -19.05 9.95
C LEU E 33 6.93 -20.18 10.91
N LEU E 34 6.34 -21.34 10.65
CA LEU E 34 6.70 -22.56 11.35
C LEU E 34 7.69 -23.30 10.47
N LYS E 35 8.79 -23.74 11.06
CA LYS E 35 9.76 -24.56 10.35
C LYS E 35 10.16 -23.91 9.03
N PRO E 36 10.68 -22.67 9.08
CA PRO E 36 11.09 -21.96 7.89
C PRO E 36 12.23 -22.70 7.19
N SER E 37 12.23 -22.64 5.86
CA SER E 37 13.23 -23.36 5.06
C SER E 37 14.66 -22.92 5.38
N SER E 38 15.59 -23.83 5.15
CA SER E 38 17.02 -23.53 5.33
C SER E 38 17.47 -22.38 4.43
N GLU E 39 16.86 -22.27 3.25
CA GLU E 39 17.18 -21.20 2.28
C GLU E 39 16.78 -19.82 2.82
N ILE E 40 15.61 -19.73 3.43
CA ILE E 40 15.19 -18.46 4.00
C ILE E 40 16.17 -18.05 5.08
N VAL E 41 16.50 -18.98 5.98
CA VAL E 41 17.31 -18.66 7.14
C VAL E 41 18.72 -18.24 6.75
N ALA E 42 19.37 -19.03 5.88
CA ALA E 42 20.72 -18.70 5.38
C ALA E 42 20.79 -17.29 4.80
N ALA E 43 19.78 -16.91 4.03
CA ALA E 43 19.71 -15.58 3.40
C ALA E 43 19.65 -14.43 4.40
N VAL E 44 18.98 -14.65 5.53
CA VAL E 44 18.69 -13.59 6.50
C VAL E 44 19.64 -13.52 7.71
N ALA E 45 20.19 -14.66 8.13
CA ALA E 45 21.03 -14.71 9.34
C ALA E 45 22.23 -13.73 9.36
N PRO E 46 23.06 -13.71 8.30
CA PRO E 46 24.21 -12.81 8.30
C PRO E 46 23.82 -11.34 8.49
N ILE E 47 22.79 -10.90 7.78
CA ILE E 47 22.31 -9.52 7.88
C ILE E 47 21.90 -9.20 9.32
N LEU E 48 21.12 -10.08 9.93
CA LEU E 48 20.66 -9.88 11.30
C LEU E 48 21.73 -10.15 12.34
N GLY E 49 22.73 -10.95 11.98
CA GLY E 49 23.76 -11.38 12.93
C GLY E 49 23.21 -12.46 13.84
N TYR E 50 22.50 -13.42 13.24
CA TYR E 50 22.01 -14.59 13.96
C TYR E 50 23.03 -15.73 13.84
N ALA E 51 23.43 -16.28 14.99
CA ALA E 51 24.41 -17.38 15.05
C ALA E 51 23.80 -18.65 15.61
N ALA E 52 22.96 -18.53 16.63
CA ALA E 52 22.42 -19.68 17.32
C ALA E 52 21.29 -19.31 18.29
N GLY E 53 20.54 -20.31 18.71
CA GLY E 53 19.61 -20.19 19.82
C GLY E 53 18.30 -19.48 19.51
N ASN E 54 17.64 -19.00 20.55
CA ASN E 54 16.35 -18.36 20.42
C ASN E 54 16.54 -16.87 20.65
N GLN E 55 16.54 -16.08 19.58
CA GLN E 55 16.90 -14.67 19.70
C GLN E 55 15.80 -13.76 19.17
N ALA E 56 15.58 -12.66 19.87
CA ALA E 56 14.77 -11.54 19.40
C ALA E 56 15.73 -10.42 19.00
N LEU E 57 15.96 -10.28 17.69
CA LEU E 57 16.99 -9.35 17.19
C LEU E 57 16.37 -8.12 16.52
N THR E 58 16.58 -6.97 17.13
CA THR E 58 16.11 -5.72 16.55
C THR E 58 16.85 -5.52 15.22
N PHE E 59 16.16 -4.94 14.23
CA PHE E 59 16.81 -4.54 12.98
C PHE E 59 16.24 -3.21 12.46
N THR E 60 17.12 -2.44 11.82
CA THR E 60 16.82 -1.09 11.35
C THR E 60 16.11 -1.13 9.99
N SER E 61 15.68 0.04 9.52
CA SER E 61 15.05 0.14 8.19
C SER E 61 16.00 -0.34 7.09
N GLN E 62 17.26 0.07 7.21
CA GLN E 62 18.31 -0.30 6.28
C GLN E 62 18.41 -1.82 6.17
N GLN E 63 18.50 -2.51 7.31
CA GLN E 63 18.51 -3.97 7.32
C GLN E 63 17.24 -4.57 6.69
N ALA E 64 16.09 -3.93 6.94
CA ALA E 64 14.85 -4.38 6.30
C ALA E 64 14.97 -4.36 4.77
N TYR E 65 15.45 -3.24 4.22
CA TYR E 65 15.73 -3.17 2.77
C TYR E 65 16.68 -4.26 2.28
N GLN E 66 17.73 -4.53 3.05
CA GLN E 66 18.68 -5.60 2.72
C GLN E 66 17.99 -6.95 2.73
N LEU E 67 17.19 -7.20 3.75
CA LEU E 67 16.47 -8.46 3.92
C LEU E 67 15.45 -8.69 2.79
N ALA E 68 14.74 -7.64 2.40
CA ALA E 68 13.83 -7.72 1.25
C ALA E 68 14.58 -8.11 -0.03
N ASP E 69 15.78 -7.57 -0.21
CA ASP E 69 16.66 -7.89 -1.34
C ASP E 69 17.13 -9.36 -1.29
N ALA E 70 17.70 -9.77 -0.17
CA ALA E 70 18.20 -11.13 0.02
C ALA E 70 17.15 -12.23 -0.17
N LEU E 71 15.87 -11.93 0.07
CA LEU E 71 14.79 -12.93 -0.03
C LEU E 71 13.94 -12.84 -1.30
N LYS E 72 14.21 -11.88 -2.17
CA LYS E 72 13.38 -11.66 -3.38
C LYS E 72 13.22 -12.90 -4.27
N GLY E 73 14.32 -13.59 -4.52
CA GLY E 73 14.30 -14.81 -5.33
C GLY E 73 14.00 -16.08 -4.54
N ILE E 74 13.87 -15.95 -3.22
CA ILE E 74 13.70 -17.10 -2.34
C ILE E 74 12.27 -17.23 -1.83
N ASP E 75 11.74 -16.17 -1.21
CA ASP E 75 10.35 -16.16 -0.73
C ASP E 75 9.70 -14.81 -0.98
N ALA E 76 8.78 -14.78 -1.95
CA ALA E 76 8.16 -13.53 -2.42
C ALA E 76 7.38 -12.81 -1.32
N ALA E 77 6.58 -13.57 -0.56
CA ALA E 77 5.73 -13.03 0.50
C ALA E 77 6.56 -12.29 1.57
N GLN E 78 7.63 -12.93 2.00
CA GLN E 78 8.47 -12.35 3.05
C GLN E 78 9.21 -11.12 2.56
N SER E 79 9.76 -11.19 1.33
CA SER E 79 10.41 -10.03 0.73
C SER E 79 9.45 -8.83 0.67
N ALA E 80 8.24 -9.07 0.17
CA ALA E 80 7.24 -8.01 0.08
C ALA E 80 6.96 -7.42 1.46
N LEU E 81 6.76 -8.30 2.44
CA LEU E 81 6.52 -7.87 3.83
C LEU E 81 7.66 -6.97 4.31
N LEU E 82 8.90 -7.41 4.06
CA LEU E 82 10.08 -6.67 4.52
C LEU E 82 10.18 -5.29 3.88
N SER E 83 9.85 -5.20 2.59
CA SER E 83 9.80 -3.91 1.91
C SER E 83 8.86 -2.95 2.64
N ARG E 84 7.73 -3.46 3.13
CA ARG E 84 6.78 -2.67 3.90
C ARG E 84 7.31 -2.30 5.30
N LEU E 85 8.05 -3.20 5.95
CA LEU E 85 8.60 -2.88 7.29
C LEU E 85 9.71 -1.82 7.22
N ALA E 86 10.46 -1.79 6.11
CA ALA E 86 11.51 -0.77 5.92
C ALA E 86 10.99 0.66 6.01
N GLU E 87 9.72 0.85 5.70
CA GLU E 87 9.08 2.16 5.72
C GLU E 87 8.47 2.52 7.09
N SER E 88 8.38 1.55 8.00
CA SER E 88 7.73 1.79 9.30
C SER E 88 8.48 2.80 10.17
N GLN E 89 7.71 3.58 10.93
CA GLN E 89 8.22 4.45 11.99
C GLN E 89 8.45 3.62 13.27
N LYS E 90 7.74 2.50 13.38
CA LYS E 90 7.80 1.70 14.61
C LYS E 90 8.95 0.71 14.58
N PRO E 91 9.43 0.30 15.77
CA PRO E 91 10.59 -0.60 15.83
C PRO E 91 10.36 -2.03 15.33
N LEU E 92 11.36 -2.58 14.66
CA LEU E 92 11.27 -3.91 14.09
C LEU E 92 12.04 -4.93 14.93
N VAL E 93 11.60 -6.18 14.89
CA VAL E 93 12.29 -7.31 15.52
C VAL E 93 12.16 -8.57 14.70
N ALA E 94 13.29 -9.25 14.52
CA ALA E 94 13.33 -10.55 13.92
C ALA E 94 13.54 -11.54 15.06
N THR E 95 12.53 -12.36 15.34
CA THR E 95 12.74 -13.42 16.34
C THR E 95 12.86 -14.74 15.61
N LEU E 96 14.03 -15.35 15.77
CA LEU E 96 14.33 -16.64 15.16
C LEU E 96 14.48 -17.64 16.28
N LEU E 97 13.77 -18.75 16.17
CA LEU E 97 13.70 -19.77 17.19
C LEU E 97 14.27 -21.09 16.70
N ALA E 98 15.51 -21.38 17.10
CA ALA E 98 16.13 -22.68 16.82
C ALA E 98 15.29 -23.81 17.38
N GLU E 99 14.67 -23.59 18.54
CA GLU E 99 13.94 -24.67 19.21
C GLU E 99 12.71 -24.18 19.97
N ASP E 100 11.75 -25.07 20.14
CA ASP E 100 10.56 -24.86 20.96
C ASP E 100 10.98 -25.11 22.41
N ALA E 101 11.31 -24.03 23.11
CA ALA E 101 11.61 -24.06 24.54
C ALA E 101 10.77 -23.03 25.28
N ALA E 102 10.83 -23.04 26.60
CA ALA E 102 10.16 -21.99 27.39
C ALA E 102 10.61 -20.65 26.81
N PRO E 103 9.66 -19.71 26.62
CA PRO E 103 10.06 -18.43 26.00
C PRO E 103 11.06 -17.61 26.85
N SER E 104 11.92 -16.84 26.18
CA SER E 104 12.98 -16.05 26.86
C SER E 104 12.94 -14.54 26.61
N SER E 105 12.01 -14.08 25.77
CA SER E 105 11.84 -12.66 25.48
C SER E 105 10.37 -12.35 25.21
N THR E 106 9.94 -11.13 25.51
CA THR E 106 8.57 -10.71 25.20
C THR E 106 8.26 -10.93 23.72
N ALA E 107 9.22 -10.57 22.86
CA ALA E 107 9.09 -10.79 21.41
C ALA E 107 8.72 -12.22 21.11
N GLU E 108 9.49 -13.16 21.67
CA GLU E 108 9.23 -14.60 21.50
C GLU E 108 7.86 -14.99 22.07
N ALA E 109 7.57 -14.50 23.28
CA ALA E 109 6.26 -14.70 23.90
C ALA E 109 5.12 -14.42 22.90
N TYR E 110 5.22 -13.29 22.22
CA TYR E 110 4.19 -12.89 21.24
C TYR E 110 4.19 -13.78 19.99
N LEU E 111 5.34 -14.33 19.63
CA LEU E 111 5.41 -15.18 18.44
C LEU E 111 4.70 -16.49 18.68
N LYS E 112 4.94 -17.10 19.83
CA LYS E 112 4.29 -18.34 20.14
C LYS E 112 2.76 -18.17 20.14
N LEU E 113 2.27 -17.07 20.70
CA LEU E 113 0.83 -16.77 20.69
C LEU E 113 0.28 -16.54 19.26
N HIS E 114 1.07 -15.95 18.37
CA HIS E 114 0.75 -15.81 16.94
C HIS E 114 0.68 -17.18 16.25
N LEU E 115 1.65 -18.04 16.54
CA LEU E 115 1.68 -19.38 15.97
C LEU E 115 0.36 -20.12 16.27
N LEU E 116 -0.10 -20.04 17.51
CA LEU E 116 -1.41 -20.58 17.89
C LEU E 116 -2.61 -19.93 17.21
N SER E 117 -2.64 -18.60 17.17
CA SER E 117 -3.82 -17.90 16.65
C SER E 117 -3.91 -17.97 15.12
N HIS E 118 -2.77 -18.05 14.47
CA HIS E 118 -2.70 -18.27 13.01
C HIS E 118 -2.99 -19.74 12.62
N ARG E 119 -3.14 -20.59 13.64
CA ARG E 119 -3.48 -22.00 13.53
C ARG E 119 -2.36 -22.82 12.92
N LEU E 120 -1.13 -22.33 13.07
CA LEU E 120 0.06 -23.03 12.59
C LEU E 120 0.43 -24.14 13.54
N VAL E 121 0.10 -23.98 14.82
CA VAL E 121 0.20 -25.06 15.82
C VAL E 121 -1.10 -25.19 16.63
N LYS E 122 -1.34 -26.36 17.22
CA LYS E 122 -2.52 -26.54 18.07
C LYS E 122 -2.18 -26.28 19.54
N PRO E 123 -3.21 -26.05 20.40
CA PRO E 123 -2.95 -25.95 21.84
C PRO E 123 -2.20 -27.17 22.39
N HIS E 124 -1.27 -26.93 23.31
CA HIS E 124 -0.35 -27.93 23.88
C HIS E 124 0.79 -28.37 22.96
N ALA E 125 0.86 -27.83 21.73
CA ALA E 125 1.92 -28.24 20.78
C ALA E 125 3.25 -27.51 21.02
N VAL E 126 3.17 -26.36 21.69
CA VAL E 126 4.33 -25.51 21.91
C VAL E 126 4.57 -25.27 23.41
N ASN E 127 5.79 -24.86 23.74
CA ASN E 127 6.19 -24.60 25.13
C ASN E 127 5.90 -23.15 25.52
N LEU E 128 5.02 -22.97 26.52
CA LEU E 128 4.68 -21.64 27.02
C LEU E 128 5.04 -21.42 28.50
N SER E 129 5.87 -22.30 29.06
CA SER E 129 6.24 -22.17 30.49
C SER E 129 6.90 -20.83 30.86
N GLY E 130 6.35 -20.18 31.89
CA GLY E 130 6.87 -18.89 32.33
C GLY E 130 6.47 -17.71 31.45
N ILE E 131 5.46 -17.88 30.62
CA ILE E 131 5.12 -16.82 29.68
C ILE E 131 4.66 -15.55 30.40
N PHE E 132 3.94 -15.69 31.51
CA PHE E 132 3.37 -14.53 32.21
C PHE E 132 4.36 -13.38 32.50
N PRO E 133 5.49 -13.65 33.18
CA PRO E 133 6.50 -12.58 33.44
C PRO E 133 7.11 -11.89 32.20
N LEU E 134 7.03 -12.54 31.03
CA LEU E 134 7.48 -11.96 29.76
C LEU E 134 6.41 -11.10 29.07
N LEU E 135 5.18 -11.19 29.56
CA LEU E 135 4.08 -10.42 28.99
C LEU E 135 3.77 -9.25 29.93
N PRO E 136 4.21 -8.04 29.56
CA PRO E 136 3.99 -6.88 30.42
C PRO E 136 2.52 -6.49 30.47
N ASN E 137 2.08 -6.01 31.65
CA ASN E 137 0.74 -5.50 31.82
C ASN E 137 0.67 -4.21 31.06
N VAL E 138 -0.36 -4.06 30.23
CA VAL E 138 -0.42 -3.03 29.21
C VAL E 138 -1.80 -2.37 29.20
N ALA E 139 -1.84 -1.06 28.99
CA ALA E 139 -3.10 -0.36 28.73
C ALA E 139 -3.35 -0.43 27.22
N TRP E 140 -4.32 -1.24 26.79
CA TRP E 140 -4.63 -1.40 25.35
C TRP E 140 -5.64 -0.33 24.89
N THR E 141 -5.18 0.59 24.05
CA THR E 141 -5.94 1.78 23.67
C THR E 141 -6.27 1.78 22.18
N ASN E 142 -7.10 2.74 21.78
CA ASN E 142 -7.39 2.95 20.35
C ASN E 142 -6.17 3.36 19.52
N ILE E 143 -5.12 3.89 20.19
CA ILE E 143 -3.87 4.20 19.50
C ILE E 143 -2.78 3.15 19.71
N GLY E 144 -3.17 1.96 20.17
CA GLY E 144 -2.25 0.85 20.39
C GLY E 144 -1.86 0.67 21.85
N ALA E 145 -0.85 -0.17 22.08
CA ALA E 145 -0.34 -0.43 23.42
C ALA E 145 0.29 0.83 24.03
N VAL E 146 -0.13 1.18 25.25
CA VAL E 146 0.40 2.33 25.98
C VAL E 146 0.95 1.85 27.32
N ASP E 147 2.11 2.36 27.72
CA ASP E 147 2.67 1.98 29.02
C ASP E 147 1.82 2.55 30.16
N LEU E 148 1.64 1.76 31.20
CA LEU E 148 0.80 2.15 32.34
C LEU E 148 1.38 3.31 33.15
N ALA E 149 2.69 3.55 33.03
CA ALA E 149 3.34 4.74 33.61
C ALA E 149 3.18 6.00 32.73
N GLU E 150 2.90 5.81 31.45
CA GLU E 150 2.73 6.90 30.48
C GLU E 150 1.24 7.24 30.29
N LEU E 151 0.35 6.33 30.65
CA LEU E 151 -1.07 6.45 30.29
C LEU E 151 -1.78 7.70 30.79
N ALA E 152 -1.66 8.01 32.08
CA ALA E 152 -2.40 9.12 32.69
C ALA E 152 -2.21 10.43 31.93
N GLU E 153 -0.96 10.73 31.52
CA GLU E 153 -0.62 11.97 30.82
C GLU E 153 -1.29 12.00 29.44
N LEU E 154 -1.24 10.87 28.72
CA LEU E 154 -1.90 10.78 27.41
C LEU E 154 -3.43 10.92 27.49
N GLN E 155 -4.02 10.35 28.54
CA GLN E 155 -5.46 10.48 28.79
C GLN E 155 -5.83 11.95 28.99
N LEU E 156 -5.10 12.65 29.86
CA LEU E 156 -5.32 14.09 30.09
C LEU E 156 -5.09 14.93 28.82
N GLU E 157 -3.93 14.76 28.19
CA GLU E 157 -3.63 15.56 27.01
C GLU E 157 -4.68 15.32 25.91
N ALA E 158 -5.21 14.10 25.80
CA ALA E 158 -6.34 13.84 24.90
C ALA E 158 -7.59 14.64 25.33
N ARG E 159 -7.93 14.58 26.61
CA ARG E 159 -9.08 15.35 27.13
C ARG E 159 -8.88 16.85 26.89
N LEU E 160 -7.67 17.35 27.11
CA LEU E 160 -7.37 18.76 26.89
C LEU E 160 -7.59 19.17 25.43
N LYS E 161 -7.45 18.20 24.52
CA LYS E 161 -7.68 18.41 23.09
C LYS E 161 -9.10 18.09 22.59
N GLY E 162 -10.01 17.66 23.48
CA GLY E 162 -11.40 17.37 23.11
C GLY E 162 -11.67 15.97 22.59
N LYS E 163 -10.67 15.10 22.72
CA LYS E 163 -10.75 13.74 22.21
C LYS E 163 -10.92 12.78 23.38
N LEU E 164 -10.92 11.49 23.08
CA LEU E 164 -10.89 10.46 24.11
C LEU E 164 -9.80 9.47 23.80
N LEU E 165 -8.91 9.21 24.76
CA LEU E 165 -8.07 8.01 24.70
C LEU E 165 -8.93 6.90 25.26
N GLU E 166 -9.40 6.02 24.40
CA GLU E 166 -10.22 4.91 24.85
C GLU E 166 -9.34 3.76 25.34
N VAL E 167 -9.61 3.29 26.55
CA VAL E 167 -8.85 2.20 27.18
C VAL E 167 -9.78 1.01 27.24
N PHE E 168 -9.59 0.06 26.33
CA PHE E 168 -10.53 -1.06 26.23
C PHE E 168 -10.06 -2.32 26.96
N SER E 169 -8.80 -2.38 27.32
CA SER E 169 -8.28 -3.51 28.08
C SER E 169 -7.02 -3.06 28.83
N VAL E 170 -6.88 -3.57 30.04
CA VAL E 170 -5.65 -3.48 30.81
C VAL E 170 -5.27 -4.91 31.09
N ASP E 171 -4.24 -5.41 30.42
CA ASP E 171 -3.94 -6.83 30.54
C ASP E 171 -2.61 -7.17 29.94
N LYS E 172 -2.12 -8.35 30.31
CA LYS E 172 -0.92 -8.92 29.70
C LYS E 172 -1.16 -9.48 28.30
N PHE E 173 -2.43 -9.68 27.95
CA PHE E 173 -2.81 -10.28 26.67
C PHE E 173 -3.74 -9.36 25.90
N PRO E 174 -3.35 -8.96 24.67
CA PRO E 174 -4.33 -8.28 23.85
C PRO E 174 -5.36 -9.24 23.28
N LYS E 175 -6.38 -8.68 22.65
CA LYS E 175 -7.34 -9.50 21.96
C LYS E 175 -6.75 -10.00 20.64
N MET E 176 -7.06 -11.24 20.31
CA MET E 176 -6.54 -11.89 19.12
C MET E 176 -6.80 -11.08 17.85
N THR E 177 -8.06 -10.68 17.65
CA THR E 177 -8.50 -10.08 16.37
C THR E 177 -7.75 -8.79 15.98
N ASP E 178 -7.17 -8.11 16.97
CA ASP E 178 -6.29 -6.98 16.67
C ASP E 178 -4.97 -7.41 15.99
N TYR E 179 -4.72 -8.71 15.94
CA TYR E 179 -3.53 -9.30 15.27
C TYR E 179 -3.84 -10.19 14.10
N VAL E 180 -4.90 -10.98 14.22
CA VAL E 180 -5.32 -11.93 13.18
C VAL E 180 -6.78 -12.24 13.25
N VAL E 181 -7.39 -12.39 12.08
CA VAL E 181 -8.67 -13.07 11.97
C VAL E 181 -8.43 -14.19 10.96
N PRO E 182 -8.41 -15.45 11.41
CA PRO E 182 -8.13 -16.51 10.47
C PRO E 182 -9.43 -16.87 9.76
N ALA E 183 -9.29 -17.68 8.71
CA ALA E 183 -10.38 -17.94 7.79
C ALA E 183 -11.43 -18.85 8.41
N GLY E 184 -12.70 -18.53 8.16
CA GLY E 184 -13.83 -19.42 8.51
C GLY E 184 -14.41 -19.31 9.89
N VAL E 185 -14.14 -18.20 10.60
CA VAL E 185 -14.65 -18.01 11.94
C VAL E 185 -15.52 -16.75 12.06
N ARG E 186 -16.42 -16.74 13.04
CA ARG E 186 -17.10 -15.53 13.51
C ARG E 186 -16.85 -15.39 15.02
N ILE E 187 -16.58 -14.16 15.46
CA ILE E 187 -16.39 -13.85 16.88
C ILE E 187 -17.17 -12.56 17.14
N ALA E 188 -18.31 -12.69 17.82
CA ALA E 188 -19.29 -11.60 17.92
C ALA E 188 -18.72 -10.40 18.67
N ASP E 189 -18.16 -10.67 19.86
CA ASP E 189 -17.45 -9.66 20.64
C ASP E 189 -15.99 -10.12 20.77
N THR E 190 -15.11 -9.47 20.04
CA THR E 190 -13.72 -9.91 19.91
C THR E 190 -12.89 -9.62 21.16
N ALA E 191 -13.49 -8.91 22.13
CA ALA E 191 -12.86 -8.69 23.44
C ALA E 191 -12.56 -10.01 24.12
N ARG E 192 -13.35 -11.02 23.84
CA ARG E 192 -13.32 -12.27 24.59
C ARG E 192 -12.55 -13.43 23.95
N VAL E 193 -11.58 -13.12 23.10
CA VAL E 193 -10.70 -14.16 22.55
C VAL E 193 -9.27 -13.65 22.59
N ARG E 194 -8.52 -14.08 23.60
CA ARG E 194 -7.15 -13.60 23.78
C ARG E 194 -6.25 -14.00 22.63
N LEU E 195 -5.28 -13.15 22.32
CA LEU E 195 -4.21 -13.54 21.43
C LEU E 195 -3.56 -14.82 21.98
N GLY E 196 -3.38 -15.80 21.11
CA GLY E 196 -2.95 -17.13 21.51
C GLY E 196 -4.05 -18.16 21.46
N ALA E 197 -5.29 -17.71 21.28
CA ALA E 197 -6.44 -18.59 21.13
C ALA E 197 -6.45 -19.23 19.74
N TYR E 198 -6.82 -20.51 19.67
CA TYR E 198 -6.92 -21.25 18.41
C TYR E 198 -8.39 -21.49 18.10
N ILE E 199 -8.94 -20.69 17.19
CA ILE E 199 -10.33 -20.79 16.80
C ILE E 199 -10.38 -21.42 15.41
N GLY E 200 -10.82 -22.66 15.37
CA GLY E 200 -10.81 -23.47 14.16
C GLY E 200 -11.88 -23.10 13.15
N GLU E 201 -11.70 -23.56 11.93
CA GLU E 201 -12.62 -23.25 10.82
C GLU E 201 -14.02 -23.73 11.13
N GLY E 202 -15.00 -22.85 10.89
CA GLY E 202 -16.41 -23.15 11.12
C GLY E 202 -16.89 -22.90 12.53
N THR E 203 -16.06 -22.26 13.36
CA THR E 203 -16.43 -21.95 14.74
C THR E 203 -17.19 -20.62 14.86
N THR E 204 -18.23 -20.59 15.71
CA THR E 204 -18.85 -19.33 16.12
C THR E 204 -18.61 -19.16 17.60
N VAL E 205 -17.99 -18.05 17.96
CA VAL E 205 -17.85 -17.67 19.36
C VAL E 205 -18.84 -16.54 19.61
N MET E 206 -19.92 -16.88 20.28
CA MET E 206 -20.97 -15.91 20.58
C MET E 206 -20.55 -15.03 21.74
N HIS E 207 -21.34 -13.98 22.00
CA HIS E 207 -20.95 -12.88 22.88
C HIS E 207 -20.60 -13.41 24.26
N GLU E 208 -21.38 -14.38 24.72
CA GLU E 208 -21.15 -15.02 26.01
C GLU E 208 -19.89 -15.89 26.06
N GLY E 209 -19.38 -16.29 24.91
CA GLY E 209 -18.23 -17.19 24.88
C GLY E 209 -16.96 -16.53 25.39
N PHE E 210 -15.95 -17.37 25.64
CA PHE E 210 -14.61 -16.90 25.98
C PHE E 210 -13.58 -18.00 25.70
N VAL E 211 -12.51 -17.64 24.99
CA VAL E 211 -11.43 -18.57 24.66
C VAL E 211 -10.09 -17.95 25.08
N ASN E 212 -9.46 -18.57 26.05
CA ASN E 212 -8.20 -18.09 26.57
C ASN E 212 -7.07 -18.45 25.60
N PHE E 213 -5.84 -18.12 25.97
CA PHE E 213 -4.69 -18.51 25.17
C PHE E 213 -4.45 -20.00 25.40
N ASN E 214 -3.81 -20.65 24.42
CA ASN E 214 -3.48 -22.08 24.48
C ASN E 214 -4.77 -22.90 24.65
N ALA E 215 -5.77 -22.56 23.82
CA ALA E 215 -7.13 -23.06 24.00
C ALA E 215 -7.97 -22.75 22.78
N GLY E 216 -9.04 -23.51 22.60
CA GLY E 216 -9.99 -23.27 21.53
C GLY E 216 -10.61 -24.52 20.97
N THR E 217 -10.84 -24.51 19.66
CA THR E 217 -11.73 -25.46 19.01
C THR E 217 -11.13 -26.01 17.72
N GLU E 218 -11.28 -27.32 17.53
CA GLU E 218 -10.84 -27.93 16.28
C GLU E 218 -11.61 -27.32 15.12
N GLY E 219 -12.89 -26.98 15.37
CA GLY E 219 -13.78 -26.49 14.33
C GLY E 219 -14.43 -27.64 13.55
N PRO E 220 -15.72 -27.50 13.17
CA PRO E 220 -16.66 -26.40 13.40
C PRO E 220 -17.34 -26.54 14.76
N GLY E 221 -18.12 -25.54 15.14
CA GLY E 221 -18.82 -25.60 16.43
C GLY E 221 -19.40 -24.29 16.89
N MET E 222 -20.25 -24.37 17.92
CA MET E 222 -20.89 -23.19 18.51
C MET E 222 -20.33 -23.07 19.90
N ILE E 223 -19.79 -21.90 20.23
CA ILE E 223 -19.13 -21.70 21.51
C ILE E 223 -19.79 -20.52 22.22
N GLU E 224 -20.61 -20.82 23.23
CA GLU E 224 -21.32 -19.78 24.00
C GLU E 224 -20.89 -19.76 25.47
N GLY E 225 -19.95 -20.63 25.82
CA GLY E 225 -19.43 -20.70 27.16
C GLY E 225 -17.92 -20.49 27.17
N ARG E 226 -17.35 -20.62 28.36
CA ARG E 226 -15.96 -20.27 28.57
C ARG E 226 -15.06 -21.45 28.25
N VAL E 227 -14.02 -21.18 27.44
CA VAL E 227 -12.99 -22.17 27.15
C VAL E 227 -11.73 -21.64 27.82
N SER E 228 -11.25 -22.42 28.78
CA SER E 228 -10.20 -21.97 29.69
C SER E 228 -8.84 -22.37 29.19
N ALA E 229 -7.80 -21.78 29.77
CA ALA E 229 -6.41 -22.06 29.39
C ALA E 229 -6.18 -23.56 29.33
N GLY E 230 -5.51 -24.01 28.28
CA GLY E 230 -5.26 -25.44 28.08
C GLY E 230 -6.51 -26.30 27.91
N VAL E 231 -7.57 -25.75 27.32
CA VAL E 231 -8.80 -26.51 27.02
C VAL E 231 -9.02 -26.53 25.51
N PHE E 232 -8.99 -27.72 24.91
CA PHE E 232 -9.24 -27.87 23.47
C PHE E 232 -10.54 -28.65 23.23
N VAL E 233 -11.39 -28.09 22.37
CA VAL E 233 -12.70 -28.64 22.05
C VAL E 233 -12.67 -29.34 20.69
N GLY E 234 -13.04 -30.62 20.67
CA GLY E 234 -13.06 -31.42 19.46
C GLY E 234 -14.20 -31.02 18.55
N LYS E 235 -14.11 -31.41 17.28
CA LYS E 235 -15.05 -30.97 16.25
C LYS E 235 -16.49 -31.40 16.53
N GLY E 236 -17.44 -30.56 16.13
CA GLY E 236 -18.85 -30.86 16.29
C GLY E 236 -19.37 -30.73 17.71
N SER E 237 -18.61 -30.07 18.57
CA SER E 237 -19.04 -29.85 19.96
C SER E 237 -19.52 -28.42 20.16
N ASP E 238 -20.76 -28.28 20.63
CA ASP E 238 -21.41 -26.99 20.87
C ASP E 238 -21.48 -26.73 22.37
N LEU E 239 -20.90 -25.62 22.82
CA LEU E 239 -20.82 -25.28 24.25
C LEU E 239 -21.91 -24.28 24.63
N GLY E 240 -22.70 -24.61 25.66
CA GLY E 240 -23.88 -23.82 26.00
C GLY E 240 -23.63 -22.43 26.57
N GLY E 241 -24.53 -21.51 26.23
CA GLY E 241 -24.53 -20.15 26.77
C GLY E 241 -24.26 -20.09 28.25
N GLY E 242 -23.12 -19.52 28.62
CA GLY E 242 -22.75 -19.36 30.02
C GLY E 242 -22.13 -20.59 30.64
N CYS E 243 -21.93 -21.65 29.87
CA CYS E 243 -21.33 -22.87 30.42
C CYS E 243 -19.86 -22.68 30.72
N SER E 244 -19.32 -23.57 31.54
CA SER E 244 -18.02 -23.38 32.15
C SER E 244 -17.08 -24.56 31.91
N THR E 245 -15.78 -24.27 31.87
CA THR E 245 -14.74 -25.29 31.96
C THR E 245 -13.69 -24.74 32.92
N MET E 246 -13.12 -25.58 33.79
CA MET E 246 -12.28 -25.10 34.90
C MET E 246 -11.16 -24.14 34.47
N ASN E 254 -2.02 -32.81 37.90
CA ASN E 254 -3.39 -32.36 37.64
C ASN E 254 -3.82 -32.75 36.22
N ILE E 255 -5.02 -33.32 36.11
CA ILE E 255 -5.57 -33.70 34.80
C ILE E 255 -6.10 -32.48 34.03
N VAL E 256 -5.81 -32.45 32.74
CA VAL E 256 -6.18 -31.34 31.87
C VAL E 256 -7.55 -31.63 31.24
N ILE E 257 -8.39 -30.59 31.15
CA ILE E 257 -9.70 -30.74 30.52
C ILE E 257 -9.62 -30.71 28.99
N SER E 258 -10.44 -31.52 28.36
CA SER E 258 -10.63 -31.48 26.92
C SER E 258 -12.02 -31.99 26.64
N VAL E 259 -12.71 -31.34 25.72
CA VAL E 259 -14.01 -31.79 25.27
C VAL E 259 -13.77 -32.54 23.97
N GLY E 260 -14.29 -33.74 23.87
CA GLY E 260 -14.13 -34.56 22.68
C GLY E 260 -14.94 -34.04 21.50
N GLU E 261 -15.03 -34.87 20.47
CA GLU E 261 -15.78 -34.55 19.27
C GLU E 261 -17.25 -34.89 19.46
N GLY E 262 -18.14 -34.06 18.94
CA GLY E 262 -19.58 -34.33 18.99
C GLY E 262 -20.24 -34.22 20.35
N CYS E 263 -19.92 -33.16 21.10
CA CYS E 263 -20.54 -32.91 22.41
C CYS E 263 -21.58 -31.79 22.39
N LEU E 264 -22.39 -31.70 23.46
CA LEU E 264 -23.40 -30.65 23.63
C LEU E 264 -23.54 -30.30 25.11
N ILE E 265 -22.78 -29.31 25.56
CA ILE E 265 -22.75 -28.90 26.98
C ILE E 265 -23.78 -27.80 27.23
N GLY E 266 -24.69 -28.03 28.17
CA GLY E 266 -25.86 -27.16 28.36
C GLY E 266 -25.57 -25.74 28.82
N ALA E 267 -26.46 -24.81 28.45
CA ALA E 267 -26.35 -23.43 28.92
C ALA E 267 -26.28 -23.38 30.43
N ASN E 268 -25.43 -22.52 30.96
CA ASN E 268 -25.26 -22.36 32.42
C ASN E 268 -24.75 -23.60 33.15
N ALA E 269 -24.30 -24.59 32.38
CA ALA E 269 -23.73 -25.83 32.94
C ALA E 269 -22.27 -25.59 33.29
N GLY E 270 -21.55 -26.68 33.54
CA GLY E 270 -20.12 -26.59 33.79
C GLY E 270 -19.48 -27.96 33.88
N ILE E 271 -18.20 -28.05 33.52
CA ILE E 271 -17.45 -29.31 33.63
C ILE E 271 -16.07 -29.10 34.24
N GLY E 272 -15.72 -29.96 35.19
CA GLY E 272 -14.38 -30.00 35.77
C GLY E 272 -13.66 -31.30 35.44
N ILE E 273 -14.15 -31.98 34.39
CA ILE E 273 -13.61 -33.28 33.99
C ILE E 273 -13.57 -33.36 32.46
N PRO E 274 -12.61 -34.13 31.90
CA PRO E 274 -12.58 -34.34 30.46
C PRO E 274 -13.79 -35.15 29.97
N LEU E 275 -14.33 -34.77 28.82
CA LEU E 275 -15.44 -35.50 28.23
C LEU E 275 -14.94 -36.33 27.06
N GLY E 276 -15.54 -37.50 26.86
CA GLY E 276 -15.28 -38.29 25.67
C GLY E 276 -16.21 -37.83 24.57
N ASP E 277 -16.11 -38.46 23.41
CA ASP E 277 -16.95 -38.11 22.27
C ASP E 277 -18.43 -38.36 22.57
N ARG E 278 -19.29 -37.60 21.88
CA ARG E 278 -20.75 -37.78 21.97
C ARG E 278 -21.26 -37.67 23.41
N ASN E 279 -21.00 -36.54 24.06
CA ASN E 279 -21.58 -36.28 25.38
C ASN E 279 -22.63 -35.18 25.34
N ILE E 280 -23.58 -35.27 26.27
CA ILE E 280 -24.53 -34.18 26.51
C ILE E 280 -24.66 -33.92 28.01
N VAL E 281 -24.30 -32.72 28.45
CA VAL E 281 -24.43 -32.31 29.86
C VAL E 281 -25.58 -31.32 29.98
N GLU E 282 -26.52 -31.61 30.88
CA GLU E 282 -27.75 -30.83 31.00
C GLU E 282 -27.50 -29.44 31.57
N ALA E 283 -28.25 -28.46 31.07
CA ALA E 283 -28.14 -27.07 31.50
C ALA E 283 -28.21 -26.94 33.02
N GLY E 284 -27.38 -26.07 33.58
CA GLY E 284 -27.35 -25.83 35.02
C GLY E 284 -26.46 -26.77 35.81
N LEU E 285 -26.14 -27.93 35.25
CA LEU E 285 -25.46 -28.99 35.99
C LEU E 285 -23.96 -28.73 36.01
N TYR E 286 -23.37 -28.62 37.20
CA TYR E 286 -21.93 -28.44 37.34
C TYR E 286 -21.28 -29.72 37.89
N ILE E 287 -20.62 -30.48 37.01
CA ILE E 287 -20.05 -31.78 37.37
C ILE E 287 -18.53 -31.76 37.46
N THR E 288 -18.03 -31.83 38.70
CA THR E 288 -16.59 -31.86 38.98
C THR E 288 -16.11 -33.31 39.05
N ALA E 289 -14.81 -33.51 39.27
CA ALA E 289 -14.23 -34.86 39.30
C ALA E 289 -14.87 -35.74 40.36
N GLY E 290 -14.97 -35.21 41.59
CA GLY E 290 -15.47 -35.98 42.73
C GLY E 290 -16.98 -35.99 42.89
N THR E 291 -17.70 -35.46 41.89
CA THR E 291 -19.16 -35.43 41.91
C THR E 291 -19.69 -36.86 41.85
N LYS E 292 -20.50 -37.24 42.84
CA LYS E 292 -21.09 -38.57 42.89
C LYS E 292 -22.22 -38.69 41.88
N VAL E 293 -22.06 -39.61 40.93
CA VAL E 293 -22.97 -39.76 39.80
C VAL E 293 -23.59 -41.15 39.75
N ALA E 294 -24.91 -41.20 39.64
CA ALA E 294 -25.65 -42.45 39.44
C ALA E 294 -25.50 -42.89 38.00
N LEU E 295 -24.69 -43.93 37.78
CA LEU E 295 -24.46 -44.48 36.44
C LEU E 295 -25.58 -45.43 36.05
N LEU E 296 -26.43 -45.00 35.12
CA LEU E 296 -27.58 -45.78 34.68
C LEU E 296 -27.35 -46.44 33.31
N ASP E 297 -28.26 -47.35 32.93
CA ASP E 297 -28.22 -48.01 31.62
C ASP E 297 -29.47 -47.68 30.81
N ASN E 300 -32.73 -46.85 31.84
CA ASN E 300 -32.29 -46.12 33.03
C ASN E 300 -32.16 -47.03 34.27
N ALA E 301 -31.48 -48.17 34.10
CA ALA E 301 -31.26 -49.12 35.18
C ALA E 301 -29.98 -48.80 35.94
N LEU E 302 -30.10 -48.43 37.22
CA LEU E 302 -28.97 -48.04 38.05
C LEU E 302 -28.09 -49.30 37.99
N VAL E 303 -26.96 -49.20 37.30
CA VAL E 303 -25.88 -50.19 37.37
C VAL E 303 -25.08 -50.00 38.65
N LYS E 304 -24.56 -48.79 38.85
CA LYS E 304 -23.87 -48.41 40.10
C LYS E 304 -23.74 -46.89 40.27
N VAL E 305 -23.16 -46.47 41.40
CA VAL E 305 -22.87 -45.06 41.67
C VAL E 305 -21.35 -44.85 41.70
N VAL E 306 -20.88 -43.86 40.94
CA VAL E 306 -19.44 -43.58 40.83
C VAL E 306 -19.13 -42.09 40.85
N LYS E 307 -17.88 -41.75 41.17
CA LYS E 307 -17.39 -40.39 41.00
C LYS E 307 -17.29 -40.07 39.51
N ALA E 308 -17.51 -38.82 39.15
CA ALA E 308 -17.47 -38.39 37.74
C ALA E 308 -16.07 -38.53 37.13
N ARG E 309 -15.04 -38.50 37.96
CA ARG E 309 -13.64 -38.64 37.52
C ARG E 309 -13.37 -39.95 36.78
N ASP E 310 -14.11 -41.00 37.16
CA ASP E 310 -13.93 -42.35 36.62
C ASP E 310 -14.72 -42.58 35.33
N LEU E 311 -15.54 -41.60 34.96
CA LEU E 311 -16.23 -41.60 33.67
C LEU E 311 -15.51 -40.67 32.66
N ALA E 312 -14.20 -40.51 32.85
CA ALA E 312 -13.41 -39.55 32.06
C ALA E 312 -13.12 -40.08 30.66
N GLY E 313 -13.49 -39.29 29.66
CA GLY E 313 -13.20 -39.62 28.27
C GLY E 313 -13.98 -40.81 27.71
N GLN E 314 -15.13 -41.11 28.31
CA GLN E 314 -15.97 -42.24 27.86
C GLN E 314 -17.03 -41.77 26.87
N PRO E 315 -17.17 -42.48 25.73
CA PRO E 315 -18.11 -42.05 24.69
C PRO E 315 -19.58 -42.29 25.04
N ASP E 316 -20.47 -41.46 24.48
CA ASP E 316 -21.93 -41.60 24.64
C ASP E 316 -22.41 -41.59 26.10
N LEU E 317 -22.05 -40.54 26.85
CA LEU E 317 -22.55 -40.36 28.22
C LEU E 317 -23.44 -39.11 28.34
N LEU E 318 -24.61 -39.27 28.96
CA LEU E 318 -25.52 -38.14 29.25
C LEU E 318 -25.48 -37.81 30.74
N PHE E 319 -25.20 -36.54 31.06
CA PHE E 319 -25.12 -36.10 32.45
C PHE E 319 -26.23 -35.10 32.79
N ALA E 327 -31.18 -36.31 41.98
CA ALA E 327 -29.81 -36.79 41.85
C ALA E 327 -29.22 -36.45 40.48
N VAL E 328 -27.89 -36.41 40.41
CA VAL E 328 -27.15 -36.26 39.14
C VAL E 328 -26.85 -37.66 38.58
N GLU E 329 -27.27 -37.90 37.33
CA GLU E 329 -27.25 -39.23 36.73
C GLU E 329 -26.45 -39.28 35.42
N CYS E 330 -25.61 -40.31 35.26
CA CYS E 330 -24.92 -40.58 34.01
C CYS E 330 -25.67 -41.67 33.23
N LYS E 331 -26.52 -41.26 32.29
CA LYS E 331 -27.39 -42.17 31.54
C LYS E 331 -26.72 -42.73 30.28
N THR E 332 -26.44 -44.03 30.29
CA THR E 332 -25.84 -44.70 29.15
C THR E 332 -26.50 -46.06 28.92
N GLN F 6 -50.39 -1.02 -5.77
CA GLN F 6 -50.58 -1.01 -4.28
C GLN F 6 -49.66 -0.01 -3.56
N SER F 7 -49.89 0.13 -2.27
CA SER F 7 -48.99 0.88 -1.38
C SER F 7 -47.94 -0.07 -0.78
N LEU F 8 -46.67 0.33 -0.77
CA LEU F 8 -45.58 -0.58 -0.41
C LEU F 8 -45.43 -0.79 1.10
N PHE F 9 -44.90 -1.95 1.50
CA PHE F 9 -44.73 -2.31 2.92
C PHE F 9 -43.65 -1.47 3.59
N SER F 10 -42.56 -1.20 2.85
CA SER F 10 -41.49 -0.34 3.35
C SER F 10 -40.72 0.29 2.21
N LEU F 11 -40.06 1.40 2.55
CA LEU F 11 -38.99 1.95 1.73
C LEU F 11 -37.93 2.61 2.60
N ALA F 12 -36.71 2.62 2.10
CA ALA F 12 -35.59 3.21 2.84
C ALA F 12 -34.42 3.52 1.90
N PHE F 13 -33.86 4.73 2.04
CA PHE F 13 -32.64 5.15 1.35
C PHE F 13 -31.43 4.94 2.26
N GLY F 14 -30.42 4.23 1.74
CA GLY F 14 -29.23 3.89 2.52
C GLY F 14 -27.91 4.29 1.90
N VAL F 15 -26.96 4.65 2.75
CA VAL F 15 -25.55 4.69 2.37
C VAL F 15 -24.93 3.41 2.96
N GLY F 16 -24.16 2.69 2.14
CA GLY F 16 -23.58 1.40 2.54
C GLY F 16 -22.11 1.32 2.19
N THR F 17 -21.52 0.14 2.34
CA THR F 17 -20.10 -0.08 2.02
C THR F 17 -19.96 -1.43 1.34
N GLN F 18 -19.29 -1.40 0.19
CA GLN F 18 -18.98 -2.60 -0.59
C GLN F 18 -17.48 -2.92 -0.51
N ASN F 19 -17.14 -4.16 -0.86
CA ASN F 19 -15.74 -4.61 -0.96
C ASN F 19 -15.18 -4.37 -2.38
N ARG F 20 -14.05 -5.01 -2.74
CA ARG F 20 -13.50 -4.90 -4.11
C ARG F 20 -14.25 -5.76 -5.16
N GLN F 21 -14.86 -6.88 -4.74
CA GLN F 21 -15.77 -7.66 -5.60
C GLN F 21 -17.22 -7.13 -5.64
N GLU F 22 -17.48 -6.05 -4.89
CA GLU F 22 -18.74 -5.30 -4.92
C GLU F 22 -19.93 -6.04 -4.28
N ALA F 23 -19.64 -7.00 -3.41
CA ALA F 23 -20.65 -7.60 -2.57
C ALA F 23 -21.03 -6.61 -1.47
N TRP F 24 -22.32 -6.47 -1.19
CA TRP F 24 -22.78 -5.50 -0.19
C TRP F 24 -22.57 -6.04 1.24
N LEU F 25 -21.67 -5.41 2.00
CA LEU F 25 -21.34 -5.88 3.33
C LEU F 25 -22.37 -5.40 4.34
N GLU F 26 -22.73 -4.13 4.25
CA GLU F 26 -23.73 -3.56 5.17
C GLU F 26 -24.42 -2.35 4.59
N VAL F 27 -25.58 -1.99 5.16
CA VAL F 27 -26.26 -0.76 4.77
C VAL F 27 -26.76 0.00 6.01
N PHE F 28 -26.62 1.33 5.97
CA PHE F 28 -27.03 2.27 7.05
C PHE F 28 -28.15 3.19 6.55
N TYR F 29 -29.36 2.99 7.06
CA TYR F 29 -30.54 3.80 6.71
C TYR F 29 -30.85 4.79 7.84
N ALA F 30 -30.52 6.06 7.63
CA ALA F 30 -30.80 7.12 8.61
C ALA F 30 -32.28 7.20 8.95
N LEU F 31 -33.12 7.17 7.92
CA LEU F 31 -34.56 7.32 8.10
C LEU F 31 -35.34 6.29 7.28
N PRO F 32 -35.50 5.05 7.81
CA PRO F 32 -36.27 4.06 7.08
C PRO F 32 -37.77 4.31 7.22
N LEU F 33 -38.52 4.15 6.12
CA LEU F 33 -39.98 4.31 6.17
C LEU F 33 -40.71 2.97 6.16
N LEU F 34 -41.71 2.85 7.04
CA LEU F 34 -42.62 1.72 7.08
C LEU F 34 -43.97 2.19 6.55
N LYS F 35 -44.58 1.37 5.68
CA LYS F 35 -45.84 1.75 5.02
C LYS F 35 -45.79 3.21 4.56
N PRO F 36 -44.80 3.55 3.71
CA PRO F 36 -44.63 4.91 3.22
C PRO F 36 -45.78 5.31 2.32
N SER F 37 -46.19 6.57 2.38
CA SER F 37 -47.36 7.04 1.62
C SER F 37 -47.22 6.81 0.12
N SER F 38 -48.36 6.72 -0.56
CA SER F 38 -48.37 6.57 -2.02
C SER F 38 -47.71 7.76 -2.73
N GLU F 39 -47.78 8.95 -2.11
CA GLU F 39 -47.12 10.15 -2.63
C GLU F 39 -45.61 9.98 -2.71
N ILE F 40 -45.04 9.41 -1.64
CA ILE F 40 -43.61 9.14 -1.59
C ILE F 40 -43.25 8.13 -2.68
N VAL F 41 -43.91 6.97 -2.66
CA VAL F 41 -43.63 5.90 -3.62
C VAL F 41 -43.86 6.34 -5.06
N ALA F 42 -44.89 7.17 -5.28
CA ALA F 42 -45.18 7.71 -6.60
C ALA F 42 -44.08 8.64 -7.11
N ALA F 43 -43.65 9.59 -6.28
CA ALA F 43 -42.68 10.61 -6.69
C ALA F 43 -41.24 10.09 -6.77
N VAL F 44 -40.97 9.01 -6.04
CA VAL F 44 -39.61 8.49 -5.92
C VAL F 44 -39.32 7.35 -6.90
N ALA F 45 -40.36 6.73 -7.43
CA ALA F 45 -40.21 5.55 -8.28
C ALA F 45 -39.48 5.81 -9.61
N PRO F 46 -40.06 6.67 -10.49
CA PRO F 46 -39.47 6.82 -11.82
C PRO F 46 -37.97 7.22 -11.80
N ILE F 47 -37.66 8.38 -11.20
CA ILE F 47 -36.27 8.87 -11.09
C ILE F 47 -35.23 7.74 -10.86
N LEU F 48 -35.57 6.82 -9.96
CA LEU F 48 -34.74 5.62 -9.69
C LEU F 48 -35.08 4.45 -10.60
N GLY F 49 -36.38 4.23 -10.83
CA GLY F 49 -36.88 3.20 -11.76
C GLY F 49 -37.54 1.98 -11.15
N TYR F 50 -38.26 2.16 -10.03
CA TYR F 50 -38.99 1.05 -9.40
C TYR F 50 -40.36 0.82 -10.06
N ALA F 51 -40.74 -0.45 -10.23
CA ALA F 51 -42.00 -0.86 -10.88
C ALA F 51 -42.80 -1.95 -10.13
N ALA F 52 -42.11 -2.95 -9.56
CA ALA F 52 -42.79 -3.99 -8.79
C ALA F 52 -41.84 -4.92 -8.04
N GLY F 53 -42.35 -5.53 -6.97
CA GLY F 53 -41.66 -6.60 -6.28
C GLY F 53 -40.55 -6.09 -5.38
N ASN F 54 -40.23 -6.89 -4.36
CA ASN F 54 -39.23 -6.50 -3.37
C ASN F 54 -37.83 -6.37 -3.99
N GLN F 55 -37.40 -5.12 -4.17
CA GLN F 55 -36.14 -4.77 -4.83
C GLN F 55 -35.26 -3.89 -3.94
N ALA F 56 -33.94 -4.08 -4.05
CA ALA F 56 -32.96 -3.13 -3.56
C ALA F 56 -32.14 -2.62 -4.74
N LEU F 57 -32.31 -1.34 -5.06
CA LEU F 57 -31.79 -0.72 -6.28
C LEU F 57 -30.82 0.39 -5.96
N THR F 58 -29.73 0.47 -6.72
CA THR F 58 -28.74 1.54 -6.55
C THR F 58 -29.21 2.88 -7.10
N PHE F 59 -28.72 3.96 -6.49
CA PHE F 59 -28.76 5.27 -7.12
C PHE F 59 -27.47 6.09 -6.91
N THR F 60 -27.00 6.66 -8.02
CA THR F 60 -25.97 7.70 -8.03
C THR F 60 -26.36 8.90 -7.17
N SER F 61 -25.44 9.85 -7.08
CA SER F 61 -25.69 11.11 -6.39
C SER F 61 -26.71 11.98 -7.13
N GLN F 62 -26.70 11.89 -8.46
CA GLN F 62 -27.65 12.64 -9.29
C GLN F 62 -29.10 12.28 -9.02
N GLN F 63 -29.37 10.98 -8.89
CA GLN F 63 -30.71 10.50 -8.59
C GLN F 63 -31.13 11.04 -7.21
N ALA F 64 -30.22 10.96 -6.24
CA ALA F 64 -30.44 11.53 -4.90
C ALA F 64 -30.85 13.00 -4.96
N TYR F 65 -30.12 13.81 -5.73
CA TYR F 65 -30.41 15.25 -5.91
C TYR F 65 -31.80 15.49 -6.47
N GLN F 66 -32.16 14.70 -7.47
CA GLN F 66 -33.49 14.76 -8.08
C GLN F 66 -34.53 14.25 -7.07
N LEU F 67 -34.23 13.13 -6.43
CA LEU F 67 -35.08 12.54 -5.38
C LEU F 67 -35.33 13.50 -4.21
N ALA F 68 -34.35 14.35 -3.93
CA ALA F 68 -34.46 15.38 -2.89
C ALA F 68 -35.35 16.53 -3.38
N ASP F 69 -35.27 16.83 -4.67
CA ASP F 69 -36.07 17.91 -5.27
C ASP F 69 -37.51 17.42 -5.53
N ALA F 70 -37.66 16.12 -5.76
CA ALA F 70 -38.99 15.52 -5.88
C ALA F 70 -39.74 15.60 -4.55
N LEU F 71 -39.17 14.94 -3.53
CA LEU F 71 -39.79 14.88 -2.21
C LEU F 71 -39.85 16.23 -1.46
N LYS F 72 -39.20 17.25 -2.01
CA LYS F 72 -39.38 18.62 -1.51
C LYS F 72 -40.86 18.99 -1.55
N GLY F 73 -41.30 19.68 -0.51
CA GLY F 73 -42.72 20.02 -0.34
C GLY F 73 -43.63 18.83 -0.16
N ILE F 74 -43.03 17.65 0.07
CA ILE F 74 -43.77 16.41 0.32
C ILE F 74 -43.27 15.77 1.62
N ASP F 75 -41.95 15.78 1.83
CA ASP F 75 -41.36 15.34 3.10
C ASP F 75 -40.04 16.08 3.38
N ALA F 76 -40.08 16.96 4.37
CA ALA F 76 -38.90 17.75 4.74
C ALA F 76 -37.77 16.85 5.22
N ALA F 77 -38.14 15.79 5.94
CA ALA F 77 -37.20 14.91 6.64
C ALA F 77 -36.38 14.02 5.70
N GLN F 78 -37.03 13.46 4.69
CA GLN F 78 -36.33 12.71 3.65
C GLN F 78 -35.55 13.69 2.78
N SER F 79 -36.24 14.63 2.16
CA SER F 79 -35.60 15.59 1.26
C SER F 79 -34.26 16.10 1.79
N ALA F 80 -34.22 16.45 3.07
CA ALA F 80 -32.98 16.86 3.73
C ALA F 80 -31.90 15.78 3.66
N LEU F 81 -32.27 14.53 3.95
CA LEU F 81 -31.32 13.41 3.99
C LEU F 81 -30.71 13.13 2.63
N LEU F 82 -31.57 13.01 1.62
CA LEU F 82 -31.11 12.77 0.24
C LEU F 82 -30.12 13.84 -0.23
N SER F 83 -30.28 15.09 0.25
CA SER F 83 -29.33 16.17 -0.05
C SER F 83 -27.99 15.95 0.64
N ARG F 84 -28.01 15.22 1.77
CA ARG F 84 -26.79 14.81 2.44
C ARG F 84 -26.22 13.55 1.78
N LEU F 85 -27.11 12.63 1.39
CA LEU F 85 -26.70 11.35 0.77
C LEU F 85 -26.00 11.56 -0.57
N ALA F 86 -26.47 12.57 -1.31
CA ALA F 86 -25.89 12.94 -2.60
C ALA F 86 -24.47 13.53 -2.45
N GLU F 87 -24.16 14.07 -1.27
CA GLU F 87 -22.82 14.58 -1.00
C GLU F 87 -21.88 13.51 -0.44
N SER F 88 -22.21 12.24 -0.65
CA SER F 88 -21.39 11.14 -0.15
C SER F 88 -20.40 10.67 -1.19
N GLN F 89 -19.38 9.99 -0.72
CA GLN F 89 -18.42 9.28 -1.54
C GLN F 89 -18.81 7.79 -1.59
N LYS F 90 -19.57 7.35 -0.57
CA LYS F 90 -19.91 5.94 -0.39
C LYS F 90 -21.18 5.56 -1.14
N PRO F 91 -21.25 4.30 -1.59
CA PRO F 91 -22.33 3.85 -2.47
C PRO F 91 -23.70 3.92 -1.81
N LEU F 92 -24.64 4.55 -2.51
CA LEU F 92 -26.01 4.65 -2.06
C LEU F 92 -26.82 3.52 -2.71
N VAL F 93 -27.88 3.09 -2.01
CA VAL F 93 -28.85 2.15 -2.54
C VAL F 93 -30.24 2.52 -2.02
N ALA F 94 -31.30 2.05 -2.70
CA ALA F 94 -32.69 2.29 -2.30
C ALA F 94 -33.50 0.99 -2.28
N THR F 95 -34.09 0.69 -1.13
CA THR F 95 -34.75 -0.59 -0.97
C THR F 95 -36.25 -0.33 -0.82
N LEU F 96 -36.94 -0.56 -1.93
CA LEU F 96 -38.39 -0.38 -2.00
C LEU F 96 -39.01 -1.75 -1.86
N LEU F 97 -39.89 -1.91 -0.89
CA LEU F 97 -40.41 -3.22 -0.54
C LEU F 97 -41.93 -3.28 -0.65
N ALA F 98 -42.38 -3.50 -1.89
CA ALA F 98 -43.81 -3.67 -2.18
C ALA F 98 -44.47 -4.56 -1.15
N GLU F 99 -43.76 -5.62 -0.74
CA GLU F 99 -44.29 -6.61 0.19
C GLU F 99 -43.30 -6.97 1.30
N ASP F 100 -43.83 -7.60 2.35
CA ASP F 100 -43.04 -8.15 3.46
C ASP F 100 -43.04 -9.67 3.41
N ALA F 101 -41.98 -10.24 2.82
CA ALA F 101 -41.84 -11.68 2.61
C ALA F 101 -40.45 -12.13 3.08
N ALA F 102 -40.09 -13.39 2.80
CA ALA F 102 -38.74 -13.86 3.12
C ALA F 102 -37.77 -13.03 2.32
N PRO F 103 -36.75 -12.44 2.97
CA PRO F 103 -35.86 -11.50 2.30
C PRO F 103 -34.95 -12.18 1.28
N SER F 104 -34.43 -11.38 0.34
CA SER F 104 -33.75 -11.91 -0.86
C SER F 104 -32.42 -11.22 -1.26
N SER F 105 -32.06 -10.12 -0.58
CA SER F 105 -30.80 -9.41 -0.83
C SER F 105 -30.22 -8.83 0.47
N THR F 106 -29.06 -8.18 0.36
CA THR F 106 -28.36 -7.65 1.53
C THR F 106 -28.99 -6.37 2.04
N ALA F 107 -29.28 -5.43 1.14
CA ALA F 107 -30.01 -4.21 1.52
C ALA F 107 -31.27 -4.57 2.32
N GLU F 108 -32.04 -5.51 1.78
CA GLU F 108 -33.32 -5.93 2.38
C GLU F 108 -33.17 -6.58 3.74
N ALA F 109 -32.21 -7.49 3.89
CA ALA F 109 -31.96 -8.14 5.19
C ALA F 109 -31.68 -7.10 6.28
N TYR F 110 -30.85 -6.12 5.94
CA TYR F 110 -30.52 -4.99 6.83
C TYR F 110 -31.72 -4.07 7.10
N LEU F 111 -32.52 -3.79 6.06
CA LEU F 111 -33.67 -2.91 6.23
C LEU F 111 -34.60 -3.46 7.28
N LYS F 112 -34.87 -4.75 7.18
CA LYS F 112 -35.73 -5.39 8.15
C LYS F 112 -35.12 -5.36 9.54
N LEU F 113 -33.80 -5.52 9.65
CA LEU F 113 -33.13 -5.37 10.95
C LEU F 113 -33.33 -3.96 11.51
N HIS F 114 -33.19 -2.95 10.65
CA HIS F 114 -33.47 -1.54 11.01
C HIS F 114 -34.91 -1.36 11.44
N LEU F 115 -35.84 -1.76 10.56
CA LEU F 115 -37.27 -1.62 10.87
C LEU F 115 -37.52 -2.05 12.31
N LEU F 116 -36.89 -3.17 12.71
CA LEU F 116 -36.94 -3.69 14.08
C LEU F 116 -36.25 -2.82 15.14
N SER F 117 -35.01 -2.41 14.86
CA SER F 117 -34.21 -1.70 15.88
C SER F 117 -34.61 -0.24 16.02
N HIS F 118 -35.36 0.25 15.03
CA HIS F 118 -35.98 1.56 15.10
C HIS F 118 -37.34 1.51 15.83
N ARG F 119 -37.77 0.32 16.22
CA ARG F 119 -39.04 0.05 16.90
C ARG F 119 -40.25 0.37 16.05
N LEU F 120 -40.16 0.12 14.75
CA LEU F 120 -41.30 0.37 13.87
C LEU F 120 -42.16 -0.88 13.75
N VAL F 121 -41.55 -2.04 13.97
CA VAL F 121 -42.24 -3.33 14.03
C VAL F 121 -41.70 -4.14 15.20
N LYS F 122 -42.51 -5.07 15.68
CA LYS F 122 -42.15 -5.92 16.81
C LYS F 122 -41.56 -7.25 16.35
N PRO F 123 -40.83 -7.95 17.24
CA PRO F 123 -40.34 -9.28 16.88
C PRO F 123 -41.49 -10.22 16.52
N HIS F 124 -41.24 -11.09 15.53
CA HIS F 124 -42.25 -11.99 14.93
C HIS F 124 -43.31 -11.29 14.08
N ALA F 125 -43.16 -9.98 13.84
CA ALA F 125 -44.11 -9.20 13.04
C ALA F 125 -43.63 -9.01 11.61
N VAL F 126 -42.32 -9.10 11.38
CA VAL F 126 -41.74 -9.04 10.03
C VAL F 126 -41.14 -10.41 9.64
N ASN F 127 -41.21 -10.75 8.36
CA ASN F 127 -40.70 -12.04 7.86
C ASN F 127 -39.21 -11.92 7.50
N LEU F 128 -38.40 -12.80 8.10
CA LEU F 128 -36.94 -12.78 8.01
C LEU F 128 -36.34 -14.09 7.50
N SER F 129 -37.19 -15.11 7.27
CA SER F 129 -36.73 -16.44 6.81
C SER F 129 -35.62 -16.38 5.75
N GLY F 130 -34.53 -17.10 5.99
CA GLY F 130 -33.38 -17.13 5.06
C GLY F 130 -32.47 -15.90 5.11
N ILE F 131 -32.42 -15.23 6.25
CA ILE F 131 -31.66 -13.99 6.38
C ILE F 131 -30.16 -14.21 6.50
N PHE F 132 -29.77 -15.32 7.11
CA PHE F 132 -28.37 -15.56 7.46
C PHE F 132 -27.44 -15.55 6.24
N PRO F 133 -27.81 -16.25 5.15
CA PRO F 133 -27.01 -16.20 3.93
C PRO F 133 -26.92 -14.83 3.27
N LEU F 134 -27.88 -13.96 3.56
CA LEU F 134 -27.88 -12.59 3.05
C LEU F 134 -27.03 -11.63 3.91
N LEU F 135 -26.76 -12.05 5.15
CA LEU F 135 -25.87 -11.32 6.05
C LEU F 135 -24.45 -11.88 6.00
N PRO F 136 -23.56 -11.25 5.23
CA PRO F 136 -22.21 -11.77 5.13
C PRO F 136 -21.39 -11.58 6.41
N ASN F 137 -20.42 -12.47 6.59
CA ASN F 137 -19.43 -12.31 7.64
C ASN F 137 -18.55 -11.10 7.29
N VAL F 138 -18.33 -10.22 8.28
CA VAL F 138 -17.68 -8.92 8.11
C VAL F 138 -16.82 -8.63 9.35
N ALA F 139 -15.61 -8.10 9.15
CA ALA F 139 -14.84 -7.53 10.27
C ALA F 139 -15.31 -6.09 10.48
N TRP F 140 -15.91 -5.84 11.64
CA TRP F 140 -16.34 -4.50 12.02
C TRP F 140 -15.24 -3.79 12.76
N THR F 141 -14.77 -2.68 12.21
CA THR F 141 -13.60 -1.96 12.71
C THR F 141 -13.90 -0.51 13.00
N ASN F 142 -12.91 0.17 13.57
CA ASN F 142 -13.05 1.61 13.82
C ASN F 142 -13.07 2.44 12.57
N ILE F 143 -12.61 1.90 11.44
CA ILE F 143 -12.75 2.65 10.19
C ILE F 143 -14.00 2.26 9.37
N GLY F 144 -14.82 1.36 9.91
CA GLY F 144 -16.02 0.86 9.22
C GLY F 144 -15.94 -0.64 8.97
N ALA F 145 -17.01 -1.22 8.40
CA ALA F 145 -17.01 -2.64 8.02
C ALA F 145 -15.90 -2.87 7.00
N VAL F 146 -15.29 -4.05 7.05
CA VAL F 146 -14.12 -4.36 6.24
C VAL F 146 -14.22 -5.78 5.77
N ASP F 147 -13.90 -6.01 4.50
CA ASP F 147 -13.95 -7.34 3.95
C ASP F 147 -12.81 -8.17 4.51
N LEU F 148 -13.10 -9.40 4.90
CA LEU F 148 -12.10 -10.32 5.43
C LEU F 148 -11.00 -10.69 4.43
N ALA F 149 -11.22 -10.43 3.14
CA ALA F 149 -10.17 -10.64 2.13
C ALA F 149 -9.25 -9.44 2.07
N GLU F 150 -9.68 -8.32 2.66
CA GLU F 150 -8.90 -7.09 2.64
C GLU F 150 -8.29 -6.80 4.02
N LEU F 151 -8.79 -7.45 5.08
CA LEU F 151 -8.44 -7.08 6.46
C LEU F 151 -6.95 -7.22 6.82
N ALA F 152 -6.32 -8.32 6.37
CA ALA F 152 -4.93 -8.60 6.74
C ALA F 152 -3.97 -7.48 6.33
N GLU F 153 -4.03 -7.11 5.05
CA GLU F 153 -3.24 -5.99 4.51
C GLU F 153 -3.53 -4.68 5.22
N LEU F 154 -4.78 -4.48 5.64
CA LEU F 154 -5.15 -3.23 6.34
C LEU F 154 -4.58 -3.21 7.75
N GLN F 155 -4.66 -4.34 8.45
CA GLN F 155 -4.08 -4.47 9.77
C GLN F 155 -2.59 -4.13 9.74
N LEU F 156 -1.87 -4.70 8.77
CA LEU F 156 -0.43 -4.48 8.64
C LEU F 156 -0.14 -3.00 8.48
N GLU F 157 -0.78 -2.38 7.48
CA GLU F 157 -0.53 -0.97 7.14
C GLU F 157 -0.80 0.00 8.28
N ALA F 158 -1.83 -0.28 9.08
CA ALA F 158 -2.09 0.49 10.29
C ALA F 158 -0.87 0.39 11.22
N ARG F 159 -0.42 -0.83 11.48
CA ARG F 159 0.74 -1.07 12.36
C ARG F 159 2.00 -0.39 11.85
N LEU F 160 2.15 -0.29 10.54
CA LEU F 160 3.31 0.39 9.94
C LEU F 160 3.36 1.90 10.20
N LYS F 161 2.22 2.48 10.56
CA LYS F 161 2.12 3.91 10.87
C LYS F 161 2.12 4.19 12.35
N GLY F 162 2.07 3.14 13.17
CA GLY F 162 1.91 3.27 14.61
C GLY F 162 0.45 3.45 15.01
N LYS F 163 -0.46 2.99 14.14
CA LYS F 163 -1.89 3.01 14.40
C LYS F 163 -2.36 1.61 14.83
N LEU F 164 -3.63 1.51 15.18
CA LEU F 164 -4.31 0.22 15.38
C LEU F 164 -5.59 0.22 14.55
N LEU F 165 -5.76 -0.79 13.71
CA LEU F 165 -7.09 -1.07 13.14
C LEU F 165 -7.77 -1.98 14.15
N GLU F 166 -8.71 -1.43 14.92
CA GLU F 166 -9.39 -2.22 15.93
C GLU F 166 -10.49 -3.07 15.34
N VAL F 167 -10.41 -4.37 15.62
CA VAL F 167 -11.41 -5.32 15.15
C VAL F 167 -12.22 -5.73 16.36
N PHE F 168 -13.35 -5.03 16.54
CA PHE F 168 -14.19 -5.26 17.71
C PHE F 168 -15.26 -6.33 17.47
N SER F 169 -15.44 -6.77 16.23
CA SER F 169 -16.41 -7.84 15.92
C SER F 169 -16.15 -8.50 14.56
N VAL F 170 -16.22 -9.83 14.50
CA VAL F 170 -16.19 -10.58 13.21
C VAL F 170 -17.51 -11.34 13.13
N ASP F 171 -18.42 -10.88 12.27
CA ASP F 171 -19.79 -11.39 12.32
C ASP F 171 -20.67 -11.05 11.12
N LYS F 172 -21.77 -11.79 11.03
CA LYS F 172 -22.88 -11.49 10.14
C LYS F 172 -23.70 -10.28 10.62
N PHE F 173 -23.77 -10.07 11.93
CA PHE F 173 -24.61 -9.02 12.51
C PHE F 173 -23.75 -8.00 13.23
N PRO F 174 -23.86 -6.71 12.83
CA PRO F 174 -23.19 -5.64 13.54
C PRO F 174 -24.00 -5.18 14.76
N LYS F 175 -23.35 -4.51 15.71
CA LYS F 175 -24.02 -4.03 16.92
C LYS F 175 -24.97 -2.86 16.63
N MET F 176 -26.17 -2.95 17.21
CA MET F 176 -27.30 -2.05 16.91
C MET F 176 -27.01 -0.56 16.99
N THR F 177 -26.24 -0.16 18.00
CA THR F 177 -26.06 1.25 18.31
C THR F 177 -25.09 1.92 17.35
N ASP F 178 -24.38 1.14 16.54
CA ASP F 178 -23.63 1.71 15.46
C ASP F 178 -24.55 2.07 14.30
N TYR F 179 -25.84 1.74 14.42
CA TYR F 179 -26.89 2.20 13.49
C TYR F 179 -27.95 3.07 14.19
N VAL F 180 -28.49 2.60 15.30
CA VAL F 180 -29.54 3.36 15.99
C VAL F 180 -29.53 3.25 17.51
N VAL F 181 -29.81 4.37 18.16
CA VAL F 181 -30.08 4.40 19.58
C VAL F 181 -31.53 4.86 19.73
N PRO F 182 -32.43 3.92 20.03
CA PRO F 182 -33.82 4.30 20.19
C PRO F 182 -34.05 5.00 21.54
N ALA F 183 -35.09 5.82 21.60
CA ALA F 183 -35.28 6.73 22.71
C ALA F 183 -35.66 5.97 23.98
N GLY F 184 -35.14 6.44 25.11
CA GLY F 184 -35.51 5.91 26.42
C GLY F 184 -34.88 4.58 26.81
N VAL F 185 -33.68 4.29 26.31
CA VAL F 185 -33.01 3.04 26.66
C VAL F 185 -31.59 3.26 27.19
N ARG F 186 -31.15 2.35 28.06
CA ARG F 186 -29.76 2.24 28.47
C ARG F 186 -29.23 0.87 28.07
N ILE F 187 -28.07 0.87 27.41
CA ILE F 187 -27.36 -0.35 27.06
C ILE F 187 -25.90 -0.20 27.51
N ALA F 188 -25.54 -0.85 28.62
CA ALA F 188 -24.25 -0.61 29.28
C ALA F 188 -23.05 -1.03 28.41
N ASP F 189 -23.14 -2.21 27.81
CA ASP F 189 -22.15 -2.66 26.83
C ASP F 189 -22.88 -2.97 25.52
N THR F 190 -22.66 -2.12 24.51
CA THR F 190 -23.45 -2.17 23.28
C THR F 190 -23.02 -3.29 22.32
N ALA F 191 -21.83 -3.85 22.51
CA ALA F 191 -21.44 -5.00 21.70
C ALA F 191 -22.44 -6.16 21.84
N ARG F 192 -23.19 -6.21 22.95
CA ARG F 192 -24.15 -7.30 23.14
C ARG F 192 -25.59 -7.04 22.68
N VAL F 193 -25.83 -6.05 21.81
CA VAL F 193 -27.16 -5.87 21.21
C VAL F 193 -27.04 -5.79 19.68
N ARG F 194 -27.43 -6.87 19.00
CA ARG F 194 -27.28 -6.94 17.54
C ARG F 194 -28.26 -6.01 16.82
N LEU F 195 -27.81 -5.44 15.71
CA LEU F 195 -28.74 -4.83 14.76
C LEU F 195 -29.86 -5.84 14.48
N GLY F 196 -31.08 -5.46 14.83
CA GLY F 196 -32.25 -6.35 14.74
C GLY F 196 -32.97 -6.54 16.05
N ALA F 197 -32.30 -6.20 17.15
CA ALA F 197 -32.91 -6.21 18.46
C ALA F 197 -33.93 -5.07 18.55
N TYR F 198 -34.90 -5.23 19.45
CA TYR F 198 -35.97 -4.24 19.69
C TYR F 198 -35.97 -3.98 21.19
N ILE F 199 -35.45 -2.82 21.57
CA ILE F 199 -35.26 -2.45 22.96
C ILE F 199 -36.25 -1.34 23.31
N GLY F 200 -37.35 -1.70 23.96
CA GLY F 200 -38.46 -0.78 24.20
C GLY F 200 -38.18 0.29 25.24
N GLU F 201 -38.89 1.40 25.12
CA GLU F 201 -38.73 2.55 26.00
C GLU F 201 -38.74 2.14 27.47
N GLY F 202 -37.74 2.66 28.19
CA GLY F 202 -37.57 2.39 29.61
C GLY F 202 -36.79 1.12 29.92
N THR F 203 -36.26 0.45 28.90
CA THR F 203 -35.42 -0.73 29.10
C THR F 203 -33.99 -0.34 29.47
N THR F 204 -33.41 -1.05 30.42
CA THR F 204 -32.00 -0.97 30.74
C THR F 204 -31.43 -2.36 30.48
N VAL F 205 -30.46 -2.43 29.57
CA VAL F 205 -29.71 -3.64 29.30
C VAL F 205 -28.35 -3.48 29.97
N MET F 206 -28.14 -4.23 31.03
CA MET F 206 -26.90 -4.17 31.78
C MET F 206 -25.80 -4.97 31.04
N HIS F 207 -24.62 -5.05 31.65
CA HIS F 207 -23.43 -5.58 31.00
C HIS F 207 -23.53 -7.05 30.66
N GLU F 208 -24.21 -7.80 31.53
CA GLU F 208 -24.40 -9.23 31.33
C GLU F 208 -25.65 -9.50 30.51
N GLY F 209 -26.47 -8.47 30.32
CA GLY F 209 -27.60 -8.54 29.40
C GLY F 209 -27.12 -8.78 27.99
N PHE F 210 -27.94 -9.51 27.23
CA PHE F 210 -27.70 -9.77 25.82
C PHE F 210 -29.05 -9.85 25.11
N VAL F 211 -29.14 -9.31 23.90
CA VAL F 211 -30.34 -9.39 23.07
C VAL F 211 -29.97 -9.69 21.62
N ASN F 212 -30.35 -10.87 21.14
CA ASN F 212 -30.17 -11.25 19.73
C ASN F 212 -31.21 -10.51 18.87
N PHE F 213 -31.13 -10.72 17.56
CA PHE F 213 -32.06 -10.09 16.62
C PHE F 213 -33.41 -10.79 16.69
N ASN F 214 -34.44 -10.10 16.23
CA ASN F 214 -35.83 -10.59 16.38
C ASN F 214 -36.11 -10.97 17.82
N ALA F 215 -35.84 -10.01 18.70
CA ALA F 215 -35.98 -10.24 20.12
C ALA F 215 -35.83 -8.91 20.83
N GLY F 216 -36.17 -8.91 22.09
CA GLY F 216 -36.02 -7.72 22.90
C GLY F 216 -37.17 -7.53 23.86
N THR F 217 -37.52 -6.27 24.06
CA THR F 217 -38.38 -5.87 25.16
C THR F 217 -39.48 -4.92 24.71
N GLU F 218 -40.65 -5.08 25.31
CA GLU F 218 -41.72 -4.12 25.18
C GLU F 218 -41.34 -2.83 25.88
N GLY F 219 -40.85 -2.99 27.12
CA GLY F 219 -40.45 -1.86 27.96
C GLY F 219 -41.55 -1.43 28.92
N PRO F 220 -41.18 -0.91 30.12
CA PRO F 220 -39.84 -0.84 30.67
C PRO F 220 -39.43 -2.19 31.23
N GLY F 221 -38.15 -2.32 31.59
CA GLY F 221 -37.63 -3.56 32.13
C GLY F 221 -36.13 -3.49 32.39
N MET F 222 -35.65 -4.43 33.19
CA MET F 222 -34.24 -4.59 33.52
C MET F 222 -33.79 -5.90 32.89
N ILE F 223 -32.69 -5.85 32.15
CA ILE F 223 -32.24 -7.01 31.39
C ILE F 223 -30.77 -7.26 31.69
N GLU F 224 -30.52 -8.22 32.56
CA GLU F 224 -29.16 -8.58 32.92
C GLU F 224 -28.83 -10.01 32.47
N GLY F 225 -29.78 -10.64 31.77
CA GLY F 225 -29.60 -11.99 31.25
C GLY F 225 -29.72 -12.03 29.74
N ARG F 226 -29.75 -13.25 29.20
CA ARG F 226 -29.66 -13.45 27.76
C ARG F 226 -31.03 -13.61 27.11
N VAL F 227 -31.42 -12.63 26.30
CA VAL F 227 -32.68 -12.68 25.56
C VAL F 227 -32.37 -13.25 24.18
N SER F 228 -32.67 -14.53 24.00
CA SER F 228 -32.28 -15.24 22.78
C SER F 228 -33.21 -14.91 21.63
N ALA F 229 -32.76 -15.11 20.40
CA ALA F 229 -33.58 -14.83 19.22
C ALA F 229 -34.98 -15.39 19.39
N GLY F 230 -35.97 -14.54 19.14
CA GLY F 230 -37.38 -14.93 19.23
C GLY F 230 -37.99 -14.71 20.61
N VAL F 231 -37.18 -14.31 21.57
CA VAL F 231 -37.67 -14.11 22.94
C VAL F 231 -38.04 -12.63 23.10
N PHE F 232 -39.32 -12.39 23.33
CA PHE F 232 -39.83 -11.06 23.66
C PHE F 232 -40.11 -11.03 25.15
N VAL F 233 -39.86 -9.88 25.79
CA VAL F 233 -40.10 -9.77 27.22
C VAL F 233 -41.13 -8.67 27.49
N GLY F 234 -42.17 -8.99 28.25
CA GLY F 234 -43.25 -8.04 28.49
C GLY F 234 -42.90 -6.91 29.45
N LYS F 235 -43.77 -5.90 29.49
CA LYS F 235 -43.51 -4.73 30.31
C LYS F 235 -43.40 -5.08 31.78
N GLY F 236 -42.47 -4.41 32.47
CA GLY F 236 -42.26 -4.62 33.89
C GLY F 236 -41.46 -5.86 34.26
N SER F 237 -41.06 -6.66 33.27
CA SER F 237 -40.32 -7.91 33.51
C SER F 237 -38.82 -7.67 33.62
N ASP F 238 -38.20 -8.32 34.59
CA ASP F 238 -36.81 -8.10 34.94
C ASP F 238 -36.02 -9.40 34.87
N LEU F 239 -35.01 -9.44 34.01
CA LEU F 239 -34.19 -10.66 33.84
C LEU F 239 -32.87 -10.51 34.60
N GLY F 240 -32.68 -11.34 35.62
CA GLY F 240 -31.50 -11.27 36.49
C GLY F 240 -30.18 -11.60 35.80
N GLY F 241 -29.09 -11.22 36.47
CA GLY F 241 -27.74 -11.39 35.93
C GLY F 241 -27.45 -12.81 35.50
N GLY F 242 -27.05 -12.98 34.25
CA GLY F 242 -26.62 -14.28 33.74
C GLY F 242 -27.74 -15.27 33.48
N CYS F 243 -29.00 -14.85 33.66
CA CYS F 243 -30.14 -15.73 33.37
C CYS F 243 -30.19 -16.04 31.89
N SER F 244 -31.02 -17.00 31.50
CA SER F 244 -30.97 -17.56 30.16
C SER F 244 -32.37 -17.83 29.62
N THR F 245 -32.55 -17.59 28.31
CA THR F 245 -33.72 -18.03 27.58
C THR F 245 -33.18 -18.89 26.42
N MET F 246 -33.65 -20.14 26.33
CA MET F 246 -33.04 -21.15 25.46
C MET F 246 -32.74 -20.68 24.03
N GLY F 247 -33.66 -19.91 23.46
CA GLY F 247 -33.67 -19.63 22.02
C GLY F 247 -35.03 -19.15 21.61
N ASN F 254 -42.06 -26.83 17.67
CA ASN F 254 -41.38 -26.20 18.80
C ASN F 254 -42.08 -24.88 19.22
N ILE F 255 -42.45 -24.81 20.49
CA ILE F 255 -43.04 -23.60 21.09
C ILE F 255 -41.98 -22.52 21.39
N VAL F 256 -42.24 -21.29 20.95
CA VAL F 256 -41.29 -20.20 21.17
C VAL F 256 -41.35 -19.73 22.62
N ILE F 257 -40.18 -19.42 23.18
CA ILE F 257 -40.11 -18.88 24.52
C ILE F 257 -40.47 -17.39 24.49
N SER F 258 -41.32 -16.98 25.42
CA SER F 258 -41.58 -15.59 25.68
C SER F 258 -41.67 -15.39 27.18
N VAL F 259 -41.52 -14.15 27.62
CA VAL F 259 -41.78 -13.78 29.01
C VAL F 259 -42.85 -12.70 29.00
N GLY F 260 -43.89 -12.89 29.80
CA GLY F 260 -45.02 -11.98 29.83
C GLY F 260 -44.70 -10.72 30.61
N GLU F 261 -45.73 -10.17 31.24
CA GLU F 261 -45.62 -8.89 31.92
C GLU F 261 -45.38 -9.07 33.42
N GLY F 262 -44.56 -8.19 33.98
CA GLY F 262 -44.30 -8.17 35.42
C GLY F 262 -43.67 -9.43 36.01
N CYS F 263 -42.78 -10.06 35.25
CA CYS F 263 -42.04 -11.24 35.73
C CYS F 263 -40.75 -10.85 36.46
N LEU F 264 -40.19 -11.82 37.18
CA LEU F 264 -38.89 -11.67 37.83
C LEU F 264 -38.14 -12.98 37.64
N ILE F 265 -37.11 -12.97 36.82
CA ILE F 265 -36.30 -14.15 36.55
C ILE F 265 -34.97 -13.98 37.27
N GLY F 266 -34.65 -14.93 38.15
CA GLY F 266 -33.51 -14.80 39.04
C GLY F 266 -32.19 -14.86 38.31
N ALA F 267 -31.15 -14.35 38.95
CA ALA F 267 -29.80 -14.44 38.40
C ALA F 267 -29.44 -15.91 38.17
N ASN F 268 -28.76 -16.17 37.06
CA ASN F 268 -28.28 -17.52 36.71
C ASN F 268 -29.39 -18.57 36.53
N ALA F 269 -30.63 -18.09 36.44
CA ALA F 269 -31.78 -18.96 36.20
C ALA F 269 -31.87 -19.23 34.72
N GLY F 270 -32.72 -20.17 34.35
CA GLY F 270 -32.93 -20.50 32.95
C GLY F 270 -34.36 -20.87 32.69
N ILE F 271 -34.95 -20.32 31.63
CA ILE F 271 -36.30 -20.66 31.24
C ILE F 271 -36.33 -21.33 29.87
N GLY F 272 -36.71 -22.61 29.87
CA GLY F 272 -36.95 -23.35 28.64
C GLY F 272 -38.44 -23.64 28.43
N ILE F 273 -39.27 -22.80 29.02
CA ILE F 273 -40.71 -22.80 28.76
C ILE F 273 -41.20 -21.36 28.62
N PRO F 274 -42.29 -21.13 27.88
CA PRO F 274 -42.90 -19.80 27.86
C PRO F 274 -43.46 -19.43 29.24
N LEU F 275 -43.16 -18.23 29.73
CA LEU F 275 -43.63 -17.79 31.05
C LEU F 275 -44.83 -16.87 30.91
N GLY F 276 -45.84 -17.07 31.76
CA GLY F 276 -47.01 -16.21 31.79
C GLY F 276 -46.74 -14.96 32.59
N ASP F 277 -47.77 -14.14 32.76
CA ASP F 277 -47.63 -12.87 33.48
C ASP F 277 -47.37 -13.11 34.96
N ARG F 278 -46.61 -12.21 35.56
CA ARG F 278 -46.35 -12.23 37.00
C ARG F 278 -45.82 -13.56 37.50
N ASN F 279 -44.91 -14.16 36.75
CA ASN F 279 -44.16 -15.34 37.21
C ASN F 279 -42.84 -14.94 37.86
N ILE F 280 -42.48 -15.65 38.93
CA ILE F 280 -41.21 -15.43 39.62
C ILE F 280 -40.40 -16.72 39.61
N VAL F 281 -39.21 -16.69 39.02
CA VAL F 281 -38.33 -17.86 38.95
C VAL F 281 -37.09 -17.63 39.80
N GLU F 282 -36.88 -18.49 40.79
CA GLU F 282 -35.78 -18.40 41.74
C GLU F 282 -34.42 -18.41 41.05
N ALA F 283 -33.44 -17.76 41.66
CA ALA F 283 -32.10 -17.68 41.10
C ALA F 283 -31.46 -19.07 41.02
N GLY F 284 -30.93 -19.42 39.86
CA GLY F 284 -30.18 -20.67 39.68
C GLY F 284 -31.00 -21.84 39.20
N LEU F 285 -32.32 -21.68 39.22
CA LEU F 285 -33.24 -22.75 38.84
C LEU F 285 -33.33 -22.77 37.33
N TYR F 286 -32.92 -23.88 36.72
CA TYR F 286 -33.09 -24.06 35.29
C TYR F 286 -34.28 -24.97 35.07
N ILE F 287 -35.32 -24.44 34.42
CA ILE F 287 -36.54 -25.22 34.19
C ILE F 287 -36.81 -25.38 32.69
N THR F 288 -36.87 -26.64 32.26
CA THR F 288 -37.13 -26.99 30.87
C THR F 288 -38.50 -27.66 30.76
N ALA F 289 -39.00 -27.81 29.54
CA ALA F 289 -40.32 -28.38 29.30
C ALA F 289 -40.58 -29.67 30.07
N GLY F 290 -39.61 -30.59 30.03
CA GLY F 290 -39.75 -31.90 30.65
C GLY F 290 -39.48 -31.95 32.15
N THR F 291 -39.07 -30.82 32.74
CA THR F 291 -38.73 -30.79 34.16
C THR F 291 -39.95 -31.08 35.04
N LYS F 292 -39.79 -32.04 35.95
CA LYS F 292 -40.88 -32.47 36.83
C LYS F 292 -41.04 -31.52 38.00
N VAL F 293 -42.22 -30.93 38.12
CA VAL F 293 -42.47 -29.87 39.10
C VAL F 293 -43.55 -30.28 40.11
N ALA F 294 -43.27 -30.05 41.38
CA ALA F 294 -44.24 -30.27 42.44
C ALA F 294 -45.19 -29.08 42.52
N LEU F 295 -46.40 -29.26 41.97
CA LEU F 295 -47.41 -28.20 41.95
C LEU F 295 -48.06 -28.05 43.33
N LEU F 296 -47.65 -27.04 44.09
CA LEU F 296 -48.15 -26.81 45.45
C LEU F 296 -49.24 -25.72 45.49
N ASP F 297 -50.13 -25.81 46.48
CA ASP F 297 -51.22 -24.85 46.69
C ASP F 297 -50.88 -24.01 47.93
N GLU F 298 -51.70 -23.00 48.22
CA GLU F 298 -51.46 -22.11 49.37
C GLU F 298 -51.16 -22.90 50.64
N GLN F 299 -50.24 -22.40 51.46
CA GLN F 299 -49.68 -23.14 52.61
C GLN F 299 -48.77 -24.28 52.12
N ASN F 300 -48.20 -24.10 50.93
CA ASN F 300 -47.49 -25.15 50.18
C ASN F 300 -48.03 -26.58 50.35
N ALA F 301 -49.34 -26.73 50.07
CA ALA F 301 -49.99 -28.05 50.06
C ALA F 301 -49.75 -28.73 48.71
N LEU F 302 -49.01 -29.84 48.73
CA LEU F 302 -48.72 -30.61 47.51
C LEU F 302 -50.00 -31.10 46.83
N VAL F 303 -50.27 -30.59 45.64
CA VAL F 303 -51.43 -31.01 44.85
C VAL F 303 -51.07 -32.22 43.99
N LYS F 304 -50.13 -32.04 43.07
CA LYS F 304 -49.67 -33.13 42.21
C LYS F 304 -48.30 -32.83 41.62
N VAL F 305 -47.78 -33.78 40.84
CA VAL F 305 -46.50 -33.65 40.17
C VAL F 305 -46.71 -33.65 38.65
N VAL F 306 -46.37 -32.53 38.01
CA VAL F 306 -46.52 -32.38 36.55
C VAL F 306 -45.22 -31.95 35.90
N LYS F 307 -45.16 -32.03 34.57
CA LYS F 307 -44.05 -31.47 33.80
C LYS F 307 -44.23 -29.95 33.66
N ALA F 308 -43.13 -29.23 33.49
CA ALA F 308 -43.18 -27.77 33.40
C ALA F 308 -43.96 -27.28 32.17
N ARG F 309 -43.94 -28.06 31.08
CA ARG F 309 -44.63 -27.70 29.84
C ARG F 309 -46.12 -27.44 30.04
N ASP F 310 -46.73 -28.14 30.99
CA ASP F 310 -48.17 -27.98 31.29
C ASP F 310 -48.45 -26.69 32.08
N LEU F 311 -47.43 -26.16 32.75
CA LEU F 311 -47.55 -24.89 33.47
C LEU F 311 -47.22 -23.67 32.58
N ALA F 312 -46.90 -23.91 31.32
CA ALA F 312 -46.48 -22.85 30.39
C ALA F 312 -47.55 -21.78 30.20
N GLY F 313 -47.12 -20.52 30.24
CA GLY F 313 -47.99 -19.37 29.96
C GLY F 313 -49.15 -19.17 30.93
N GLN F 314 -49.01 -19.68 32.15
CA GLN F 314 -50.02 -19.51 33.18
C GLN F 314 -49.56 -18.41 34.13
N PRO F 315 -50.48 -17.49 34.49
CA PRO F 315 -50.10 -16.36 35.32
C PRO F 315 -49.92 -16.69 36.79
N ASP F 316 -49.24 -15.80 37.51
CA ASP F 316 -49.14 -15.84 38.97
C ASP F 316 -48.55 -17.14 39.50
N LEU F 317 -47.42 -17.56 38.92
CA LEU F 317 -46.71 -18.75 39.37
C LEU F 317 -45.36 -18.37 39.96
N LEU F 318 -45.03 -18.97 41.11
CA LEU F 318 -43.68 -18.90 41.66
C LEU F 318 -42.99 -20.24 41.42
N PHE F 319 -41.77 -20.20 40.90
CA PHE F 319 -40.95 -21.40 40.72
C PHE F 319 -39.75 -21.34 41.65
N ARG F 320 -39.48 -22.45 42.32
CA ARG F 320 -38.34 -22.54 43.22
C ARG F 320 -37.79 -23.97 43.21
N ARG F 321 -36.66 -24.15 43.87
CA ARG F 321 -36.12 -25.48 44.14
C ARG F 321 -36.00 -25.63 45.65
N ASN F 322 -36.58 -26.70 46.19
CA ASN F 322 -36.45 -27.02 47.61
C ASN F 322 -34.96 -27.23 47.92
N SER F 323 -34.47 -26.59 48.98
CA SER F 323 -33.09 -26.79 49.43
C SER F 323 -32.99 -28.02 50.35
N GLN F 324 -33.90 -28.96 50.15
CA GLN F 324 -34.05 -30.16 50.97
C GLN F 324 -34.85 -31.18 50.16
N ASN F 325 -34.20 -32.26 49.75
CA ASN F 325 -34.70 -33.23 48.76
C ASN F 325 -34.54 -32.76 47.31
N GLY F 326 -34.21 -31.49 47.11
CA GLY F 326 -33.89 -30.95 45.78
C GLY F 326 -35.06 -30.79 44.81
N ALA F 327 -36.29 -30.83 45.34
CA ALA F 327 -37.49 -30.80 44.51
C ALA F 327 -37.74 -29.42 43.92
N VAL F 328 -37.98 -29.37 42.61
CA VAL F 328 -38.45 -28.15 41.97
C VAL F 328 -39.95 -28.00 42.27
N GLU F 329 -40.34 -26.82 42.74
CA GLU F 329 -41.70 -26.58 43.22
C GLU F 329 -42.33 -25.37 42.53
N CYS F 330 -43.60 -25.50 42.14
CA CYS F 330 -44.35 -24.37 41.58
C CYS F 330 -45.43 -23.96 42.57
N LYS F 331 -45.12 -22.94 43.37
CA LYS F 331 -46.04 -22.44 44.39
C LYS F 331 -47.06 -21.48 43.77
N THR F 332 -48.34 -21.84 43.86
CA THR F 332 -49.41 -21.09 43.22
C THR F 332 -50.67 -21.06 44.08
#